data_7F8F
# 
_entry.id   7F8F 
# 
_audit_conform.dict_name       mmcif_pdbx.dic 
_audit_conform.dict_version    5.399 
_audit_conform.dict_location   http://mmcif.pdb.org/dictionaries/ascii/mmcif_pdbx.dic 
# 
loop_
_database_2.database_id 
_database_2.database_code 
_database_2.pdbx_database_accession 
_database_2.pdbx_DOI 
PDB   7F8F         pdb_00007f8f 10.2210/pdb7f8f/pdb 
WWPDB D_1300023082 ?            ?                   
# 
loop_
_pdbx_audit_revision_history.ordinal 
_pdbx_audit_revision_history.data_content_type 
_pdbx_audit_revision_history.major_revision 
_pdbx_audit_revision_history.minor_revision 
_pdbx_audit_revision_history.revision_date 
1 'Structure model' 1 0 2022-07-13 
2 'Structure model' 1 1 2023-11-29 
3 'Structure model' 1 2 2025-01-29 
# 
_pdbx_audit_revision_details.ordinal             1 
_pdbx_audit_revision_details.revision_ordinal    1 
_pdbx_audit_revision_details.data_content_type   'Structure model' 
_pdbx_audit_revision_details.provider            repository 
_pdbx_audit_revision_details.type                'Initial release' 
_pdbx_audit_revision_details.description         ? 
_pdbx_audit_revision_details.details             ? 
# 
loop_
_pdbx_audit_revision_group.ordinal 
_pdbx_audit_revision_group.revision_ordinal 
_pdbx_audit_revision_group.data_content_type 
_pdbx_audit_revision_group.group 
1 2 'Structure model' 'Data collection'        
2 2 'Structure model' 'Refinement description' 
3 3 'Structure model' 'Database references'    
4 3 'Structure model' 'Structure summary'      
# 
loop_
_pdbx_audit_revision_category.ordinal 
_pdbx_audit_revision_category.revision_ordinal 
_pdbx_audit_revision_category.data_content_type 
_pdbx_audit_revision_category.category 
1 2 'Structure model' chem_comp_atom                
2 2 'Structure model' chem_comp_bond                
3 2 'Structure model' pdbx_initial_refinement_model 
4 3 'Structure model' citation                      
5 3 'Structure model' citation_author               
6 3 'Structure model' pdbx_entry_details            
# 
loop_
_pdbx_audit_revision_item.ordinal 
_pdbx_audit_revision_item.revision_ordinal 
_pdbx_audit_revision_item.data_content_type 
_pdbx_audit_revision_item.item 
1 3 'Structure model' '_citation.country'              
2 3 'Structure model' '_citation.journal_abbrev'       
3 3 'Structure model' '_citation.journal_id_CSD'       
4 3 'Structure model' '_citation.journal_id_ISSN'      
5 3 'Structure model' '_citation.journal_volume'       
6 3 'Structure model' '_citation.page_first'           
7 3 'Structure model' '_citation.pdbx_database_id_DOI' 
8 3 'Structure model' '_citation.title'                
9 3 'Structure model' '_citation.year'                 
# 
_pdbx_database_status.status_code                     REL 
_pdbx_database_status.status_code_sf                  REL 
_pdbx_database_status.status_code_mr                  ? 
_pdbx_database_status.entry_id                        7F8F 
_pdbx_database_status.recvd_initial_deposition_date   2021-07-02 
_pdbx_database_status.SG_entry                        N 
_pdbx_database_status.deposit_site                    PDBJ 
_pdbx_database_status.process_site                    PDBJ 
_pdbx_database_status.status_code_cs                  ? 
_pdbx_database_status.status_code_nmr_data            ? 
_pdbx_database_status.methods_development_category    ? 
_pdbx_database_status.pdb_format_compatible           Y 
# 
loop_
_audit_author.name 
_audit_author.pdbx_ordinal 
_audit_author.identifier_ORCID 
'Robinson, R.C.' 1 ? 
'Akil, C.'       2 ? 
# 
_citation.abstract                  ? 
_citation.abstract_id_CAS           ? 
_citation.book_id_ISBN              ? 
_citation.book_publisher            ? 
_citation.book_publisher_city       ? 
_citation.book_title                ? 
_citation.coordinate_linkage        ? 
_citation.country                   UK 
_citation.database_id_Medline       ? 
_citation.details                   ? 
_citation.id                        primary 
_citation.journal_abbrev            'Commun Biol' 
_citation.journal_id_ASTM           ? 
_citation.journal_id_CSD            ? 
_citation.journal_id_ISSN           2399-3642 
_citation.journal_full              ? 
_citation.journal_issue             ? 
_citation.journal_volume            7 
_citation.language                  ? 
_citation.page_first                273 
_citation.page_last                 ? 
_citation.title                     
'The eukaryotic-like characteristics of small GTPase, roadblock and TRAPPC3 proteins from Asgard archaea' 
_citation.year                      2024 
_citation.database_id_CSD           ? 
_citation.pdbx_database_id_DOI      10.1038/s42003-024-05888-1 
_citation.pdbx_database_id_PubMed   ? 
_citation.pdbx_database_id_patent   ? 
_citation.unpublished_flag          ? 
# 
loop_
_citation_author.citation_id 
_citation_author.name 
_citation_author.ordinal 
_citation_author.identifier_ORCID 
primary 'Tran, L.T.'     1 ? 
primary 'Akil, C.'       2 ? 
primary 'Senju, Y.'      3 ? 
primary 'Robinson, R.C.' 4 ? 
# 
loop_
_entity.id 
_entity.type 
_entity.src_method 
_entity.pdbx_description 
_entity.formula_weight 
_entity.pdbx_number_of_molecules 
_entity.pdbx_ec 
_entity.pdbx_mutation 
_entity.pdbx_fragment 
_entity.details 
1 polymer man 'Robl_LC7 domain-containing protein' 10438.052 1  ? ? ? ? 
2 water   nat water                                18.015    45 ? ? ? ? 
# 
_entity_poly.entity_id                      1 
_entity_poly.type                           'polypeptide(L)' 
_entity_poly.nstd_linkage                   no 
_entity_poly.nstd_monomer                   no 
_entity_poly.pdbx_seq_one_letter_code       
;MIGEKDIQPILKNLQRFEGVRGVIITTTEGLPISTTIDREKTEKTAALVTSLVGKARSTVKELEEGELKFLTINTSKGEV
HVAQEEDYILIVLK
;
_entity_poly.pdbx_seq_one_letter_code_can   
;MIGEKDIQPILKNLQRFEGVRGVIITTTEGLPISTTIDREKTEKTAALVTSLVGKARSTVKELEEGELKFLTINTSKGEV
HVAQEEDYILIVLK
;
_entity_poly.pdbx_strand_id                 A 
_entity_poly.pdbx_target_identifier         ? 
# 
_pdbx_entity_nonpoly.entity_id   2 
_pdbx_entity_nonpoly.name        water 
_pdbx_entity_nonpoly.comp_id     HOH 
# 
loop_
_entity_poly_seq.entity_id 
_entity_poly_seq.num 
_entity_poly_seq.mon_id 
_entity_poly_seq.hetero 
1 1  MET n 
1 2  ILE n 
1 3  GLY n 
1 4  GLU n 
1 5  LYS n 
1 6  ASP n 
1 7  ILE n 
1 8  GLN n 
1 9  PRO n 
1 10 ILE n 
1 11 LEU n 
1 12 LYS n 
1 13 ASN n 
1 14 LEU n 
1 15 GLN n 
1 16 ARG n 
1 17 PHE n 
1 18 GLU n 
1 19 GLY n 
1 20 VAL n 
1 21 ARG n 
1 22 GLY n 
1 23 VAL n 
1 24 ILE n 
1 25 ILE n 
1 26 THR n 
1 27 THR n 
1 28 THR n 
1 29 GLU n 
1 30 GLY n 
1 31 LEU n 
1 32 PRO n 
1 33 ILE n 
1 34 SER n 
1 35 THR n 
1 36 THR n 
1 37 ILE n 
1 38 ASP n 
1 39 ARG n 
1 40 GLU n 
1 41 LYS n 
1 42 THR n 
1 43 GLU n 
1 44 LYS n 
1 45 THR n 
1 46 ALA n 
1 47 ALA n 
1 48 LEU n 
1 49 VAL n 
1 50 THR n 
1 51 SER n 
1 52 LEU n 
1 53 VAL n 
1 54 GLY n 
1 55 LYS n 
1 56 ALA n 
1 57 ARG n 
1 58 SER n 
1 59 THR n 
1 60 VAL n 
1 61 LYS n 
1 62 GLU n 
1 63 LEU n 
1 64 GLU n 
1 65 GLU n 
1 66 GLY n 
1 67 GLU n 
1 68 LEU n 
1 69 LYS n 
1 70 PHE n 
1 71 LEU n 
1 72 THR n 
1 73 ILE n 
1 74 ASN n 
1 75 THR n 
1 76 SER n 
1 77 LYS n 
1 78 GLY n 
1 79 GLU n 
1 80 VAL n 
1 81 HIS n 
1 82 VAL n 
1 83 ALA n 
1 84 GLN n 
1 85 GLU n 
1 86 GLU n 
1 87 ASP n 
1 88 TYR n 
1 89 ILE n 
1 90 LEU n 
1 91 ILE n 
1 92 VAL n 
1 93 LEU n 
1 94 LYS n 
# 
_entity_src_gen.entity_id                          1 
_entity_src_gen.pdbx_src_id                        1 
_entity_src_gen.pdbx_alt_source_flag               sample 
_entity_src_gen.pdbx_seq_type                      'Biological sequence' 
_entity_src_gen.pdbx_beg_seq_num                   1 
_entity_src_gen.pdbx_end_seq_num                   94 
_entity_src_gen.gene_src_common_name               ? 
_entity_src_gen.gene_src_genus                     ? 
_entity_src_gen.pdbx_gene_src_gene                 OdinLCB4_13320 
_entity_src_gen.gene_src_species                   ? 
_entity_src_gen.gene_src_strain                    LCB_4 
_entity_src_gen.gene_src_tissue                    ? 
_entity_src_gen.gene_src_tissue_fraction           ? 
_entity_src_gen.gene_src_details                   ? 
_entity_src_gen.pdbx_gene_src_fragment             ? 
_entity_src_gen.pdbx_gene_src_scientific_name      'Candidatus Odinarchaeota archaeon LCB_4' 
_entity_src_gen.pdbx_gene_src_ncbi_taxonomy_id     1841599 
_entity_src_gen.pdbx_gene_src_variant              ? 
_entity_src_gen.pdbx_gene_src_cell_line            ? 
_entity_src_gen.pdbx_gene_src_atcc                 ? 
_entity_src_gen.pdbx_gene_src_organ                ? 
_entity_src_gen.pdbx_gene_src_organelle            ? 
_entity_src_gen.pdbx_gene_src_cell                 ? 
_entity_src_gen.pdbx_gene_src_cellular_location    ? 
_entity_src_gen.host_org_common_name               ? 
_entity_src_gen.pdbx_host_org_scientific_name      'Escherichia coli' 
_entity_src_gen.pdbx_host_org_ncbi_taxonomy_id     562 
_entity_src_gen.host_org_genus                     ? 
_entity_src_gen.pdbx_host_org_gene                 ? 
_entity_src_gen.pdbx_host_org_organ                ? 
_entity_src_gen.host_org_species                   ? 
_entity_src_gen.pdbx_host_org_tissue               ? 
_entity_src_gen.pdbx_host_org_tissue_fraction      ? 
_entity_src_gen.pdbx_host_org_strain               ? 
_entity_src_gen.pdbx_host_org_variant              ? 
_entity_src_gen.pdbx_host_org_cell_line            ? 
_entity_src_gen.pdbx_host_org_atcc                 ? 
_entity_src_gen.pdbx_host_org_culture_collection   ? 
_entity_src_gen.pdbx_host_org_cell                 ? 
_entity_src_gen.pdbx_host_org_organelle            ? 
_entity_src_gen.pdbx_host_org_cellular_location    ? 
_entity_src_gen.pdbx_host_org_vector_type          ? 
_entity_src_gen.pdbx_host_org_vector               ? 
_entity_src_gen.host_org_details                   ? 
_entity_src_gen.expression_system_id               ? 
_entity_src_gen.plasmid_name                       ? 
_entity_src_gen.plasmid_details                    ? 
_entity_src_gen.pdbx_description                   ? 
# 
loop_
_chem_comp.id 
_chem_comp.type 
_chem_comp.mon_nstd_flag 
_chem_comp.name 
_chem_comp.pdbx_synonyms 
_chem_comp.formula 
_chem_comp.formula_weight 
ALA 'L-peptide linking' y ALANINE         ? 'C3 H7 N O2'     89.093  
ARG 'L-peptide linking' y ARGININE        ? 'C6 H15 N4 O2 1' 175.209 
ASN 'L-peptide linking' y ASPARAGINE      ? 'C4 H8 N2 O3'    132.118 
ASP 'L-peptide linking' y 'ASPARTIC ACID' ? 'C4 H7 N O4'     133.103 
GLN 'L-peptide linking' y GLUTAMINE       ? 'C5 H10 N2 O3'   146.144 
GLU 'L-peptide linking' y 'GLUTAMIC ACID' ? 'C5 H9 N O4'     147.129 
GLY 'peptide linking'   y GLYCINE         ? 'C2 H5 N O2'     75.067  
HIS 'L-peptide linking' y HISTIDINE       ? 'C6 H10 N3 O2 1' 156.162 
HOH non-polymer         . WATER           ? 'H2 O'           18.015  
ILE 'L-peptide linking' y ISOLEUCINE      ? 'C6 H13 N O2'    131.173 
LEU 'L-peptide linking' y LEUCINE         ? 'C6 H13 N O2'    131.173 
LYS 'L-peptide linking' y LYSINE          ? 'C6 H15 N2 O2 1' 147.195 
MET 'L-peptide linking' y METHIONINE      ? 'C5 H11 N O2 S'  149.211 
PHE 'L-peptide linking' y PHENYLALANINE   ? 'C9 H11 N O2'    165.189 
PRO 'L-peptide linking' y PROLINE         ? 'C5 H9 N O2'     115.130 
SER 'L-peptide linking' y SERINE          ? 'C3 H7 N O3'     105.093 
THR 'L-peptide linking' y THREONINE       ? 'C4 H9 N O3'     119.119 
TYR 'L-peptide linking' y TYROSINE        ? 'C9 H11 N O3'    181.189 
VAL 'L-peptide linking' y VALINE          ? 'C5 H11 N O2'    117.146 
# 
loop_
_pdbx_poly_seq_scheme.asym_id 
_pdbx_poly_seq_scheme.entity_id 
_pdbx_poly_seq_scheme.seq_id 
_pdbx_poly_seq_scheme.mon_id 
_pdbx_poly_seq_scheme.ndb_seq_num 
_pdbx_poly_seq_scheme.pdb_seq_num 
_pdbx_poly_seq_scheme.auth_seq_num 
_pdbx_poly_seq_scheme.pdb_mon_id 
_pdbx_poly_seq_scheme.auth_mon_id 
_pdbx_poly_seq_scheme.pdb_strand_id 
_pdbx_poly_seq_scheme.pdb_ins_code 
_pdbx_poly_seq_scheme.hetero 
A 1 1  MET 1  -1 ?  ?   ?   A . n 
A 1 2  ILE 2  0  ?  ?   ?   A . n 
A 1 3  GLY 3  1  ?  ?   ?   A . n 
A 1 4  GLU 4  2  ?  ?   ?   A . n 
A 1 5  LYS 5  3  ?  ?   ?   A . n 
A 1 6  ASP 6  4  ?  ?   ?   A . n 
A 1 7  ILE 7  5  ?  ?   ?   A . n 
A 1 8  GLN 8  6  ?  ?   ?   A . n 
A 1 9  PRO 9  7  ?  ?   ?   A . n 
A 1 10 ILE 10 8  ?  ?   ?   A . n 
A 1 11 LEU 11 9  ?  ?   ?   A . n 
A 1 12 LYS 12 10 ?  ?   ?   A . n 
A 1 13 ASN 13 11 ?  ?   ?   A . n 
A 1 14 LEU 14 12 ?  ?   ?   A . n 
A 1 15 GLN 15 13 13 GLN GLN A . n 
A 1 16 ARG 16 14 14 ARG ARG A . n 
A 1 17 PHE 17 15 15 PHE PHE A . n 
A 1 18 GLU 18 16 16 GLU GLU A . n 
A 1 19 GLY 19 17 17 GLY GLY A . n 
A 1 20 VAL 20 18 18 VAL VAL A . n 
A 1 21 ARG 21 19 19 ARG ARG A . n 
A 1 22 GLY 22 20 20 GLY GLY A . n 
A 1 23 VAL 23 21 21 VAL VAL A . n 
A 1 24 ILE 24 22 22 ILE ILE A . n 
A 1 25 ILE 25 23 23 ILE ILE A . n 
A 1 26 THR 26 24 24 THR THR A . n 
A 1 27 THR 27 25 25 THR THR A . n 
A 1 28 THR 28 26 26 THR THR A . n 
A 1 29 GLU 29 27 27 GLU GLU A . n 
A 1 30 GLY 30 28 28 GLY GLY A . n 
A 1 31 LEU 31 29 29 LEU LEU A . n 
A 1 32 PRO 32 30 30 PRO PRO A . n 
A 1 33 ILE 33 31 31 ILE ILE A . n 
A 1 34 SER 34 32 32 SER SER A . n 
A 1 35 THR 35 33 33 THR THR A . n 
A 1 36 THR 36 34 34 THR THR A . n 
A 1 37 ILE 37 35 35 ILE ILE A . n 
A 1 38 ASP 38 36 36 ASP ASP A . n 
A 1 39 ARG 39 37 37 ARG ARG A . n 
A 1 40 GLU 40 38 38 GLU GLU A . n 
A 1 41 LYS 41 39 39 LYS LYS A . n 
A 1 42 THR 42 40 40 THR THR A . n 
A 1 43 GLU 43 41 41 GLU GLU A . n 
A 1 44 LYS 44 42 42 LYS LYS A . n 
A 1 45 THR 45 43 43 THR THR A . n 
A 1 46 ALA 46 44 44 ALA ALA A . n 
A 1 47 ALA 47 45 45 ALA ALA A . n 
A 1 48 LEU 48 46 46 LEU LEU A . n 
A 1 49 VAL 49 47 47 VAL VAL A . n 
A 1 50 THR 50 48 48 THR THR A . n 
A 1 51 SER 51 49 49 SER SER A . n 
A 1 52 LEU 52 50 50 LEU LEU A . n 
A 1 53 VAL 53 51 51 VAL VAL A . n 
A 1 54 GLY 54 52 52 GLY GLY A . n 
A 1 55 LYS 55 53 53 LYS LYS A . n 
A 1 56 ALA 56 54 54 ALA ALA A . n 
A 1 57 ARG 57 55 55 ARG ARG A . n 
A 1 58 SER 58 56 56 SER SER A . n 
A 1 59 THR 59 57 57 THR THR A . n 
A 1 60 VAL 60 58 58 VAL VAL A . n 
A 1 61 LYS 61 59 59 LYS LYS A . n 
A 1 62 GLU 62 60 60 GLU GLU A . n 
A 1 63 LEU 63 61 61 LEU LEU A . n 
A 1 64 GLU 64 62 62 GLU GLU A . n 
A 1 65 GLU 65 63 63 GLU GLU A . n 
A 1 66 GLY 66 64 64 GLY GLY A . n 
A 1 67 GLU 67 65 65 GLU GLU A . n 
A 1 68 LEU 68 66 66 LEU LEU A . n 
A 1 69 LYS 69 67 67 LYS LYS A . n 
A 1 70 PHE 70 68 68 PHE PHE A . n 
A 1 71 LEU 71 69 69 LEU LEU A . n 
A 1 72 THR 72 70 70 THR THR A . n 
A 1 73 ILE 73 71 71 ILE ILE A . n 
A 1 74 ASN 74 72 72 ASN ASN A . n 
A 1 75 THR 75 73 73 THR THR A . n 
A 1 76 SER 76 74 74 SER SER A . n 
A 1 77 LYS 77 75 75 LYS LYS A . n 
A 1 78 GLY 78 76 76 GLY GLY A . n 
A 1 79 GLU 79 77 77 GLU GLU A . n 
A 1 80 VAL 80 78 78 VAL VAL A . n 
A 1 81 HIS 81 79 79 HIS HIS A . n 
A 1 82 VAL 82 80 80 VAL VAL A . n 
A 1 83 ALA 83 81 81 ALA ALA A . n 
A 1 84 GLN 84 82 82 GLN GLN A . n 
A 1 85 GLU 85 83 83 GLU GLU A . n 
A 1 86 GLU 86 84 84 GLU GLU A . n 
A 1 87 ASP 87 85 85 ASP ASP A . n 
A 1 88 TYR 88 86 86 TYR TYR A . n 
A 1 89 ILE 89 87 87 ILE ILE A . n 
A 1 90 LEU 90 88 88 LEU LEU A . n 
A 1 91 ILE 91 89 89 ILE ILE A . n 
A 1 92 VAL 92 90 90 VAL VAL A . n 
A 1 93 LEU 93 91 91 LEU LEU A . n 
A 1 94 LYS 94 92 92 LYS LYS A . n 
# 
loop_
_pdbx_nonpoly_scheme.asym_id 
_pdbx_nonpoly_scheme.entity_id 
_pdbx_nonpoly_scheme.mon_id 
_pdbx_nonpoly_scheme.ndb_seq_num 
_pdbx_nonpoly_scheme.pdb_seq_num 
_pdbx_nonpoly_scheme.auth_seq_num 
_pdbx_nonpoly_scheme.pdb_mon_id 
_pdbx_nonpoly_scheme.auth_mon_id 
_pdbx_nonpoly_scheme.pdb_strand_id 
_pdbx_nonpoly_scheme.pdb_ins_code 
B 2 HOH 1  101 24 HOH HOH A . 
B 2 HOH 2  102 32 HOH HOH A . 
B 2 HOH 3  103 21 HOH HOH A . 
B 2 HOH 4  104 31 HOH HOH A . 
B 2 HOH 5  105 34 HOH HOH A . 
B 2 HOH 6  106 13 HOH HOH A . 
B 2 HOH 7  107 7  HOH HOH A . 
B 2 HOH 8  108 5  HOH HOH A . 
B 2 HOH 9  109 2  HOH HOH A . 
B 2 HOH 10 110 4  HOH HOH A . 
B 2 HOH 11 111 3  HOH HOH A . 
B 2 HOH 12 112 43 HOH HOH A . 
B 2 HOH 13 113 10 HOH HOH A . 
B 2 HOH 14 114 39 HOH HOH A . 
B 2 HOH 15 115 23 HOH HOH A . 
B 2 HOH 16 116 26 HOH HOH A . 
B 2 HOH 17 117 35 HOH HOH A . 
B 2 HOH 18 118 11 HOH HOH A . 
B 2 HOH 19 119 16 HOH HOH A . 
B 2 HOH 20 120 36 HOH HOH A . 
B 2 HOH 21 121 17 HOH HOH A . 
B 2 HOH 22 122 22 HOH HOH A . 
B 2 HOH 23 123 40 HOH HOH A . 
B 2 HOH 24 124 12 HOH HOH A . 
B 2 HOH 25 125 6  HOH HOH A . 
B 2 HOH 26 126 1  HOH HOH A . 
B 2 HOH 27 127 20 HOH HOH A . 
B 2 HOH 28 128 8  HOH HOH A . 
B 2 HOH 29 129 18 HOH HOH A . 
B 2 HOH 30 130 27 HOH HOH A . 
B 2 HOH 31 131 44 HOH HOH A . 
B 2 HOH 32 132 29 HOH HOH A . 
B 2 HOH 33 133 28 HOH HOH A . 
B 2 HOH 34 134 37 HOH HOH A . 
B 2 HOH 35 135 38 HOH HOH A . 
B 2 HOH 36 136 41 HOH HOH A . 
B 2 HOH 37 137 25 HOH HOH A . 
B 2 HOH 38 138 30 HOH HOH A . 
B 2 HOH 39 139 45 HOH HOH A . 
B 2 HOH 40 140 14 HOH HOH A . 
B 2 HOH 41 141 19 HOH HOH A . 
B 2 HOH 42 142 15 HOH HOH A . 
B 2 HOH 43 143 9  HOH HOH A . 
B 2 HOH 44 144 42 HOH HOH A . 
B 2 HOH 45 145 33 HOH HOH A . 
# 
loop_
_software.citation_id 
_software.classification 
_software.compiler_name 
_software.compiler_version 
_software.contact_author 
_software.contact_author_email 
_software.date 
_software.description 
_software.dependencies 
_software.hardware 
_software.language 
_software.location 
_software.mods 
_software.name 
_software.os 
_software.os_version 
_software.type 
_software.version 
_software.pdbx_ordinal 
? refinement       ? ? ? ? ? ? ? ? ? ? ? PHENIX   ? ? ? v1.17.1 1 
? 'data reduction' ? ? ? ? ? ? ? ? ? ? ? HKL-2000 ? ? ? .       2 
? 'data scaling'   ? ? ? ? ? ? ? ? ? ? ? HKL-2000 ? ? ? .       3 
? phasing          ? ? ? ? ? ? ? ? ? ? ? ACORN    ? ? ? .       4 
# 
_cell.angle_alpha                  90.000 
_cell.angle_alpha_esd              ? 
_cell.angle_beta                   90.000 
_cell.angle_beta_esd               ? 
_cell.angle_gamma                  90.000 
_cell.angle_gamma_esd              ? 
_cell.entry_id                     7F8F 
_cell.details                      ? 
_cell.formula_units_Z              ? 
_cell.length_a                     52.072 
_cell.length_a_esd                 ? 
_cell.length_b                     59.245 
_cell.length_b_esd                 ? 
_cell.length_c                     59.890 
_cell.length_c_esd                 ? 
_cell.volume                       184760.988 
_cell.volume_esd                   ? 
_cell.Z_PDB                        8 
_cell.reciprocal_angle_alpha       ? 
_cell.reciprocal_angle_beta        ? 
_cell.reciprocal_angle_gamma       ? 
_cell.reciprocal_angle_alpha_esd   ? 
_cell.reciprocal_angle_beta_esd    ? 
_cell.reciprocal_angle_gamma_esd   ? 
_cell.reciprocal_length_a          ? 
_cell.reciprocal_length_b          ? 
_cell.reciprocal_length_c          ? 
_cell.reciprocal_length_a_esd      ? 
_cell.reciprocal_length_b_esd      ? 
_cell.reciprocal_length_c_esd      ? 
_cell.pdbx_unique_axis             ? 
# 
_symmetry.entry_id                         7F8F 
_symmetry.cell_setting                     ? 
_symmetry.Int_Tables_number                24 
_symmetry.space_group_name_Hall            'I 2b 2c' 
_symmetry.space_group_name_H-M             'I 21 21 21' 
_symmetry.pdbx_full_space_group_name_H-M   ? 
# 
_exptl.absorpt_coefficient_mu     ? 
_exptl.absorpt_correction_T_max   ? 
_exptl.absorpt_correction_T_min   ? 
_exptl.absorpt_correction_type    ? 
_exptl.absorpt_process_details    ? 
_exptl.entry_id                   7F8F 
_exptl.crystals_number            1 
_exptl.details                    ? 
_exptl.method                     'X-RAY DIFFRACTION' 
_exptl.method_details             ? 
# 
_exptl_crystal.colour                      ? 
_exptl_crystal.density_diffrn              ? 
_exptl_crystal.density_Matthews            2.21 
_exptl_crystal.density_method              ? 
_exptl_crystal.density_percent_sol         44.41 
_exptl_crystal.description                 ? 
_exptl_crystal.F_000                       ? 
_exptl_crystal.id                          1 
_exptl_crystal.preparation                 ? 
_exptl_crystal.size_max                    ? 
_exptl_crystal.size_mid                    ? 
_exptl_crystal.size_min                    ? 
_exptl_crystal.size_rad                    ? 
_exptl_crystal.colour_lustre               ? 
_exptl_crystal.colour_modifier             ? 
_exptl_crystal.colour_primary              ? 
_exptl_crystal.density_meas                ? 
_exptl_crystal.density_meas_esd            ? 
_exptl_crystal.density_meas_gt             ? 
_exptl_crystal.density_meas_lt             ? 
_exptl_crystal.density_meas_temp           ? 
_exptl_crystal.density_meas_temp_esd       ? 
_exptl_crystal.density_meas_temp_gt        ? 
_exptl_crystal.density_meas_temp_lt        ? 
_exptl_crystal.pdbx_crystal_image_url      ? 
_exptl_crystal.pdbx_crystal_image_format   ? 
_exptl_crystal.pdbx_mosaicity              ? 
_exptl_crystal.pdbx_mosaicity_esd          ? 
# 
_exptl_crystal_grow.apparatus       ? 
_exptl_crystal_grow.atmosphere      ? 
_exptl_crystal_grow.crystal_id      1 
_exptl_crystal_grow.details         ? 
_exptl_crystal_grow.method          'VAPOR DIFFUSION' 
_exptl_crystal_grow.method_ref      ? 
_exptl_crystal_grow.pH              ? 
_exptl_crystal_grow.pressure        ? 
_exptl_crystal_grow.pressure_esd    ? 
_exptl_crystal_grow.seeding         ? 
_exptl_crystal_grow.seeding_ref     ? 
_exptl_crystal_grow.temp            293 
_exptl_crystal_grow.temp_details    ? 
_exptl_crystal_grow.temp_esd        ? 
_exptl_crystal_grow.time            ? 
_exptl_crystal_grow.pdbx_details    
;200 mM MgSO4
20% PEG 4000
10% glycerol
;
_exptl_crystal_grow.pdbx_pH_range   ? 
# 
_diffrn.ambient_environment              ? 
_diffrn.ambient_temp                     100 
_diffrn.ambient_temp_details             ? 
_diffrn.ambient_temp_esd                 ? 
_diffrn.crystal_id                       1 
_diffrn.crystal_support                  ? 
_diffrn.crystal_treatment                ? 
_diffrn.details                          ? 
_diffrn.id                               1 
_diffrn.ambient_pressure                 ? 
_diffrn.ambient_pressure_esd             ? 
_diffrn.ambient_pressure_gt              ? 
_diffrn.ambient_pressure_lt              ? 
_diffrn.ambient_temp_gt                  ? 
_diffrn.ambient_temp_lt                  ? 
_diffrn.pdbx_serial_crystal_experiment   N 
# 
_diffrn_detector.details                      ? 
_diffrn_detector.detector                     CCD 
_diffrn_detector.diffrn_id                    1 
_diffrn_detector.type                         'RAYONIX MX-300' 
_diffrn_detector.area_resol_mean              ? 
_diffrn_detector.dtime                        ? 
_diffrn_detector.pdbx_frames_total            ? 
_diffrn_detector.pdbx_collection_time_total   ? 
_diffrn_detector.pdbx_collection_date         2018-10-10 
_diffrn_detector.pdbx_frequency               ? 
# 
_diffrn_radiation.collimation                      ? 
_diffrn_radiation.diffrn_id                        1 
_diffrn_radiation.filter_edge                      ? 
_diffrn_radiation.inhomogeneity                    ? 
_diffrn_radiation.monochromator                    ? 
_diffrn_radiation.polarisn_norm                    ? 
_diffrn_radiation.polarisn_ratio                   ? 
_diffrn_radiation.probe                            ? 
_diffrn_radiation.type                             ? 
_diffrn_radiation.xray_symbol                      ? 
_diffrn_radiation.wavelength_id                    1 
_diffrn_radiation.pdbx_monochromatic_or_laue_m_l   M 
_diffrn_radiation.pdbx_wavelength_list             ? 
_diffrn_radiation.pdbx_wavelength                  ? 
_diffrn_radiation.pdbx_diffrn_protocol             'SINGLE WAVELENGTH' 
_diffrn_radiation.pdbx_analyzer                    ? 
_diffrn_radiation.pdbx_scattering_type             x-ray 
# 
_diffrn_radiation_wavelength.id           1 
_diffrn_radiation_wavelength.wavelength   1 
_diffrn_radiation_wavelength.wt           1.0 
# 
_diffrn_source.current                     ? 
_diffrn_source.details                     ? 
_diffrn_source.diffrn_id                   1 
_diffrn_source.power                       ? 
_diffrn_source.size                        ? 
_diffrn_source.source                      SYNCHROTRON 
_diffrn_source.target                      ? 
_diffrn_source.type                        'NSRRC BEAMLINE TPS 05A' 
_diffrn_source.voltage                     ? 
_diffrn_source.take-off_angle              ? 
_diffrn_source.pdbx_wavelength_list        1 
_diffrn_source.pdbx_wavelength             ? 
_diffrn_source.pdbx_synchrotron_beamline   'TPS 05A' 
_diffrn_source.pdbx_synchrotron_site       NSRRC 
# 
_reflns.B_iso_Wilson_estimate                          ? 
_reflns.entry_id                                       7F8F 
_reflns.data_reduction_details                         ? 
_reflns.data_reduction_method                          ? 
_reflns.d_resolution_high                              1.83 
_reflns.d_resolution_low                               42.1 
_reflns.details                                        ? 
_reflns.limit_h_max                                    ? 
_reflns.limit_h_min                                    ? 
_reflns.limit_k_max                                    ? 
_reflns.limit_k_min                                    ? 
_reflns.limit_l_max                                    ? 
_reflns.limit_l_min                                    ? 
_reflns.number_all                                     ? 
_reflns.number_obs                                     8418 
_reflns.observed_criterion                             ? 
_reflns.observed_criterion_F_max                       ? 
_reflns.observed_criterion_F_min                       ? 
_reflns.observed_criterion_I_max                       ? 
_reflns.observed_criterion_I_min                       ? 
_reflns.observed_criterion_sigma_F                     ? 
_reflns.observed_criterion_sigma_I                     ? 
_reflns.percent_possible_obs                           99.8 
_reflns.R_free_details                                 ? 
_reflns.Rmerge_F_all                                   ? 
_reflns.Rmerge_F_obs                                   ? 
_reflns.Friedel_coverage                               ? 
_reflns.number_gt                                      ? 
_reflns.threshold_expression                           ? 
_reflns.pdbx_redundancy                                7.1 
_reflns.pdbx_Rmerge_I_obs                              0.046 
_reflns.pdbx_Rmerge_I_all                              ? 
_reflns.pdbx_Rsym_value                                ? 
_reflns.pdbx_netI_over_av_sigmaI                       ? 
_reflns.pdbx_netI_over_sigmaI                          18.5 
_reflns.pdbx_res_netI_over_av_sigmaI_2                 ? 
_reflns.pdbx_res_netI_over_sigmaI_2                    ? 
_reflns.pdbx_chi_squared                               ? 
_reflns.pdbx_scaling_rejects                           ? 
_reflns.pdbx_d_res_high_opt                            ? 
_reflns.pdbx_d_res_low_opt                             ? 
_reflns.pdbx_d_res_opt_method                          ? 
_reflns.phase_calculation_details                      ? 
_reflns.pdbx_Rrim_I_all                                0.050 
_reflns.pdbx_Rpim_I_all                                0.019 
_reflns.pdbx_d_opt                                     ? 
_reflns.pdbx_number_measured_all                       ? 
_reflns.pdbx_diffrn_id                                 1 
_reflns.pdbx_ordinal                                   1 
_reflns.pdbx_CC_half                                   ? 
_reflns.pdbx_CC_star                                   ? 
_reflns.pdbx_R_split                                   ? 
_reflns.pdbx_aniso_diffraction_limit_axis_1_ortho[1]   ? 
_reflns.pdbx_aniso_diffraction_limit_axis_1_ortho[2]   ? 
_reflns.pdbx_aniso_diffraction_limit_axis_1_ortho[3]   ? 
_reflns.pdbx_aniso_diffraction_limit_axis_2_ortho[1]   ? 
_reflns.pdbx_aniso_diffraction_limit_axis_2_ortho[2]   ? 
_reflns.pdbx_aniso_diffraction_limit_axis_2_ortho[3]   ? 
_reflns.pdbx_aniso_diffraction_limit_axis_3_ortho[1]   ? 
_reflns.pdbx_aniso_diffraction_limit_axis_3_ortho[2]   ? 
_reflns.pdbx_aniso_diffraction_limit_axis_3_ortho[3]   ? 
_reflns.pdbx_aniso_diffraction_limit_1                 ? 
_reflns.pdbx_aniso_diffraction_limit_2                 ? 
_reflns.pdbx_aniso_diffraction_limit_3                 ? 
_reflns.pdbx_aniso_B_tensor_eigenvector_1_ortho[1]     ? 
_reflns.pdbx_aniso_B_tensor_eigenvector_1_ortho[2]     ? 
_reflns.pdbx_aniso_B_tensor_eigenvector_1_ortho[3]     ? 
_reflns.pdbx_aniso_B_tensor_eigenvector_2_ortho[1]     ? 
_reflns.pdbx_aniso_B_tensor_eigenvector_2_ortho[2]     ? 
_reflns.pdbx_aniso_B_tensor_eigenvector_2_ortho[3]     ? 
_reflns.pdbx_aniso_B_tensor_eigenvector_3_ortho[1]     ? 
_reflns.pdbx_aniso_B_tensor_eigenvector_3_ortho[2]     ? 
_reflns.pdbx_aniso_B_tensor_eigenvector_3_ortho[3]     ? 
_reflns.pdbx_aniso_B_tensor_eigenvalue_1               ? 
_reflns.pdbx_aniso_B_tensor_eigenvalue_2               ? 
_reflns.pdbx_aniso_B_tensor_eigenvalue_3               ? 
_reflns.pdbx_orthogonalization_convention              ? 
_reflns.pdbx_percent_possible_ellipsoidal              ? 
_reflns.pdbx_percent_possible_spherical                ? 
_reflns.pdbx_percent_possible_ellipsoidal_anomalous    ? 
_reflns.pdbx_percent_possible_spherical_anomalous      ? 
_reflns.pdbx_redundancy_anomalous                      ? 
_reflns.pdbx_CC_half_anomalous                         ? 
_reflns.pdbx_absDiff_over_sigma_anomalous              ? 
_reflns.pdbx_percent_possible_anomalous                ? 
_reflns.pdbx_observed_signal_threshold                 ? 
_reflns.pdbx_signal_type                               ? 
_reflns.pdbx_signal_details                            ? 
_reflns.pdbx_signal_software_id                        ? 
# 
_reflns_shell.d_res_high                                    1.83 
_reflns_shell.d_res_low                                     1.87 
_reflns_shell.meanI_over_sigI_all                           ? 
_reflns_shell.meanI_over_sigI_obs                           2.6 
_reflns_shell.number_measured_all                           ? 
_reflns_shell.number_measured_obs                           ? 
_reflns_shell.number_possible                               ? 
_reflns_shell.number_unique_all                             ? 
_reflns_shell.number_unique_obs                             813 
_reflns_shell.percent_possible_all                          ? 
_reflns_shell.percent_possible_obs                          ? 
_reflns_shell.Rmerge_F_all                                  ? 
_reflns_shell.Rmerge_F_obs                                  ? 
_reflns_shell.Rmerge_I_all                                  ? 
_reflns_shell.Rmerge_I_obs                                  0.524 
_reflns_shell.meanI_over_sigI_gt                            ? 
_reflns_shell.meanI_over_uI_all                             ? 
_reflns_shell.meanI_over_uI_gt                              ? 
_reflns_shell.number_measured_gt                            ? 
_reflns_shell.number_unique_gt                              ? 
_reflns_shell.percent_possible_gt                           ? 
_reflns_shell.Rmerge_F_gt                                   ? 
_reflns_shell.Rmerge_I_gt                                   ? 
_reflns_shell.pdbx_redundancy                               ? 
_reflns_shell.pdbx_Rsym_value                               ? 
_reflns_shell.pdbx_chi_squared                              ? 
_reflns_shell.pdbx_netI_over_sigmaI_all                     ? 
_reflns_shell.pdbx_netI_over_sigmaI_obs                     ? 
_reflns_shell.pdbx_Rrim_I_all                               0.566 
_reflns_shell.pdbx_Rpim_I_all                               0.211 
_reflns_shell.pdbx_rejects                                  ? 
_reflns_shell.pdbx_ordinal                                  1 
_reflns_shell.pdbx_diffrn_id                                1 
_reflns_shell.pdbx_CC_half                                  0.889 
_reflns_shell.pdbx_CC_star                                  ? 
_reflns_shell.pdbx_R_split                                  ? 
_reflns_shell.pdbx_percent_possible_ellipsoidal             ? 
_reflns_shell.pdbx_percent_possible_spherical               ? 
_reflns_shell.pdbx_percent_possible_ellipsoidal_anomalous   ? 
_reflns_shell.pdbx_percent_possible_spherical_anomalous     ? 
_reflns_shell.pdbx_redundancy_anomalous                     ? 
_reflns_shell.pdbx_CC_half_anomalous                        ? 
_reflns_shell.pdbx_absDiff_over_sigma_anomalous             ? 
_reflns_shell.pdbx_percent_possible_anomalous               ? 
# 
_refine.aniso_B[1][1]                            ? 
_refine.aniso_B[1][2]                            ? 
_refine.aniso_B[1][3]                            ? 
_refine.aniso_B[2][2]                            ? 
_refine.aniso_B[2][3]                            ? 
_refine.aniso_B[3][3]                            ? 
_refine.B_iso_max                                ? 
_refine.B_iso_mean                               32.34 
_refine.B_iso_min                                ? 
_refine.correlation_coeff_Fo_to_Fc               ? 
_refine.correlation_coeff_Fo_to_Fc_free          ? 
_refine.details                                  ? 
_refine.diff_density_max                         ? 
_refine.diff_density_max_esd                     ? 
_refine.diff_density_min                         ? 
_refine.diff_density_min_esd                     ? 
_refine.diff_density_rms                         ? 
_refine.diff_density_rms_esd                     ? 
_refine.entry_id                                 7F8F 
_refine.pdbx_refine_id                           'X-RAY DIFFRACTION' 
_refine.ls_abs_structure_details                 ? 
_refine.ls_abs_structure_Flack                   ? 
_refine.ls_abs_structure_Flack_esd               ? 
_refine.ls_abs_structure_Rogers                  ? 
_refine.ls_abs_structure_Rogers_esd              ? 
_refine.ls_d_res_high                            1.83 
_refine.ls_d_res_low                             39.3 
_refine.ls_extinction_coef                       ? 
_refine.ls_extinction_coef_esd                   ? 
_refine.ls_extinction_expression                 ? 
_refine.ls_extinction_method                     ? 
_refine.ls_goodness_of_fit_all                   ? 
_refine.ls_goodness_of_fit_all_esd               ? 
_refine.ls_goodness_of_fit_obs                   ? 
_refine.ls_goodness_of_fit_obs_esd               ? 
_refine.ls_hydrogen_treatment                    ? 
_refine.ls_matrix_type                           ? 
_refine.ls_number_constraints                    ? 
_refine.ls_number_parameters                     ? 
_refine.ls_number_reflns_all                     ? 
_refine.ls_number_reflns_obs                     8417 
_refine.ls_number_reflns_R_free                  813 
_refine.ls_number_reflns_R_work                  ? 
_refine.ls_number_restraints                     ? 
_refine.ls_percent_reflns_obs                    99.9 
_refine.ls_percent_reflns_R_free                 ? 
_refine.ls_R_factor_all                          ? 
_refine.ls_R_factor_obs                          ? 
_refine.ls_R_factor_R_free                       0.216 
_refine.ls_R_factor_R_free_error                 ? 
_refine.ls_R_factor_R_free_error_details         ? 
_refine.ls_R_factor_R_work                       0.193 
_refine.ls_R_Fsqd_factor_obs                     ? 
_refine.ls_R_I_factor_obs                        ? 
_refine.ls_redundancy_reflns_all                 ? 
_refine.ls_redundancy_reflns_obs                 ? 
_refine.ls_restrained_S_all                      ? 
_refine.ls_restrained_S_obs                      ? 
_refine.ls_shift_over_esd_max                    ? 
_refine.ls_shift_over_esd_mean                   ? 
_refine.ls_structure_factor_coef                 ? 
_refine.ls_weighting_details                     ? 
_refine.ls_weighting_scheme                      ? 
_refine.ls_wR_factor_all                         ? 
_refine.ls_wR_factor_obs                         ? 
_refine.ls_wR_factor_R_free                      ? 
_refine.ls_wR_factor_R_work                      ? 
_refine.occupancy_max                            ? 
_refine.occupancy_min                            ? 
_refine.solvent_model_details                    ? 
_refine.solvent_model_param_bsol                 ? 
_refine.solvent_model_param_ksol                 ? 
_refine.pdbx_R_complete                          ? 
_refine.ls_R_factor_gt                           ? 
_refine.ls_goodness_of_fit_gt                    ? 
_refine.ls_goodness_of_fit_ref                   ? 
_refine.ls_shift_over_su_max                     ? 
_refine.ls_shift_over_su_max_lt                  ? 
_refine.ls_shift_over_su_mean                    ? 
_refine.ls_shift_over_su_mean_lt                 ? 
_refine.pdbx_ls_sigma_I                          ? 
_refine.pdbx_ls_sigma_F                          ? 
_refine.pdbx_ls_sigma_Fsqd                       ? 
_refine.pdbx_data_cutoff_high_absF               ? 
_refine.pdbx_data_cutoff_high_rms_absF           ? 
_refine.pdbx_data_cutoff_low_absF                ? 
_refine.pdbx_isotropic_thermal_model             ? 
_refine.pdbx_ls_cross_valid_method               'FREE R-VALUE' 
_refine.pdbx_method_to_determine_struct          'MOLECULAR REPLACEMENT' 
_refine.pdbx_starting_model                      3l7h 
_refine.pdbx_stereochemistry_target_values       'GeoStd + Monomer Library + CDL v1.2' 
_refine.pdbx_R_Free_selection_details            ? 
_refine.pdbx_stereochem_target_val_spec_case     ? 
_refine.pdbx_overall_ESU_R                       ? 
_refine.pdbx_overall_ESU_R_Free                  ? 
_refine.pdbx_solvent_vdw_probe_radii             ? 
_refine.pdbx_solvent_ion_probe_radii             ? 
_refine.pdbx_solvent_shrinkage_radii             ? 
_refine.pdbx_real_space_R                        ? 
_refine.pdbx_density_correlation                 ? 
_refine.pdbx_pd_number_of_powder_patterns        ? 
_refine.pdbx_pd_number_of_points                 ? 
_refine.pdbx_pd_meas_number_of_points            ? 
_refine.pdbx_pd_proc_ls_prof_R_factor            ? 
_refine.pdbx_pd_proc_ls_prof_wR_factor           ? 
_refine.pdbx_pd_Marquardt_correlation_coeff      ? 
_refine.pdbx_pd_Fsqrd_R_factor                   ? 
_refine.pdbx_pd_ls_matrix_band_width             ? 
_refine.pdbx_overall_phase_error                 ? 
_refine.pdbx_overall_SU_R_free_Cruickshank_DPI   ? 
_refine.pdbx_overall_SU_R_free_Blow_DPI          ? 
_refine.pdbx_overall_SU_R_Blow_DPI               ? 
_refine.pdbx_TLS_residual_ADP_flag               ? 
_refine.pdbx_diffrn_id                           1 
_refine.overall_SU_B                             ? 
_refine.overall_SU_ML                            ? 
_refine.overall_SU_R_Cruickshank_DPI             ? 
_refine.overall_SU_R_free                        ? 
_refine.overall_FOM_free_R_set                   ? 
_refine.overall_FOM_work_R_set                   ? 
_refine.pdbx_average_fsc_overall                 ? 
_refine.pdbx_average_fsc_work                    ? 
_refine.pdbx_average_fsc_free                    ? 
# 
_refine_hist.pdbx_refine_id                   'X-RAY DIFFRACTION' 
_refine_hist.cycle_id                         LAST 
_refine_hist.pdbx_number_atoms_protein        621 
_refine_hist.pdbx_number_atoms_nucleic_acid   0 
_refine_hist.pdbx_number_atoms_ligand         0 
_refine_hist.number_atoms_solvent             45 
_refine_hist.number_atoms_total               666 
_refine_hist.d_res_high                       1.83 
_refine_hist.d_res_low                        39.3 
# 
loop_
_refine_ls_restr.pdbx_refine_id 
_refine_ls_restr.criterion 
_refine_ls_restr.dev_ideal 
_refine_ls_restr.dev_ideal_target 
_refine_ls_restr.number 
_refine_ls_restr.rejects 
_refine_ls_restr.type 
_refine_ls_restr.weight 
_refine_ls_restr.pdbx_restraint_function 
'X-RAY DIFFRACTION' ? 0.0019  ? 647 ? f_bond_d           ? ? 
'X-RAY DIFFRACTION' ? 0.4482  ? 879 ? f_angle_d          ? ? 
'X-RAY DIFFRACTION' ? 0.0427  ? 113 ? f_chiral_restr     ? ? 
'X-RAY DIFFRACTION' ? 0.0016  ? 110 ? f_plane_restr      ? ? 
'X-RAY DIFFRACTION' ? 24.2335 ? 254 ? f_dihedral_angle_d ? ? 
# 
_refine_ls_shell.pdbx_refine_id                   'X-RAY DIFFRACTION' 
_refine_ls_shell.d_res_high                       1.83 
_refine_ls_shell.d_res_low                        2.1 
_refine_ls_shell.number_reflns_all                ? 
_refine_ls_shell.number_reflns_obs                ? 
_refine_ls_shell.number_reflns_R_free             40 
_refine_ls_shell.number_reflns_R_work             403 
_refine_ls_shell.percent_reflns_obs               99.6 
_refine_ls_shell.percent_reflns_R_free            ? 
_refine_ls_shell.R_factor_all                     ? 
_refine_ls_shell.R_factor_obs                     ? 
_refine_ls_shell.R_factor_R_free                  0.22 
_refine_ls_shell.R_factor_R_free_error            ? 
_refine_ls_shell.R_factor_R_work                  0.201 
_refine_ls_shell.redundancy_reflns_all            ? 
_refine_ls_shell.redundancy_reflns_obs            ? 
_refine_ls_shell.wR_factor_all                    ? 
_refine_ls_shell.wR_factor_obs                    ? 
_refine_ls_shell.wR_factor_R_free                 ? 
_refine_ls_shell.wR_factor_R_work                 ? 
_refine_ls_shell.pdbx_R_complete                  ? 
_refine_ls_shell.pdbx_total_number_of_bins_used   ? 
_refine_ls_shell.pdbx_phase_error                 ? 
_refine_ls_shell.pdbx_fsc_work                    ? 
_refine_ls_shell.pdbx_fsc_free                    ? 
# 
_struct.entry_id                     7F8F 
_struct.title                        'Roadblock from Odinarchaeota LCB_4' 
_struct.pdbx_model_details           ? 
_struct.pdbx_formula_weight          ? 
_struct.pdbx_formula_weight_method   ? 
_struct.pdbx_model_type_details      ? 
_struct.pdbx_CASP_flag               N 
# 
_struct_keywords.entry_id        7F8F 
_struct_keywords.text            'Asgard archaea, MGLB, roadblock, UNKNOWN FUNCTION' 
_struct_keywords.pdbx_keywords   'UNKNOWN FUNCTION' 
# 
loop_
_struct_asym.id 
_struct_asym.pdbx_blank_PDB_chainid_flag 
_struct_asym.pdbx_modified 
_struct_asym.entity_id 
_struct_asym.details 
A N N 1 ? 
B N N 2 ? 
# 
_struct_ref.id                         1 
_struct_ref.db_name                    UNP 
_struct_ref.db_code                    A0A1Q9N7N8_ODILC 
_struct_ref.pdbx_db_accession          A0A1Q9N7N8 
_struct_ref.pdbx_db_isoform            ? 
_struct_ref.entity_id                  1 
_struct_ref.pdbx_seq_one_letter_code   
;MIGEKDIQPILKNLQRFEGVRGVIITTTEGLPISTTIDREKTEKTAALVTSLVGKARSTVKELEEGELKFLTINTSKGEV
HVAQEEDYILIVLK
;
_struct_ref.pdbx_align_begin           1 
# 
_struct_ref_seq.align_id                      1 
_struct_ref_seq.ref_id                        1 
_struct_ref_seq.pdbx_PDB_id_code              7F8F 
_struct_ref_seq.pdbx_strand_id                A 
_struct_ref_seq.seq_align_beg                 1 
_struct_ref_seq.pdbx_seq_align_beg_ins_code   ? 
_struct_ref_seq.seq_align_end                 94 
_struct_ref_seq.pdbx_seq_align_end_ins_code   ? 
_struct_ref_seq.pdbx_db_accession             A0A1Q9N7N8 
_struct_ref_seq.db_align_beg                  1 
_struct_ref_seq.pdbx_db_align_beg_ins_code    ? 
_struct_ref_seq.db_align_end                  94 
_struct_ref_seq.pdbx_db_align_end_ins_code    ? 
_struct_ref_seq.pdbx_auth_seq_align_beg       -1 
_struct_ref_seq.pdbx_auth_seq_align_end       92 
# 
_pdbx_struct_assembly.id                   1 
_pdbx_struct_assembly.details              author_and_software_defined_assembly 
_pdbx_struct_assembly.method_details       PISA 
_pdbx_struct_assembly.oligomeric_details   dimeric 
_pdbx_struct_assembly.oligomeric_count     2 
# 
loop_
_pdbx_struct_assembly_prop.biol_id 
_pdbx_struct_assembly_prop.type 
_pdbx_struct_assembly_prop.value 
_pdbx_struct_assembly_prop.details 
1 'ABSA (A^2)' 3010 ? 
1 MORE         -18  ? 
1 'SSA (A^2)'  8700 ? 
# 
_pdbx_struct_assembly_gen.assembly_id       1 
_pdbx_struct_assembly_gen.oper_expression   1,2 
_pdbx_struct_assembly_gen.asym_id_list      A,B 
# 
_pdbx_struct_assembly_auth_evidence.id                     1 
_pdbx_struct_assembly_auth_evidence.assembly_id            1 
_pdbx_struct_assembly_auth_evidence.experimental_support   homology 
_pdbx_struct_assembly_auth_evidence.details                ? 
# 
loop_
_pdbx_struct_oper_list.id 
_pdbx_struct_oper_list.type 
_pdbx_struct_oper_list.name 
_pdbx_struct_oper_list.symmetry_operation 
_pdbx_struct_oper_list.matrix[1][1] 
_pdbx_struct_oper_list.matrix[1][2] 
_pdbx_struct_oper_list.matrix[1][3] 
_pdbx_struct_oper_list.vector[1] 
_pdbx_struct_oper_list.matrix[2][1] 
_pdbx_struct_oper_list.matrix[2][2] 
_pdbx_struct_oper_list.matrix[2][3] 
_pdbx_struct_oper_list.vector[2] 
_pdbx_struct_oper_list.matrix[3][1] 
_pdbx_struct_oper_list.matrix[3][2] 
_pdbx_struct_oper_list.matrix[3][3] 
_pdbx_struct_oper_list.vector[3] 
1 'identity operation'         1_555 x,y,z       1.0000000000  0.0000000000 0.0000000000 0.0000000000  0.0000000000 1.0000000000  0.0000000000 0.0000000000  0.0000000000 0.0000000000 1.0000000000 0.0000000000  
2 'crystal symmetry operation' 6_555 -x,-y+1/2,z -0.1567982565 0.2537025879 0.9544890275 -2.9649971872 0.2537025879 -0.9236659511 0.2871867122 17.9846270090 0.9544890275 0.2871867122 0.0804642076 -2.1610050592 
# 
_struct_conf.conf_type_id            HELX_P 
_struct_conf.id                      HELX_P1 
_struct_conf.pdbx_PDB_helix_id       AA1 
_struct_conf.beg_label_comp_id       ASP 
_struct_conf.beg_label_asym_id       A 
_struct_conf.beg_label_seq_id        38 
_struct_conf.pdbx_beg_PDB_ins_code   ? 
_struct_conf.end_label_comp_id       GLU 
_struct_conf.end_label_asym_id       A 
_struct_conf.end_label_seq_id        64 
_struct_conf.pdbx_end_PDB_ins_code   ? 
_struct_conf.beg_auth_comp_id        ASP 
_struct_conf.beg_auth_asym_id        A 
_struct_conf.beg_auth_seq_id         36 
_struct_conf.end_auth_comp_id        GLU 
_struct_conf.end_auth_asym_id        A 
_struct_conf.end_auth_seq_id         62 
_struct_conf.pdbx_PDB_helix_class    1 
_struct_conf.details                 ? 
_struct_conf.pdbx_PDB_helix_length   27 
# 
_struct_conf_type.id          HELX_P 
_struct_conf_type.criteria    ? 
_struct_conf_type.reference   ? 
# 
_struct_sheet.id               AA1 
_struct_sheet.type             ? 
_struct_sheet.number_strands   5 
_struct_sheet.details          ? 
# 
loop_
_struct_sheet_order.sheet_id 
_struct_sheet_order.range_id_1 
_struct_sheet_order.range_id_2 
_struct_sheet_order.offset 
_struct_sheet_order.sense 
AA1 1 2 ? anti-parallel 
AA1 2 3 ? anti-parallel 
AA1 3 4 ? anti-parallel 
AA1 4 5 ? anti-parallel 
# 
loop_
_struct_sheet_range.sheet_id 
_struct_sheet_range.id 
_struct_sheet_range.beg_label_comp_id 
_struct_sheet_range.beg_label_asym_id 
_struct_sheet_range.beg_label_seq_id 
_struct_sheet_range.pdbx_beg_PDB_ins_code 
_struct_sheet_range.end_label_comp_id 
_struct_sheet_range.end_label_asym_id 
_struct_sheet_range.end_label_seq_id 
_struct_sheet_range.pdbx_end_PDB_ins_code 
_struct_sheet_range.beg_auth_comp_id 
_struct_sheet_range.beg_auth_asym_id 
_struct_sheet_range.beg_auth_seq_id 
_struct_sheet_range.end_auth_comp_id 
_struct_sheet_range.end_auth_asym_id 
_struct_sheet_range.end_auth_seq_id 
AA1 1 PRO A 32 ? THR A 35 ? PRO A 30 THR A 33 
AA1 2 GLY A 22 ? THR A 27 ? GLY A 20 THR A 25 
AA1 3 TYR A 88 ? LYS A 94 ? TYR A 86 LYS A 92 
AA1 4 GLU A 79 ? GLN A 84 ? GLU A 77 GLN A 82 
AA1 5 LEU A 71 ? ASN A 74 ? LEU A 69 ASN A 72 
# 
loop_
_pdbx_struct_sheet_hbond.sheet_id 
_pdbx_struct_sheet_hbond.range_id_1 
_pdbx_struct_sheet_hbond.range_id_2 
_pdbx_struct_sheet_hbond.range_1_label_atom_id 
_pdbx_struct_sheet_hbond.range_1_label_comp_id 
_pdbx_struct_sheet_hbond.range_1_label_asym_id 
_pdbx_struct_sheet_hbond.range_1_label_seq_id 
_pdbx_struct_sheet_hbond.range_1_PDB_ins_code 
_pdbx_struct_sheet_hbond.range_1_auth_atom_id 
_pdbx_struct_sheet_hbond.range_1_auth_comp_id 
_pdbx_struct_sheet_hbond.range_1_auth_asym_id 
_pdbx_struct_sheet_hbond.range_1_auth_seq_id 
_pdbx_struct_sheet_hbond.range_2_label_atom_id 
_pdbx_struct_sheet_hbond.range_2_label_comp_id 
_pdbx_struct_sheet_hbond.range_2_label_asym_id 
_pdbx_struct_sheet_hbond.range_2_label_seq_id 
_pdbx_struct_sheet_hbond.range_2_PDB_ins_code 
_pdbx_struct_sheet_hbond.range_2_auth_atom_id 
_pdbx_struct_sheet_hbond.range_2_auth_comp_id 
_pdbx_struct_sheet_hbond.range_2_auth_asym_id 
_pdbx_struct_sheet_hbond.range_2_auth_seq_id 
AA1 1 2 O ILE A 33 ? O ILE A 31 N ILE A 25 ? N ILE A 23 
AA1 2 3 N GLY A 22 ? N GLY A 20 O LEU A 93 ? O LEU A 91 
AA1 3 4 O LEU A 90 ? O LEU A 88 N ALA A 83 ? N ALA A 81 
AA1 4 5 O VAL A 82 ? O VAL A 80 N LEU A 71 ? N LEU A 69 
# 
_pdbx_entry_details.entry_id                   7F8F 
_pdbx_entry_details.compound_details           ? 
_pdbx_entry_details.source_details             ? 
_pdbx_entry_details.nonpolymer_details         ? 
_pdbx_entry_details.sequence_details           ? 
_pdbx_entry_details.has_ligand_of_interest     ? 
_pdbx_entry_details.has_protein_modification   N 
# 
loop_
_pdbx_validate_close_contact.id 
_pdbx_validate_close_contact.PDB_model_num 
_pdbx_validate_close_contact.auth_atom_id_1 
_pdbx_validate_close_contact.auth_asym_id_1 
_pdbx_validate_close_contact.auth_comp_id_1 
_pdbx_validate_close_contact.auth_seq_id_1 
_pdbx_validate_close_contact.PDB_ins_code_1 
_pdbx_validate_close_contact.label_alt_id_1 
_pdbx_validate_close_contact.auth_atom_id_2 
_pdbx_validate_close_contact.auth_asym_id_2 
_pdbx_validate_close_contact.auth_comp_id_2 
_pdbx_validate_close_contact.auth_seq_id_2 
_pdbx_validate_close_contact.PDB_ins_code_2 
_pdbx_validate_close_contact.label_alt_id_2 
_pdbx_validate_close_contact.dist 
1 1 O A HOH 133 ? ? O A HOH 137 ? ? 1.87 
2 1 O A HOH 129 ? ? O A HOH 141 ? ? 2.16 
# 
loop_
_pdbx_struct_special_symmetry.id 
_pdbx_struct_special_symmetry.PDB_model_num 
_pdbx_struct_special_symmetry.auth_asym_id 
_pdbx_struct_special_symmetry.auth_comp_id 
_pdbx_struct_special_symmetry.auth_seq_id 
_pdbx_struct_special_symmetry.PDB_ins_code 
_pdbx_struct_special_symmetry.label_asym_id 
_pdbx_struct_special_symmetry.label_comp_id 
_pdbx_struct_special_symmetry.label_seq_id 
1 1 A HOH 143 ? B HOH . 
2 1 A HOH 144 ? B HOH . 
# 
loop_
_space_group_symop.id 
_space_group_symop.operation_xyz 
1 x,y,z             
2 x,-y,-z+1/2       
3 -x+1/2,y,-z       
4 -x,-y+1/2,z       
5 x+1/2,y+1/2,z+1/2 
6 x+1/2,-y+1/2,-z+1 
7 -x+1,y+1/2,-z+1/2 
8 -x+1/2,-y+1,z+1/2 
# 
loop_
_pdbx_unobs_or_zero_occ_residues.id 
_pdbx_unobs_or_zero_occ_residues.PDB_model_num 
_pdbx_unobs_or_zero_occ_residues.polymer_flag 
_pdbx_unobs_or_zero_occ_residues.occupancy_flag 
_pdbx_unobs_or_zero_occ_residues.auth_asym_id 
_pdbx_unobs_or_zero_occ_residues.auth_comp_id 
_pdbx_unobs_or_zero_occ_residues.auth_seq_id 
_pdbx_unobs_or_zero_occ_residues.PDB_ins_code 
_pdbx_unobs_or_zero_occ_residues.label_asym_id 
_pdbx_unobs_or_zero_occ_residues.label_comp_id 
_pdbx_unobs_or_zero_occ_residues.label_seq_id 
1  1 Y 1 A MET -1 ? A MET 1  
2  1 Y 1 A ILE 0  ? A ILE 2  
3  1 Y 1 A GLY 1  ? A GLY 3  
4  1 Y 1 A GLU 2  ? A GLU 4  
5  1 Y 1 A LYS 3  ? A LYS 5  
6  1 Y 1 A ASP 4  ? A ASP 6  
7  1 Y 1 A ILE 5  ? A ILE 7  
8  1 Y 1 A GLN 6  ? A GLN 8  
9  1 Y 1 A PRO 7  ? A PRO 9  
10 1 Y 1 A ILE 8  ? A ILE 10 
11 1 Y 1 A LEU 9  ? A LEU 11 
12 1 Y 1 A LYS 10 ? A LYS 12 
13 1 Y 1 A ASN 11 ? A ASN 13 
14 1 Y 1 A LEU 12 ? A LEU 14 
# 
loop_
_chem_comp_atom.comp_id 
_chem_comp_atom.atom_id 
_chem_comp_atom.type_symbol 
_chem_comp_atom.pdbx_aromatic_flag 
_chem_comp_atom.pdbx_stereo_config 
_chem_comp_atom.pdbx_ordinal 
ALA N    N N N 1   
ALA CA   C N S 2   
ALA C    C N N 3   
ALA O    O N N 4   
ALA CB   C N N 5   
ALA OXT  O N N 6   
ALA H    H N N 7   
ALA H2   H N N 8   
ALA HA   H N N 9   
ALA HB1  H N N 10  
ALA HB2  H N N 11  
ALA HB3  H N N 12  
ALA HXT  H N N 13  
ARG N    N N N 14  
ARG CA   C N S 15  
ARG C    C N N 16  
ARG O    O N N 17  
ARG CB   C N N 18  
ARG CG   C N N 19  
ARG CD   C N N 20  
ARG NE   N N N 21  
ARG CZ   C N N 22  
ARG NH1  N N N 23  
ARG NH2  N N N 24  
ARG OXT  O N N 25  
ARG H    H N N 26  
ARG H2   H N N 27  
ARG HA   H N N 28  
ARG HB2  H N N 29  
ARG HB3  H N N 30  
ARG HG2  H N N 31  
ARG HG3  H N N 32  
ARG HD2  H N N 33  
ARG HD3  H N N 34  
ARG HE   H N N 35  
ARG HH11 H N N 36  
ARG HH12 H N N 37  
ARG HH21 H N N 38  
ARG HH22 H N N 39  
ARG HXT  H N N 40  
ASN N    N N N 41  
ASN CA   C N S 42  
ASN C    C N N 43  
ASN O    O N N 44  
ASN CB   C N N 45  
ASN CG   C N N 46  
ASN OD1  O N N 47  
ASN ND2  N N N 48  
ASN OXT  O N N 49  
ASN H    H N N 50  
ASN H2   H N N 51  
ASN HA   H N N 52  
ASN HB2  H N N 53  
ASN HB3  H N N 54  
ASN HD21 H N N 55  
ASN HD22 H N N 56  
ASN HXT  H N N 57  
ASP N    N N N 58  
ASP CA   C N S 59  
ASP C    C N N 60  
ASP O    O N N 61  
ASP CB   C N N 62  
ASP CG   C N N 63  
ASP OD1  O N N 64  
ASP OD2  O N N 65  
ASP OXT  O N N 66  
ASP H    H N N 67  
ASP H2   H N N 68  
ASP HA   H N N 69  
ASP HB2  H N N 70  
ASP HB3  H N N 71  
ASP HD2  H N N 72  
ASP HXT  H N N 73  
GLN N    N N N 74  
GLN CA   C N S 75  
GLN C    C N N 76  
GLN O    O N N 77  
GLN CB   C N N 78  
GLN CG   C N N 79  
GLN CD   C N N 80  
GLN OE1  O N N 81  
GLN NE2  N N N 82  
GLN OXT  O N N 83  
GLN H    H N N 84  
GLN H2   H N N 85  
GLN HA   H N N 86  
GLN HB2  H N N 87  
GLN HB3  H N N 88  
GLN HG2  H N N 89  
GLN HG3  H N N 90  
GLN HE21 H N N 91  
GLN HE22 H N N 92  
GLN HXT  H N N 93  
GLU N    N N N 94  
GLU CA   C N S 95  
GLU C    C N N 96  
GLU O    O N N 97  
GLU CB   C N N 98  
GLU CG   C N N 99  
GLU CD   C N N 100 
GLU OE1  O N N 101 
GLU OE2  O N N 102 
GLU OXT  O N N 103 
GLU H    H N N 104 
GLU H2   H N N 105 
GLU HA   H N N 106 
GLU HB2  H N N 107 
GLU HB3  H N N 108 
GLU HG2  H N N 109 
GLU HG3  H N N 110 
GLU HE2  H N N 111 
GLU HXT  H N N 112 
GLY N    N N N 113 
GLY CA   C N N 114 
GLY C    C N N 115 
GLY O    O N N 116 
GLY OXT  O N N 117 
GLY H    H N N 118 
GLY H2   H N N 119 
GLY HA2  H N N 120 
GLY HA3  H N N 121 
GLY HXT  H N N 122 
HIS N    N N N 123 
HIS CA   C N S 124 
HIS C    C N N 125 
HIS O    O N N 126 
HIS CB   C N N 127 
HIS CG   C Y N 128 
HIS ND1  N Y N 129 
HIS CD2  C Y N 130 
HIS CE1  C Y N 131 
HIS NE2  N Y N 132 
HIS OXT  O N N 133 
HIS H    H N N 134 
HIS H2   H N N 135 
HIS HA   H N N 136 
HIS HB2  H N N 137 
HIS HB3  H N N 138 
HIS HD1  H N N 139 
HIS HD2  H N N 140 
HIS HE1  H N N 141 
HIS HE2  H N N 142 
HIS HXT  H N N 143 
HOH O    O N N 144 
HOH H1   H N N 145 
HOH H2   H N N 146 
ILE N    N N N 147 
ILE CA   C N S 148 
ILE C    C N N 149 
ILE O    O N N 150 
ILE CB   C N S 151 
ILE CG1  C N N 152 
ILE CG2  C N N 153 
ILE CD1  C N N 154 
ILE OXT  O N N 155 
ILE H    H N N 156 
ILE H2   H N N 157 
ILE HA   H N N 158 
ILE HB   H N N 159 
ILE HG12 H N N 160 
ILE HG13 H N N 161 
ILE HG21 H N N 162 
ILE HG22 H N N 163 
ILE HG23 H N N 164 
ILE HD11 H N N 165 
ILE HD12 H N N 166 
ILE HD13 H N N 167 
ILE HXT  H N N 168 
LEU N    N N N 169 
LEU CA   C N S 170 
LEU C    C N N 171 
LEU O    O N N 172 
LEU CB   C N N 173 
LEU CG   C N N 174 
LEU CD1  C N N 175 
LEU CD2  C N N 176 
LEU OXT  O N N 177 
LEU H    H N N 178 
LEU H2   H N N 179 
LEU HA   H N N 180 
LEU HB2  H N N 181 
LEU HB3  H N N 182 
LEU HG   H N N 183 
LEU HD11 H N N 184 
LEU HD12 H N N 185 
LEU HD13 H N N 186 
LEU HD21 H N N 187 
LEU HD22 H N N 188 
LEU HD23 H N N 189 
LEU HXT  H N N 190 
LYS N    N N N 191 
LYS CA   C N S 192 
LYS C    C N N 193 
LYS O    O N N 194 
LYS CB   C N N 195 
LYS CG   C N N 196 
LYS CD   C N N 197 
LYS CE   C N N 198 
LYS NZ   N N N 199 
LYS OXT  O N N 200 
LYS H    H N N 201 
LYS H2   H N N 202 
LYS HA   H N N 203 
LYS HB2  H N N 204 
LYS HB3  H N N 205 
LYS HG2  H N N 206 
LYS HG3  H N N 207 
LYS HD2  H N N 208 
LYS HD3  H N N 209 
LYS HE2  H N N 210 
LYS HE3  H N N 211 
LYS HZ1  H N N 212 
LYS HZ2  H N N 213 
LYS HZ3  H N N 214 
LYS HXT  H N N 215 
MET N    N N N 216 
MET CA   C N S 217 
MET C    C N N 218 
MET O    O N N 219 
MET CB   C N N 220 
MET CG   C N N 221 
MET SD   S N N 222 
MET CE   C N N 223 
MET OXT  O N N 224 
MET H    H N N 225 
MET H2   H N N 226 
MET HA   H N N 227 
MET HB2  H N N 228 
MET HB3  H N N 229 
MET HG2  H N N 230 
MET HG3  H N N 231 
MET HE1  H N N 232 
MET HE2  H N N 233 
MET HE3  H N N 234 
MET HXT  H N N 235 
PHE N    N N N 236 
PHE CA   C N S 237 
PHE C    C N N 238 
PHE O    O N N 239 
PHE CB   C N N 240 
PHE CG   C Y N 241 
PHE CD1  C Y N 242 
PHE CD2  C Y N 243 
PHE CE1  C Y N 244 
PHE CE2  C Y N 245 
PHE CZ   C Y N 246 
PHE OXT  O N N 247 
PHE H    H N N 248 
PHE H2   H N N 249 
PHE HA   H N N 250 
PHE HB2  H N N 251 
PHE HB3  H N N 252 
PHE HD1  H N N 253 
PHE HD2  H N N 254 
PHE HE1  H N N 255 
PHE HE2  H N N 256 
PHE HZ   H N N 257 
PHE HXT  H N N 258 
PRO N    N N N 259 
PRO CA   C N S 260 
PRO C    C N N 261 
PRO O    O N N 262 
PRO CB   C N N 263 
PRO CG   C N N 264 
PRO CD   C N N 265 
PRO OXT  O N N 266 
PRO H    H N N 267 
PRO HA   H N N 268 
PRO HB2  H N N 269 
PRO HB3  H N N 270 
PRO HG2  H N N 271 
PRO HG3  H N N 272 
PRO HD2  H N N 273 
PRO HD3  H N N 274 
PRO HXT  H N N 275 
SER N    N N N 276 
SER CA   C N S 277 
SER C    C N N 278 
SER O    O N N 279 
SER CB   C N N 280 
SER OG   O N N 281 
SER OXT  O N N 282 
SER H    H N N 283 
SER H2   H N N 284 
SER HA   H N N 285 
SER HB2  H N N 286 
SER HB3  H N N 287 
SER HG   H N N 288 
SER HXT  H N N 289 
THR N    N N N 290 
THR CA   C N S 291 
THR C    C N N 292 
THR O    O N N 293 
THR CB   C N R 294 
THR OG1  O N N 295 
THR CG2  C N N 296 
THR OXT  O N N 297 
THR H    H N N 298 
THR H2   H N N 299 
THR HA   H N N 300 
THR HB   H N N 301 
THR HG1  H N N 302 
THR HG21 H N N 303 
THR HG22 H N N 304 
THR HG23 H N N 305 
THR HXT  H N N 306 
TYR N    N N N 307 
TYR CA   C N S 308 
TYR C    C N N 309 
TYR O    O N N 310 
TYR CB   C N N 311 
TYR CG   C Y N 312 
TYR CD1  C Y N 313 
TYR CD2  C Y N 314 
TYR CE1  C Y N 315 
TYR CE2  C Y N 316 
TYR CZ   C Y N 317 
TYR OH   O N N 318 
TYR OXT  O N N 319 
TYR H    H N N 320 
TYR H2   H N N 321 
TYR HA   H N N 322 
TYR HB2  H N N 323 
TYR HB3  H N N 324 
TYR HD1  H N N 325 
TYR HD2  H N N 326 
TYR HE1  H N N 327 
TYR HE2  H N N 328 
TYR HH   H N N 329 
TYR HXT  H N N 330 
VAL N    N N N 331 
VAL CA   C N S 332 
VAL C    C N N 333 
VAL O    O N N 334 
VAL CB   C N N 335 
VAL CG1  C N N 336 
VAL CG2  C N N 337 
VAL OXT  O N N 338 
VAL H    H N N 339 
VAL H2   H N N 340 
VAL HA   H N N 341 
VAL HB   H N N 342 
VAL HG11 H N N 343 
VAL HG12 H N N 344 
VAL HG13 H N N 345 
VAL HG21 H N N 346 
VAL HG22 H N N 347 
VAL HG23 H N N 348 
VAL HXT  H N N 349 
# 
loop_
_chem_comp_bond.comp_id 
_chem_comp_bond.atom_id_1 
_chem_comp_bond.atom_id_2 
_chem_comp_bond.value_order 
_chem_comp_bond.pdbx_aromatic_flag 
_chem_comp_bond.pdbx_stereo_config 
_chem_comp_bond.pdbx_ordinal 
ALA N   CA   sing N N 1   
ALA N   H    sing N N 2   
ALA N   H2   sing N N 3   
ALA CA  C    sing N N 4   
ALA CA  CB   sing N N 5   
ALA CA  HA   sing N N 6   
ALA C   O    doub N N 7   
ALA C   OXT  sing N N 8   
ALA CB  HB1  sing N N 9   
ALA CB  HB2  sing N N 10  
ALA CB  HB3  sing N N 11  
ALA OXT HXT  sing N N 12  
ARG N   CA   sing N N 13  
ARG N   H    sing N N 14  
ARG N   H2   sing N N 15  
ARG CA  C    sing N N 16  
ARG CA  CB   sing N N 17  
ARG CA  HA   sing N N 18  
ARG C   O    doub N N 19  
ARG C   OXT  sing N N 20  
ARG CB  CG   sing N N 21  
ARG CB  HB2  sing N N 22  
ARG CB  HB3  sing N N 23  
ARG CG  CD   sing N N 24  
ARG CG  HG2  sing N N 25  
ARG CG  HG3  sing N N 26  
ARG CD  NE   sing N N 27  
ARG CD  HD2  sing N N 28  
ARG CD  HD3  sing N N 29  
ARG NE  CZ   sing N N 30  
ARG NE  HE   sing N N 31  
ARG CZ  NH1  sing N N 32  
ARG CZ  NH2  doub N N 33  
ARG NH1 HH11 sing N N 34  
ARG NH1 HH12 sing N N 35  
ARG NH2 HH21 sing N N 36  
ARG NH2 HH22 sing N N 37  
ARG OXT HXT  sing N N 38  
ASN N   CA   sing N N 39  
ASN N   H    sing N N 40  
ASN N   H2   sing N N 41  
ASN CA  C    sing N N 42  
ASN CA  CB   sing N N 43  
ASN CA  HA   sing N N 44  
ASN C   O    doub N N 45  
ASN C   OXT  sing N N 46  
ASN CB  CG   sing N N 47  
ASN CB  HB2  sing N N 48  
ASN CB  HB3  sing N N 49  
ASN CG  OD1  doub N N 50  
ASN CG  ND2  sing N N 51  
ASN ND2 HD21 sing N N 52  
ASN ND2 HD22 sing N N 53  
ASN OXT HXT  sing N N 54  
ASP N   CA   sing N N 55  
ASP N   H    sing N N 56  
ASP N   H2   sing N N 57  
ASP CA  C    sing N N 58  
ASP CA  CB   sing N N 59  
ASP CA  HA   sing N N 60  
ASP C   O    doub N N 61  
ASP C   OXT  sing N N 62  
ASP CB  CG   sing N N 63  
ASP CB  HB2  sing N N 64  
ASP CB  HB3  sing N N 65  
ASP CG  OD1  doub N N 66  
ASP CG  OD2  sing N N 67  
ASP OD2 HD2  sing N N 68  
ASP OXT HXT  sing N N 69  
GLN N   CA   sing N N 70  
GLN N   H    sing N N 71  
GLN N   H2   sing N N 72  
GLN CA  C    sing N N 73  
GLN CA  CB   sing N N 74  
GLN CA  HA   sing N N 75  
GLN C   O    doub N N 76  
GLN C   OXT  sing N N 77  
GLN CB  CG   sing N N 78  
GLN CB  HB2  sing N N 79  
GLN CB  HB3  sing N N 80  
GLN CG  CD   sing N N 81  
GLN CG  HG2  sing N N 82  
GLN CG  HG3  sing N N 83  
GLN CD  OE1  doub N N 84  
GLN CD  NE2  sing N N 85  
GLN NE2 HE21 sing N N 86  
GLN NE2 HE22 sing N N 87  
GLN OXT HXT  sing N N 88  
GLU N   CA   sing N N 89  
GLU N   H    sing N N 90  
GLU N   H2   sing N N 91  
GLU CA  C    sing N N 92  
GLU CA  CB   sing N N 93  
GLU CA  HA   sing N N 94  
GLU C   O    doub N N 95  
GLU C   OXT  sing N N 96  
GLU CB  CG   sing N N 97  
GLU CB  HB2  sing N N 98  
GLU CB  HB3  sing N N 99  
GLU CG  CD   sing N N 100 
GLU CG  HG2  sing N N 101 
GLU CG  HG3  sing N N 102 
GLU CD  OE1  doub N N 103 
GLU CD  OE2  sing N N 104 
GLU OE2 HE2  sing N N 105 
GLU OXT HXT  sing N N 106 
GLY N   CA   sing N N 107 
GLY N   H    sing N N 108 
GLY N   H2   sing N N 109 
GLY CA  C    sing N N 110 
GLY CA  HA2  sing N N 111 
GLY CA  HA3  sing N N 112 
GLY C   O    doub N N 113 
GLY C   OXT  sing N N 114 
GLY OXT HXT  sing N N 115 
HIS N   CA   sing N N 116 
HIS N   H    sing N N 117 
HIS N   H2   sing N N 118 
HIS CA  C    sing N N 119 
HIS CA  CB   sing N N 120 
HIS CA  HA   sing N N 121 
HIS C   O    doub N N 122 
HIS C   OXT  sing N N 123 
HIS CB  CG   sing N N 124 
HIS CB  HB2  sing N N 125 
HIS CB  HB3  sing N N 126 
HIS CG  ND1  sing Y N 127 
HIS CG  CD2  doub Y N 128 
HIS ND1 CE1  doub Y N 129 
HIS ND1 HD1  sing N N 130 
HIS CD2 NE2  sing Y N 131 
HIS CD2 HD2  sing N N 132 
HIS CE1 NE2  sing Y N 133 
HIS CE1 HE1  sing N N 134 
HIS NE2 HE2  sing N N 135 
HIS OXT HXT  sing N N 136 
HOH O   H1   sing N N 137 
HOH O   H2   sing N N 138 
ILE N   CA   sing N N 139 
ILE N   H    sing N N 140 
ILE N   H2   sing N N 141 
ILE CA  C    sing N N 142 
ILE CA  CB   sing N N 143 
ILE CA  HA   sing N N 144 
ILE C   O    doub N N 145 
ILE C   OXT  sing N N 146 
ILE CB  CG1  sing N N 147 
ILE CB  CG2  sing N N 148 
ILE CB  HB   sing N N 149 
ILE CG1 CD1  sing N N 150 
ILE CG1 HG12 sing N N 151 
ILE CG1 HG13 sing N N 152 
ILE CG2 HG21 sing N N 153 
ILE CG2 HG22 sing N N 154 
ILE CG2 HG23 sing N N 155 
ILE CD1 HD11 sing N N 156 
ILE CD1 HD12 sing N N 157 
ILE CD1 HD13 sing N N 158 
ILE OXT HXT  sing N N 159 
LEU N   CA   sing N N 160 
LEU N   H    sing N N 161 
LEU N   H2   sing N N 162 
LEU CA  C    sing N N 163 
LEU CA  CB   sing N N 164 
LEU CA  HA   sing N N 165 
LEU C   O    doub N N 166 
LEU C   OXT  sing N N 167 
LEU CB  CG   sing N N 168 
LEU CB  HB2  sing N N 169 
LEU CB  HB3  sing N N 170 
LEU CG  CD1  sing N N 171 
LEU CG  CD2  sing N N 172 
LEU CG  HG   sing N N 173 
LEU CD1 HD11 sing N N 174 
LEU CD1 HD12 sing N N 175 
LEU CD1 HD13 sing N N 176 
LEU CD2 HD21 sing N N 177 
LEU CD2 HD22 sing N N 178 
LEU CD2 HD23 sing N N 179 
LEU OXT HXT  sing N N 180 
LYS N   CA   sing N N 181 
LYS N   H    sing N N 182 
LYS N   H2   sing N N 183 
LYS CA  C    sing N N 184 
LYS CA  CB   sing N N 185 
LYS CA  HA   sing N N 186 
LYS C   O    doub N N 187 
LYS C   OXT  sing N N 188 
LYS CB  CG   sing N N 189 
LYS CB  HB2  sing N N 190 
LYS CB  HB3  sing N N 191 
LYS CG  CD   sing N N 192 
LYS CG  HG2  sing N N 193 
LYS CG  HG3  sing N N 194 
LYS CD  CE   sing N N 195 
LYS CD  HD2  sing N N 196 
LYS CD  HD3  sing N N 197 
LYS CE  NZ   sing N N 198 
LYS CE  HE2  sing N N 199 
LYS CE  HE3  sing N N 200 
LYS NZ  HZ1  sing N N 201 
LYS NZ  HZ2  sing N N 202 
LYS NZ  HZ3  sing N N 203 
LYS OXT HXT  sing N N 204 
MET N   CA   sing N N 205 
MET N   H    sing N N 206 
MET N   H2   sing N N 207 
MET CA  C    sing N N 208 
MET CA  CB   sing N N 209 
MET CA  HA   sing N N 210 
MET C   O    doub N N 211 
MET C   OXT  sing N N 212 
MET CB  CG   sing N N 213 
MET CB  HB2  sing N N 214 
MET CB  HB3  sing N N 215 
MET CG  SD   sing N N 216 
MET CG  HG2  sing N N 217 
MET CG  HG3  sing N N 218 
MET SD  CE   sing N N 219 
MET CE  HE1  sing N N 220 
MET CE  HE2  sing N N 221 
MET CE  HE3  sing N N 222 
MET OXT HXT  sing N N 223 
PHE N   CA   sing N N 224 
PHE N   H    sing N N 225 
PHE N   H2   sing N N 226 
PHE CA  C    sing N N 227 
PHE CA  CB   sing N N 228 
PHE CA  HA   sing N N 229 
PHE C   O    doub N N 230 
PHE C   OXT  sing N N 231 
PHE CB  CG   sing N N 232 
PHE CB  HB2  sing N N 233 
PHE CB  HB3  sing N N 234 
PHE CG  CD1  doub Y N 235 
PHE CG  CD2  sing Y N 236 
PHE CD1 CE1  sing Y N 237 
PHE CD1 HD1  sing N N 238 
PHE CD2 CE2  doub Y N 239 
PHE CD2 HD2  sing N N 240 
PHE CE1 CZ   doub Y N 241 
PHE CE1 HE1  sing N N 242 
PHE CE2 CZ   sing Y N 243 
PHE CE2 HE2  sing N N 244 
PHE CZ  HZ   sing N N 245 
PHE OXT HXT  sing N N 246 
PRO N   CA   sing N N 247 
PRO N   CD   sing N N 248 
PRO N   H    sing N N 249 
PRO CA  C    sing N N 250 
PRO CA  CB   sing N N 251 
PRO CA  HA   sing N N 252 
PRO C   O    doub N N 253 
PRO C   OXT  sing N N 254 
PRO CB  CG   sing N N 255 
PRO CB  HB2  sing N N 256 
PRO CB  HB3  sing N N 257 
PRO CG  CD   sing N N 258 
PRO CG  HG2  sing N N 259 
PRO CG  HG3  sing N N 260 
PRO CD  HD2  sing N N 261 
PRO CD  HD3  sing N N 262 
PRO OXT HXT  sing N N 263 
SER N   CA   sing N N 264 
SER N   H    sing N N 265 
SER N   H2   sing N N 266 
SER CA  C    sing N N 267 
SER CA  CB   sing N N 268 
SER CA  HA   sing N N 269 
SER C   O    doub N N 270 
SER C   OXT  sing N N 271 
SER CB  OG   sing N N 272 
SER CB  HB2  sing N N 273 
SER CB  HB3  sing N N 274 
SER OG  HG   sing N N 275 
SER OXT HXT  sing N N 276 
THR N   CA   sing N N 277 
THR N   H    sing N N 278 
THR N   H2   sing N N 279 
THR CA  C    sing N N 280 
THR CA  CB   sing N N 281 
THR CA  HA   sing N N 282 
THR C   O    doub N N 283 
THR C   OXT  sing N N 284 
THR CB  OG1  sing N N 285 
THR CB  CG2  sing N N 286 
THR CB  HB   sing N N 287 
THR OG1 HG1  sing N N 288 
THR CG2 HG21 sing N N 289 
THR CG2 HG22 sing N N 290 
THR CG2 HG23 sing N N 291 
THR OXT HXT  sing N N 292 
TYR N   CA   sing N N 293 
TYR N   H    sing N N 294 
TYR N   H2   sing N N 295 
TYR CA  C    sing N N 296 
TYR CA  CB   sing N N 297 
TYR CA  HA   sing N N 298 
TYR C   O    doub N N 299 
TYR C   OXT  sing N N 300 
TYR CB  CG   sing N N 301 
TYR CB  HB2  sing N N 302 
TYR CB  HB3  sing N N 303 
TYR CG  CD1  doub Y N 304 
TYR CG  CD2  sing Y N 305 
TYR CD1 CE1  sing Y N 306 
TYR CD1 HD1  sing N N 307 
TYR CD2 CE2  doub Y N 308 
TYR CD2 HD2  sing N N 309 
TYR CE1 CZ   doub Y N 310 
TYR CE1 HE1  sing N N 311 
TYR CE2 CZ   sing Y N 312 
TYR CE2 HE2  sing N N 313 
TYR CZ  OH   sing N N 314 
TYR OH  HH   sing N N 315 
TYR OXT HXT  sing N N 316 
VAL N   CA   sing N N 317 
VAL N   H    sing N N 318 
VAL N   H2   sing N N 319 
VAL CA  C    sing N N 320 
VAL CA  CB   sing N N 321 
VAL CA  HA   sing N N 322 
VAL C   O    doub N N 323 
VAL C   OXT  sing N N 324 
VAL CB  CG1  sing N N 325 
VAL CB  CG2  sing N N 326 
VAL CB  HB   sing N N 327 
VAL CG1 HG11 sing N N 328 
VAL CG1 HG12 sing N N 329 
VAL CG1 HG13 sing N N 330 
VAL CG2 HG21 sing N N 331 
VAL CG2 HG22 sing N N 332 
VAL CG2 HG23 sing N N 333 
VAL OXT HXT  sing N N 334 
# 
loop_
_pdbx_audit_support.funding_organization 
_pdbx_audit_support.country 
_pdbx_audit_support.grant_number 
_pdbx_audit_support.ordinal 
'Japan Science and Technology'                      Japan           JPMJCR19S5                              1 
'Japan Society for the Promotion of Science (JSPS)' Japan           JP20H00476                              2 
'Other private'                                     'United States' 'Moore and Simons foundations GBMF9743' 3 
# 
_pdbx_initial_refinement_model.id               1 
_pdbx_initial_refinement_model.entity_id_list   ? 
_pdbx_initial_refinement_model.type             'experimental model' 
_pdbx_initial_refinement_model.source_name      PDB 
_pdbx_initial_refinement_model.accession_code   3L7H 
_pdbx_initial_refinement_model.details          ? 
# 
_space_group.crystal_system   orthorhombic 
_space_group.name_H-M_alt     'I 21 21 21' 
_space_group.IT_number        24 
_space_group.name_Hall        'I 2b 2c' 
_space_group.id               1 
# 
_atom_sites.entry_id                    7F8F 
_atom_sites.Cartn_transf_matrix[1][1]   ? 
_atom_sites.Cartn_transf_matrix[1][2]   ? 
_atom_sites.Cartn_transf_matrix[1][3]   ? 
_atom_sites.Cartn_transf_matrix[2][1]   ? 
_atom_sites.Cartn_transf_matrix[2][2]   ? 
_atom_sites.Cartn_transf_matrix[2][3]   ? 
_atom_sites.Cartn_transf_matrix[3][1]   ? 
_atom_sites.Cartn_transf_matrix[3][2]   ? 
_atom_sites.Cartn_transf_matrix[3][3]   ? 
_atom_sites.Cartn_transf_vector[1]      ? 
_atom_sites.Cartn_transf_vector[2]      ? 
_atom_sites.Cartn_transf_vector[3]      ? 
_atom_sites.fract_transf_matrix[1][1]   -0.00885640 
_atom_sites.fract_transf_matrix[1][2]   -0.01281564 
_atom_sites.fract_transf_matrix[1][3]   0.01123019 
_atom_sites.fract_transf_matrix[2][1]   -0.01020750 
_atom_sites.fract_transf_matrix[2][2]   0.01213044 
_atom_sites.fract_transf_matrix[2][3]   0.00579310 
_atom_sites.fract_transf_matrix[3][1]   -0.01084150 
_atom_sites.fract_transf_matrix[3][2]   -0.00326199 
_atom_sites.fract_transf_matrix[3][3]   -0.01227238 
_atom_sites.fract_transf_vector[1]      0.114247 
_atom_sites.fract_transf_vector[2]      0.132045 
_atom_sites.fract_transf_vector[3]      -0.187401 
_atom_sites.solution_primary            ? 
_atom_sites.solution_secondary          ? 
_atom_sites.solution_hydrogens          ? 
_atom_sites.special_details             ? 
# 
loop_
_atom_type.symbol 
C 
N 
O 
# 
loop_
_atom_site.group_PDB 
_atom_site.id 
_atom_site.type_symbol 
_atom_site.label_atom_id 
_atom_site.label_alt_id 
_atom_site.label_comp_id 
_atom_site.label_asym_id 
_atom_site.label_entity_id 
_atom_site.label_seq_id 
_atom_site.pdbx_PDB_ins_code 
_atom_site.Cartn_x 
_atom_site.Cartn_y 
_atom_site.Cartn_z 
_atom_site.occupancy 
_atom_site.B_iso_or_equiv 
_atom_site.pdbx_formal_charge 
_atom_site.auth_seq_id 
_atom_site.auth_comp_id 
_atom_site.auth_asym_id 
_atom_site.auth_atom_id 
_atom_site.pdbx_PDB_model_num 
ATOM   1   N N   . GLN A 1 15 ? 2.38530   -14.29776 10.00784  0.500 51.49038 ? 13  GLN A N   1 
ATOM   2   C CA  . GLN A 1 15 ? 2.57210   -13.90178 11.39879  1.000 54.20913 ? 13  GLN A CA  1 
ATOM   3   C C   . GLN A 1 15 ? 3.45467   -12.66480 11.49712  1.000 53.23533 ? 13  GLN A C   1 
ATOM   4   O O   . GLN A 1 15 ? 4.54285   -12.62530 10.92804  1.000 49.70859 ? 13  GLN A O   1 
ATOM   5   C CB  . GLN A 1 15 ? 3.18823   -15.04548 12.20746  1.000 68.48453 ? 13  GLN A CB  1 
ATOM   6   C CG  . GLN A 1 15 ? 2.43523   -16.35946 12.09949  1.000 74.69843 ? 13  GLN A CG  1 
ATOM   7   C CD  . GLN A 1 15 ? 0.99393   -16.24521 12.55189  1.000 77.94092 ? 13  GLN A CD  1 
ATOM   8   O OE1 . GLN A 1 15 ? 0.71430   -16.04583 13.73368  1.000 81.43608 ? 13  GLN A OE1 1 
ATOM   9   N NE2 . GLN A 1 15 ? 0.06782   -16.36783 11.60807  1.000 76.68025 ? 13  GLN A NE2 1 
ATOM   10  N N   . ARG A 1 16 ? 2.98449   -11.65885 12.22470  1.000 52.21416 ? 14  ARG A N   1 
ATOM   11  C CA  . ARG A 1 16 ? 3.72504   -10.42092 12.40878  1.000 54.29862 ? 14  ARG A CA  1 
ATOM   12  C C   . ARG A 1 16 ? 4.45582   -10.42471 13.74515  1.000 56.07778 ? 14  ARG A C   1 
ATOM   13  O O   . ARG A 1 16 ? 4.08469   -11.13096 14.68659  1.000 58.20172 ? 14  ARG A O   1 
ATOM   14  C CB  . ARG A 1 16 ? 2.79050   -9.21102  12.32230  1.000 50.26655 ? 14  ARG A CB  1 
ATOM   15  C CG  . ARG A 1 16 ? 1.64325   -9.23455  13.31620  1.000 55.62509 ? 14  ARG A CG  1 
ATOM   16  C CD  . ARG A 1 16 ? 0.59984   -8.18853  12.95857  1.000 58.25962 ? 14  ARG A CD  1 
ATOM   17  N NE  . ARG A 1 16 ? -0.75731  -8.68320  13.17061  1.000 58.98602 ? 14  ARG A NE  1 
ATOM   18  C CZ  . ARG A 1 16 ? -1.52558  -8.35143  14.20193  1.000 60.05983 ? 14  ARG A CZ  1 
ATOM   19  N NH1 . ARG A 1 16 ? -2.74711  -8.85588  14.30628  1.000 63.43392 ? 14  ARG A NH1 1 
ATOM   20  N NH2 . ARG A 1 16 ? -1.07906  -7.50936  15.12513  1.000 65.76052 ? 14  ARG A NH2 1 
ATOM   21  N N   . PHE A 1 17 ? 5.51369   -9.62142  13.81344  1.000 57.70166 ? 15  PHE A N   1 
ATOM   22  C CA  . PHE A 1 17 ? 6.27933   -9.45671  15.03613  1.000 64.42615 ? 15  PHE A CA  1 
ATOM   23  C C   . PHE A 1 17 ? 5.71556   -8.28891  15.84553  1.000 66.71063 ? 15  PHE A C   1 
ATOM   24  O O   . PHE A 1 17 ? 4.73355   -7.64881  15.46127  1.000 64.28402 ? 15  PHE A O   1 
ATOM   25  C CB  . PHE A 1 17 ? 7.75976   -9.26015  14.71278  1.000 60.27565 ? 15  PHE A CB  1 
ATOM   26  C CG  . PHE A 1 17 ? 8.43138   -10.49280 14.17093  1.000 62.82069 ? 15  PHE A CG  1 
ATOM   27  C CD1 . PHE A 1 17 ? 9.25693   -11.25790 14.97831  1.000 65.96054 ? 15  PHE A CD1 1 
ATOM   28  C CD2 . PHE A 1 17 ? 8.23356   -10.88933 12.85789  1.000 57.75429 ? 15  PHE A CD2 1 
ATOM   29  C CE1 . PHE A 1 17 ? 9.87515   -12.39220 14.48606  1.000 68.64770 ? 15  PHE A CE1 1 
ATOM   30  C CE2 . PHE A 1 17 ? 8.84709   -12.02361 12.36024  1.000 60.35197 ? 15  PHE A CE2 1 
ATOM   31  C CZ  . PHE A 1 17 ? 9.66946   -12.77547 13.17509  1.000 65.80263 ? 15  PHE A CZ  1 
ATOM   32  N N   . GLU A 1 18 ? 6.34335   -8.00613  16.98311  1.000 73.57461 ? 16  GLU A N   1 
ATOM   33  C CA  . GLU A 1 18 ? 5.85653   -6.95769  17.86918  1.000 78.08305 ? 16  GLU A CA  1 
ATOM   34  C C   . GLU A 1 18 ? 6.08300   -5.58339  17.24941  1.000 79.36478 ? 16  GLU A C   1 
ATOM   35  O O   . GLU A 1 18 ? 7.18580   -5.27130  16.79087  1.000 80.53597 ? 16  GLU A O   1 
ATOM   36  C CB  . GLU A 1 18 ? 6.55875   -7.04944  19.22287  1.000 84.72858 ? 16  GLU A CB  1 
ATOM   37  C CG  . GLU A 1 18 ? 6.86479   -8.47279  19.66281  1.000 93.22960 ? 16  GLU A CG  1 
ATOM   38  C CD  . GLU A 1 18 ? 5.61356   -9.28852  19.92376  1.000 95.44829 ? 16  GLU A CD  1 
ATOM   39  O OE1 . GLU A 1 18 ? 5.09359   -9.23408  21.05842  1.000 98.51444 ? 16  GLU A OE1 1 
ATOM   40  O OE2 . GLU A 1 18 ? 5.14523   -9.97833  18.99295  1.000 88.61852 ? 16  GLU A OE2 1 
ATOM   41  N N   . GLY A 1 19 ? 5.03683   -4.76245  17.23295  1.000 77.55404 ? 17  GLY A N   1 
ATOM   42  C CA  . GLY A 1 19 ? 5.17432   -3.38710  16.79218  1.000 73.89570 ? 17  GLY A CA  1 
ATOM   43  C C   . GLY A 1 19 ? 4.24304   -2.96235  15.67206  1.000 68.68718 ? 17  GLY A C   1 
ATOM   44  O O   . GLY A 1 19 ? 3.71984   -1.84386  15.68595  1.000 69.16356 ? 17  GLY A O   1 
ATOM   45  N N   . VAL A 1 20 ? 4.03165   -3.83792  14.69426  1.000 61.62055 ? 18  VAL A N   1 
ATOM   46  C CA  . VAL A 1 20 ? 3.24752   -3.51114  13.50828  1.000 53.67222 ? 18  VAL A CA  1 
ATOM   47  C C   . VAL A 1 20 ? 1.78087   -3.83870  13.76311  1.000 48.08998 ? 18  VAL A C   1 
ATOM   48  O O   . VAL A 1 20 ? 1.45175   -4.82436  14.43421  1.000 49.72965 ? 18  VAL A O   1 
ATOM   49  C CB  . VAL A 1 20 ? 3.80025   -4.25472  12.27480  1.000 55.94881 ? 18  VAL A CB  1 
ATOM   50  C CG1 . VAL A 1 20 ? 2.71463   -5.06938  11.57828  1.000 54.66445 ? 18  VAL A CG1 1 
ATOM   51  C CG2 . VAL A 1 20 ? 4.42694   -3.26377  11.30404  1.000 55.12240 ? 18  VAL A CG2 1 
ATOM   52  N N   . ARG A 1 21 ? 0.89031   -2.99657  13.23349  1.000 37.91770 ? 19  ARG A N   1 
ATOM   53  C CA  . ARG A 1 21 ? -0.54573  -3.21097  13.35773  1.000 35.51742 ? 19  ARG A CA  1 
ATOM   54  C C   . ARG A 1 21 ? -1.10060  -4.13569  12.28555  1.000 33.83564 ? 19  ARG A C   1 
ATOM   55  O O   . ARG A 1 21 ? -2.08916  -4.83480  12.53787  1.000 35.43846 ? 19  ARG A O   1 
ATOM   56  C CB  . ARG A 1 21 ? -1.28554  -1.86717  13.31942  1.000 34.35938 ? 19  ARG A CB  1 
ATOM   57  C CG  . ARG A 1 21 ? -0.89482  -0.91984  14.43672  1.000 40.01006 ? 19  ARG A CG  1 
ATOM   58  C CD  . ARG A 1 21 ? -1.84171  0.26606   14.55937  1.000 38.53357 ? 19  ARG A CD  1 
ATOM   59  N NE  . ARG A 1 21 ? -1.75289  1.18654   13.42944  1.000 35.91746 ? 19  ARG A NE  1 
ATOM   60  C CZ  . ARG A 1 21 ? -2.73034  1.39068   12.55297  1.000 39.40736 ? 19  ARG A CZ  1 
ATOM   61  N NH1 . ARG A 1 21 ? -3.87991  0.74268   12.67680  1.000 39.87847 ? 19  ARG A NH1 1 
ATOM   62  N NH2 . ARG A 1 21 ? -2.56191  2.25034   11.55664  1.000 35.70428 ? 19  ARG A NH2 1 
ATOM   63  N N   . GLY A 1 22 ? -0.49327  -4.15605  11.10819  1.000 22.02369 ? 20  GLY A N   1 
ATOM   64  C CA  . GLY A 1 22 ? -0.96656  -5.00769  10.03838  1.000 21.92631 ? 20  GLY A CA  1 
ATOM   65  C C   . GLY A 1 22 ? -0.11804  -4.81766  8.79883   1.000 23.23173 ? 20  GLY A C   1 
ATOM   66  O O   . GLY A 1 22 ? 0.53257   -3.78590  8.61514   1.000 23.40281 ? 20  GLY A O   1 
ATOM   67  N N   . VAL A 1 23 ? -0.13005  -5.84299  7.95273   1.000 24.69243 ? 21  VAL A N   1 
ATOM   68  C CA  . VAL A 1 23 ? 0.63740   -5.85171  6.70973   1.000 20.61037 ? 21  VAL A CA  1 
ATOM   69  C C   . VAL A 1 23 ? -0.20010  -6.51320  5.62270   1.000 20.86829 ? 21  VAL A C   1 
ATOM   70  O O   . VAL A 1 23 ? -0.82815  -7.55378  5.85003   1.000 19.94713 ? 21  VAL A O   1 
ATOM   71  C CB  . VAL A 1 23 ? 1.98677   -6.58690  6.86820   1.000 18.84173 ? 21  VAL A CB  1 
ATOM   72  C CG1 . VAL A 1 23 ? 2.74412   -6.59887  5.55880   1.000 24.52662 ? 21  VAL A CG1 1 
ATOM   73  C CG2 . VAL A 1 23 ? 2.84078   -5.93682  7.95865   1.000 19.51287 ? 21  VAL A CG2 1 
ATOM   74  N N   . ILE A 1 24 ? -0.21571  -5.89677  4.44136   1.000 19.74447 ? 22  ILE A N   1 
ATOM   75  C CA  . ILE A 1 24 ? -0.80137  -6.48128  3.24064   1.000 16.65989 ? 22  ILE A CA  1 
ATOM   76  C C   . ILE A 1 24 ? 0.21850   -6.36192  2.11885   1.000 22.01053 ? 22  ILE A C   1 
ATOM   77  O O   . ILE A 1 24 ? 0.79778   -5.28864  1.91774   1.000 21.51837 ? 22  ILE A O   1 
ATOM   78  C CB  . ILE A 1 24 ? -2.12096  -5.79270  2.83017   1.000 15.80453 ? 22  ILE A CB  1 
ATOM   79  C CG1 . ILE A 1 24 ? -3.14581  -5.84086  3.96601   1.000 16.87571 ? 22  ILE A CG1 1 
ATOM   80  C CG2 . ILE A 1 24 ? -2.69359  -6.43792  1.57557   1.000 20.58931 ? 22  ILE A CG2 1 
ATOM   81  C CD1 . ILE A 1 24 ? -4.41874  -5.08363  3.64844   1.000 18.68908 ? 22  ILE A CD1 1 
ATOM   82  N N   . ILE A 1 25 ? 0.43597   -7.45234  1.38800   1.000 19.87870 ? 23  ILE A N   1 
ATOM   83  C CA  . ILE A 1 25 ? 1.27123   -7.44873  0.19202   1.000 17.46262 ? 23  ILE A CA  1 
ATOM   84  C C   . ILE A 1 25 ? 0.40155   -7.86468  -0.98218  1.000 17.12837 ? 23  ILE A C   1 
ATOM   85  O O   . ILE A 1 25 ? -0.29627  -8.88300  -0.91274  1.000 21.08411 ? 23  ILE A O   1 
ATOM   86  C CB  . ILE A 1 25 ? 2.48832   -8.38324  0.31625   1.000 21.25781 ? 23  ILE A CB  1 
ATOM   87  C CG1 . ILE A 1 25 ? 3.29901   -8.06445  1.57247   1.000 28.30076 ? 23  ILE A CG1 1 
ATOM   88  C CG2 . ILE A 1 25 ? 3.36916   -8.26789  -0.91976  1.000 21.73945 ? 23  ILE A CG2 1 
ATOM   89  C CD1 . ILE A 1 25 ? 2.85395   -8.84181  2.78314   1.000 42.10505 ? 23  ILE A CD1 1 
ATOM   90  N N   . THR A 1 26 ? 0.43481   -7.07570  -2.05120  1.000 18.88121 ? 24  THR A N   1 
ATOM   91  C CA  . THR A 1 26 ? -0.36728  -7.33607  -3.23396  1.000 17.08626 ? 24  THR A CA  1 
ATOM   92  C C   . THR A 1 26 ? 0.51551   -7.27985  -4.47093  1.000 21.75787 ? 24  THR A C   1 
ATOM   93  O O   . THR A 1 26 ? 1.63174   -6.75619  -4.43975  1.000 23.68968 ? 24  THR A O   1 
ATOM   94  C CB  . THR A 1 26 ? -1.51511  -6.32388  -3.38423  1.000 22.38689 ? 24  THR A CB  1 
ATOM   95  O OG1 . THR A 1 26 ? -1.02126  -5.12566  -3.99749  1.000 24.54505 ? 24  THR A OG1 1 
ATOM   96  C CG2 . THR A 1 26 ? -2.09885  -5.97389  -2.03097  1.000 26.42159 ? 24  THR A CG2 1 
ATOM   97  N N   . THR A 1 27 ? 0.00298   -7.83360  -5.56349  1.000 19.23125 ? 25  THR A N   1 
ATOM   98  C CA  . THR A 1 27 ? 0.62554   -7.60454  -6.85461  1.000 19.81817 ? 25  THR A CA  1 
ATOM   99  C C   . THR A 1 27 ? 0.28052   -6.20208  -7.34572  1.000 18.77594 ? 25  THR A C   1 
ATOM   100 O O   . THR A 1 27 ? -0.63297  -5.54455  -6.83867  1.000 24.52926 ? 25  THR A O   1 
ATOM   101 C CB  . THR A 1 27 ? 0.16824   -8.65075  -7.87050  1.000 24.52926 ? 25  THR A CB  1 
ATOM   102 O OG1 . THR A 1 27 ? -1.21036  -8.42961  -8.19575  1.000 22.78431 ? 25  THR A OG1 1 
ATOM   103 C CG2 . THR A 1 27 ? 0.32718   -10.05003 -7.30020  1.000 25.75309 ? 25  THR A CG2 1 
ATOM   104 N N   . THR A 1 28 ? 1.02533   -5.73773  -8.34888  1.000 25.83731 ? 26  THR A N   1 
ATOM   105 C CA  . THR A 1 28 ? 0.74270   -4.42527  -8.91744  1.000 26.81901 ? 26  THR A CA  1 
ATOM   106 C C   . THR A 1 28 ? -0.59709  -4.38064  -9.64094  1.000 28.29287 ? 26  THR A C   1 
ATOM   107 O O   . THR A 1 28 ? -1.05137  -3.28862  -9.99791  1.000 27.52962 ? 26  THR A O   1 
ATOM   108 C CB  . THR A 1 28 ? 1.86559   -4.00163  -9.86554  1.000 34.95156 ? 26  THR A CB  1 
ATOM   109 O OG1 . THR A 1 28 ? 2.23371   -5.10418  -10.70177 1.000 37.84401 ? 26  THR A OG1 1 
ATOM   110 C CG2 . THR A 1 28 ? 3.08083   -3.54079  -9.07384  1.000 39.79161 ? 26  THR A CG2 1 
ATOM   111 N N   . GLU A 1 29 ? -1.23171  -5.52916  -9.86347  1.000 28.19812 ? 27  GLU A N   1 
ATOM   112 C CA  . GLU A 1 29 ? -2.59922  -5.57579  -10.35728 1.000 31.24848 ? 27  GLU A CA  1 
ATOM   113 C C   . GLU A 1 29 ? -3.63032  -5.48117  -9.24298  1.000 29.93517 ? 27  GLU A C   1 
ATOM   114 O O   . GLU A 1 29 ? -4.82576  -5.39931  -9.53656  1.000 29.42984 ? 27  GLU A O   1 
ATOM   115 C CB  . GLU A 1 29 ? -2.84004  -6.86264  -11.15215 1.000 38.52567 ? 27  GLU A CB  1 
ATOM   116 C CG  . GLU A 1 29 ? -2.15518  -6.89935  -12.50250 1.000 52.23784 ? 27  GLU A CG  1 
ATOM   117 C CD  . GLU A 1 29 ? -2.61721  -8.06538  -13.35447 1.000 63.05493 ? 27  GLU A CD  1 
ATOM   118 O OE1 . GLU A 1 29 ? -3.18328  -9.02832  -12.79300 1.000 60.84414 ? 27  GLU A OE1 1 
ATOM   119 O OE2 . GLU A 1 29 ? -2.42204  -8.01392  -14.58681 1.000 68.67139 ? 27  GLU A OE2 1 
ATOM   120 N N   . GLY A 1 30 ? -3.20499  -5.49907  -7.98404  1.000 22.25004 ? 28  GLY A N   1 
ATOM   121 C CA  . GLY A 1 30 ? -4.11888  -5.41241  -6.86505  1.000 25.90047 ? 28  GLY A CA  1 
ATOM   122 C C   . GLY A 1 30 ? -4.53696  -6.72998  -6.25299  1.000 24.41872 ? 28  GLY A C   1 
ATOM   123 O O   . GLY A 1 30 ? -5.40228  -6.73203  -5.36965  1.000 22.15002 ? 28  GLY A O   1 
ATOM   124 N N   . LEU A 1 31 ? -3.96022  -7.84281  -6.68847  1.000 20.76038 ? 29  LEU A N   1 
ATOM   125 C CA  . LEU A 1 31 ? -4.30133  -9.13773  -6.11641  1.000 17.44946 ? 29  LEU A CA  1 
ATOM   126 C C   . LEU A 1 31 ? -3.47201  -9.37484  -4.86085  1.000 16.90203 ? 29  LEU A C   1 
ATOM   127 O O   . LEU A 1 31 ? -2.23959  -9.40965  -4.94441  1.000 19.41549 ? 29  LEU A O   1 
ATOM   128 C CB  . LEU A 1 31 ? -4.05695  -10.25182 -7.12323  1.000 21.17622 ? 29  LEU A CB  1 
ATOM   129 C CG  . LEU A 1 31 ? -4.86278  -10.18577 -8.42209  1.000 27.73754 ? 29  LEU A CG  1 
ATOM   130 C CD1 . LEU A 1 31 ? -4.50953  -11.35679 -9.32766  1.000 34.05935 ? 29  LEU A CD1 1 
ATOM   131 C CD2 . LEU A 1 31 ? -6.35236  -10.16107 -8.12364  1.000 27.19537 ? 29  LEU A CD2 1 
ATOM   132 N N   . PRO A 1 32 ? -4.09044  -9.53330  -3.69281  1.000 22.05264 ? 30  PRO A N   1 
ATOM   133 C CA  . PRO A 1 32 ? -3.30725  -9.77167  -2.47508  1.000 17.64422 ? 30  PRO A CA  1 
ATOM   134 C C   . PRO A 1 32 ? -2.65319  -11.14527 -2.49051  1.000 23.55282 ? 30  PRO A C   1 
ATOM   135 O O   . PRO A 1 32 ? -3.25642  -12.13687 -2.90764  1.000 22.63692 ? 30  PRO A O   1 
ATOM   136 C CB  . PRO A 1 32 ? -4.34745  -9.65823  -1.35503  1.000 19.17072 ? 30  PRO A CB  1 
ATOM   137 C CG  . PRO A 1 32 ? -5.65160  -9.97340  -2.01983  1.000 24.56874 ? 30  PRO A CG  1 
ATOM   138 C CD  . PRO A 1 32 ? -5.53586  -9.44184  -3.41846  1.000 21.94474 ? 30  PRO A CD  1 
ATOM   139 N N   . ILE A 1 33 ? -1.40562  -11.19659 -2.03205  1.000 19.61025 ? 31  ILE A N   1 
ATOM   140 C CA  . ILE A 1 33 ? -0.69346  -12.45975 -1.89958  1.000 18.88647 ? 31  ILE A CA  1 
ATOM   141 C C   . ILE A 1 33 ? -0.50977  -12.88082 -0.44654  1.000 23.44228 ? 31  ILE A C   1 
ATOM   142 O O   . ILE A 1 33 ? -0.34926  -14.08213 -0.18603  1.000 26.63477 ? 31  ILE A O   1 
ATOM   143 C CB  . ILE A 1 33 ? 0.67130   -12.42115 -2.61752  1.000 26.20841 ? 31  ILE A CB  1 
ATOM   144 C CG1 . ILE A 1 33 ? 1.63894   -11.47704 -1.89881  1.000 31.64853 ? 31  ILE A CG1 1 
ATOM   145 C CG2 . ILE A 1 33 ? 0.50239   -12.01183 -4.07233  1.000 31.03004 ? 31  ILE A CG2 1 
ATOM   146 C CD1 . ILE A 1 33 ? 3.06764   -11.60462 -2.37464  1.000 32.78814 ? 31  ILE A CD1 1 
ATOM   147 N N   . SER A 1 34 ? -0.52894  -11.94260 0.49787   1.000 20.22348 ? 32  SER A N   1 
ATOM   148 C CA  A SER A 1 34 ? -0.39096  -12.27192 1.90841   0.260 21.02884 ? 32  SER A CA  1 
ATOM   149 C CA  B SER A 1 34 ? -0.37553  -12.26650 1.90967   0.390 21.12095 ? 32  SER A CA  1 
ATOM   150 C CA  C SER A 1 34 ? -0.37549  -12.26559 1.91074   0.350 21.08937 ? 32  SER A CA  1 
ATOM   151 C C   . SER A 1 34 ? -0.96151  -11.12817 2.73291   1.000 21.03410 ? 32  SER A C   1 
ATOM   152 O O   . SER A 1 34 ? -0.92119  -9.96553  2.32160   1.000 21.18149 ? 32  SER A O   1 
ATOM   153 C CB  A SER A 1 34 ? 1.06973   -12.54049 2.28532   0.260 20.88935 ? 32  SER A CB  1 
ATOM   154 C CB  B SER A 1 34 ? 1.09575   -12.49881 2.27302   0.390 20.58931 ? 32  SER A CB  1 
ATOM   155 C CB  C SER A 1 34 ? 1.09278   -12.49387 2.28658   0.350 20.68669 ? 32  SER A CB  1 
ATOM   156 O OG  A SER A 1 34 ? 1.93753   -11.61575 1.65658   0.260 19.51813 ? 32  SER A OG  1 
ATOM   157 O OG  B SER A 1 34 ? 1.21792   -13.20706 3.49348   0.390 21.10253 ? 32  SER A OG  1 
ATOM   158 O OG  C SER A 1 34 ? 1.60938   -13.65284 1.65527   0.350 21.23412 ? 32  SER A OG  1 
ATOM   159 N N   . THR A 1 35 ? -1.50424  -11.47534 3.89919   1.000 19.19441 ? 33  THR A N   1 
ATOM   160 C CA  . THR A 1 35 ? -2.14382  -10.46065 4.72375   1.000 19.01544 ? 33  THR A CA  1 
ATOM   161 C C   . THR A 1 35 ? -2.22120  -10.91593 6.17298   1.000 18.54696 ? 33  THR A C   1 
ATOM   162 O O   . THR A 1 35 ? -2.21450  -12.11419 6.46786   1.000 22.48954 ? 33  THR A O   1 
ATOM   163 C CB  . THR A 1 35 ? -3.55212  -10.13835 4.21008   1.000 19.84448 ? 33  THR A CB  1 
ATOM   164 O OG1 . THR A 1 35 ? -4.13962  -9.11154  5.01942   1.000 18.53643 ? 33  THR A OG1 1 
ATOM   165 C CG2 . THR A 1 35 ? -4.43297  -11.37989 4.25837   1.000 23.05540 ? 33  THR A CG2 1 
ATOM   166 N N   . THR A 1 36 ? -2.29257  -9.93454  7.06905   1.000 17.84951 ? 34  THR A N   1 
ATOM   167 C CA  . THR A 1 36 ? -2.62454  -10.15112 8.47020   1.000 18.47064 ? 34  THR A CA  1 
ATOM   168 C C   . THR A 1 36 ? -4.04057  -9.70271  8.80059   1.000 26.73478 ? 34  THR A C   1 
ATOM   169 O O   . THR A 1 36 ? -4.44085  -9.75933  9.96789   1.000 25.56359 ? 34  THR A O   1 
ATOM   170 C CB  . THR A 1 36 ? -1.63715  -9.40852  9.37469   1.000 25.77677 ? 34  THR A CB  1 
ATOM   171 O OG1 . THR A 1 36 ? -1.85372  -7.99822  9.25374   1.000 23.13698 ? 34  THR A OG1 1 
ATOM   172 C CG2 . THR A 1 36 ? -0.20371  -9.72879  8.97854   1.000 27.16905 ? 34  THR A CG2 1 
ATOM   173 N N   . ILE A 1 37 ? -4.79938  -9.25819  7.80313   1.000 23.76338 ? 35  ILE A N   1 
ATOM   174 C CA  . ILE A 1 37 ? -6.13525  -8.72139  8.00519   1.000 25.48200 ? 35  ILE A CA  1 
ATOM   175 C C   . ILE A 1 37 ? -7.14048  -9.66836  7.35446   1.000 24.87403 ? 35  ILE A C   1 
ATOM   176 O O   . ILE A 1 37 ? -6.78124  -10.54709 6.56999   1.000 26.03996 ? 35  ILE A O   1 
ATOM   177 C CB  . ILE A 1 37 ? -6.26644  -7.29229  7.44464   1.000 34.54888 ? 35  ILE A CB  1 
ATOM   178 C CG1 . ILE A 1 37 ? -4.87262  -6.67436  7.27221   1.000 43.24466 ? 35  ILE A CG1 1 
ATOM   179 C CG2 . ILE A 1 37 ? -7.15960  -6.44973  8.34304   1.000 50.33761 ? 35  ILE A CG2 1 
ATOM   180 C CD1 . ILE A 1 37 ? -4.72277  -5.27072  7.82252   1.000 33.01448 ? 35  ILE A CD1 1 
ATOM   181 N N   . ASP A 1 38 ? -8.41669  -9.47919  7.68738   1.000 25.78204 ? 36  ASP A N   1 
ATOM   182 C CA  . ASP A 1 38 ? -9.44279  -10.37098 7.16694   1.000 27.30064 ? 36  ASP A CA  1 
ATOM   183 C C   . ASP A 1 38 ? -9.53067  -10.25846 5.64597   1.000 21.65260 ? 36  ASP A C   1 
ATOM   184 O O   . ASP A 1 38 ? -9.10713  -9.26988  5.03899   1.000 20.39455 ? 36  ASP A O   1 
ATOM   185 C CB  . ASP A 1 38 ? -10.80164 -10.07707 7.80217   1.000 35.20948 ? 36  ASP A CB  1 
ATOM   186 C CG  . ASP A 1 38 ? -11.41912 -8.79572  7.29143   1.000 46.57927 ? 36  ASP A CG  1 
ATOM   187 O OD1 . ASP A 1 38 ? -11.06749 -7.71915  7.81573   1.000 53.13532 ? 36  ASP A OD1 1 
ATOM   188 O OD2 . ASP A 1 38 ? -12.24980 -8.86689  6.35847   1.000 42.19453 ? 36  ASP A OD2 1 
ATOM   189 N N   . ARG A 1 39 ? -10.10774 -11.29502 5.03401   1.000 19.63656 ? 37  ARG A N   1 
ATOM   190 C CA  . ARG A 1 39 ? -10.01263 -11.46451 3.58689   1.000 20.35244 ? 37  ARG A CA  1 
ATOM   191 C C   . ARG A 1 39 ? -10.69033 -10.32543 2.83383   1.000 20.23664 ? 37  ARG A C   1 
ATOM   192 O O   . ARG A 1 39 ? -10.08502 -9.70275  1.95263   1.000 20.64458 ? 37  ARG A O   1 
ATOM   193 C CB  . ARG A 1 39 ? -10.62096 -12.80389 3.18098   1.000 22.17371 ? 37  ARG A CB  1 
ATOM   194 C CG  . ARG A 1 39 ? -10.79868 -12.95360 1.68663   1.000 26.69531 ? 37  ARG A CG  1 
ATOM   195 C CD  . ARG A 1 39 ? -11.88731 -13.95898 1.37544   1.000 37.14919 ? 37  ARG A CD  1 
ATOM   196 N NE  . ARG A 1 39 ? -13.14107 -13.62886 2.04425   1.000 31.96173 ? 37  ARG A NE  1 
ATOM   197 C CZ  . ARG A 1 39 ? -14.03017 -12.75618 1.58141   1.000 37.73610 ? 37  ARG A CZ  1 
ATOM   198 N NH1 . ARG A 1 39 ? -13.80724 -12.11117 0.44296   1.000 31.90646 ? 37  ARG A NH1 1 
ATOM   199 N NH2 . ARG A 1 39 ? -15.14389 -12.52361 2.26129   1.000 41.91292 ? 37  ARG A NH2 1 
ATOM   200 N N   . GLU A 1 40 ? -11.95985 -10.05454 3.14728   1.000 20.82881 ? 38  GLU A N   1 
ATOM   201 C CA  . GLU A 1 40 ? -12.71206 -9.06031  2.38562   1.000 23.97130 ? 38  GLU A CA  1 
ATOM   202 C C   . GLU A 1 40 ? -12.07532 -7.68101  2.49867   1.000 22.89748 ? 38  GLU A C   1 
ATOM   203 O O   . GLU A 1 40 ? -11.91041 -6.97667  1.49504   1.000 20.17610 ? 38  GLU A O   1 
ATOM   204 C CB  . GLU A 1 40 ? -14.16318 -9.01384  2.86065   1.000 25.32935 ? 38  GLU A CB  1 
ATOM   205 C CG  . GLU A 1 40 ? -15.06688 -8.16563  1.98047   1.000 19.19704 ? 38  GLU A CG  1 
ATOM   206 C CD  . GLU A 1 40 ? -16.37224 -7.79180  2.65332   1.000 29.35878 ? 38  GLU A CD  1 
ATOM   207 O OE1 . GLU A 1 40 ? -16.53423 -6.61283  3.03136   1.000 28.64554 ? 38  GLU A OE1 1 
ATOM   208 O OE2 . GLU A 1 40 ? -17.23092 -8.67846  2.81628   1.000 29.90885 ? 38  GLU A OE2 1 
ATOM   209 N N   . LYS A 1 41 ? -11.71047 -7.28048  3.71887   1.000 18.11007 ? 39  LYS A N   1 
ATOM   210 C CA  . LYS A 1 41 ? -11.06199 -5.98855  3.90736   1.000 18.92069 ? 39  LYS A CA  1 
ATOM   211 C C   . LYS A 1 41 ? -9.73069  -5.93237  3.16940   1.000 17.65738 ? 39  LYS A C   1 
ATOM   212 O O   . LYS A 1 41 ? -9.37626  -4.89950  2.59265   1.000 20.02872 ? 39  LYS A O   1 
ATOM   213 C CB  . LYS A 1 41 ? -10.86915 -5.71646  5.39937   1.000 19.54445 ? 39  LYS A CB  1 
ATOM   214 C CG  . LYS A 1 41 ? -10.15479 -4.41457  5.70932   1.000 26.98745 ? 39  LYS A CG  1 
ATOM   215 C CD  . LYS A 1 41 ? -10.00849 -4.20610  7.21173   1.000 35.39635 ? 39  LYS A CD  1 
ATOM   216 C CE  . LYS A 1 41 ? -11.36190 -4.07061  7.89106   1.000 31.50904 ? 39  LYS A CE  1 
ATOM   217 N NZ  . LYS A 1 41 ? -11.22678 -3.72890  9.33664   1.000 32.72761 ? 39  LYS A NZ  1 
ATOM   218 N N   . THR A 1 42 ? -8.98541  -7.04090  3.16757   1.000 17.29944 ? 40  THR A N   1 
ATOM   219 C CA  . THR A 1 42 ? -7.71245  -7.08315  2.45426   1.000 15.37816 ? 40  THR A CA  1 
ATOM   220 C C   . THR A 1 42 ? -7.91020  -6.85376  0.96119   1.000 15.79137 ? 40  THR A C   1 
ATOM   221 O O   . THR A 1 42 ? -7.19188  -6.06143  0.34051   1.000 18.78383 ? 40  THR A O   1 
ATOM   222 C CB  . THR A 1 42 ? -7.02082  -8.42502  2.69789   1.000 18.18113 ? 40  THR A CB  1 
ATOM   223 O OG1 . THR A 1 42 ? -6.65714  -8.53682  4.07979   1.000 16.75727 ? 40  THR A OG1 1 
ATOM   224 C CG2 . THR A 1 42 ? -5.77442  -8.54506  1.83553   1.000 19.91555 ? 40  THR A CG2 1 
ATOM   225 N N   . GLU A 1 43 ? -8.88817  -7.53716  0.36598   1.000 16.57041 ? 41  GLU A N   1 
ATOM   226 C CA  . GLU A 1 43 ? -9.06482  -7.46032  -1.07933  1.000 15.77031 ? 41  GLU A CA  1 
ATOM   227 C C   . GLU A 1 43 ? -9.59451  -6.09905  -1.50656  1.000 16.22037 ? 41  GLU A C   1 
ATOM   228 O O   . GLU A 1 43 ? -9.17929  -5.56317  -2.54097  1.000 18.14954 ? 41  GLU A O   1 
ATOM   229 C CB  . GLU A 1 43 ? -9.98958  -8.58153  -1.54396  1.000 17.93899 ? 41  GLU A CB  1 
ATOM   230 C CG  . GLU A 1 43 ? -9.34991  -9.94880  -1.40277  1.000 15.93086 ? 41  GLU A CG  1 
ATOM   231 C CD  . GLU A 1 43 ? -10.32879 -11.08593 -1.56230  1.000 22.18161 ? 41  GLU A CD  1 
ATOM   232 O OE1 . GLU A 1 43 ? -11.53840 -10.88219 -1.32610  1.000 22.61324 ? 41  GLU A OE1 1 
ATOM   233 O OE2 . GLU A 1 43 ? -9.87773  -12.19148 -1.92270  1.000 21.80261 ? 41  GLU A OE2 1 
ATOM   234 N N   . LYS A 1 44 ? -10.50687 -5.51849  -0.72564  1.000 17.83898 ? 42  LYS A N   1 
ATOM   235 C CA  . LYS A 1 44 ? -11.03591 -4.20657  -1.08045  1.000 17.54421 ? 42  LYS A CA  1 
ATOM   236 C C   . LYS A 1 44 ? -9.99441  -3.11731  -0.85604  1.000 19.50497 ? 42  LYS A C   1 
ATOM   237 O O   . LYS A 1 44 ? -9.89362  -2.17548  -1.65120  1.000 17.60737 ? 42  LYS A O   1 
ATOM   238 C CB  . LYS A 1 44 ? -12.31251 -3.92429  -0.28759  1.000 22.16055 ? 42  LYS A CB  1 
ATOM   239 C CG  . LYS A 1 44 ? -13.44289 -4.89425  -0.60669  1.000 27.55857 ? 42  LYS A CG  1 
ATOM   240 C CD  . LYS A 1 44 ? -14.71769 -4.53519  0.12472   1.000 32.71182 ? 42  LYS A CD  1 
ATOM   241 C CE  . LYS A 1 44 ? -14.51263 -4.60621  1.61958   1.000 43.43152 ? 42  LYS A CE  1 
ATOM   242 N NZ  . LYS A 1 44 ? -15.75642 -4.25468  2.35145   1.000 48.11893 ? 42  LYS A NZ  1 
ATOM   243 N N   . THR A 1 45 ? -9.20583  -3.23501  0.21465   1.000 21.34203 ? 43  THR A N   1 
ATOM   244 C CA  . THR A 1 45 ? -8.10010  -2.30397  0.42029   1.000 18.38115 ? 43  THR A CA  1 
ATOM   245 C C   . THR A 1 45 ? -7.07183  -2.42946  -0.69555  1.000 19.51813 ? 43  THR A C   1 
ATOM   246 O O   . THR A 1 45 ? -6.59593  -1.42094  -1.23165  1.000 19.88923 ? 43  THR A O   1 
ATOM   247 C CB  . THR A 1 45 ? -7.44772  -2.55058  1.78026   1.000 16.18615 ? 43  THR A CB  1 
ATOM   248 O OG1 . THR A 1 45 ? -8.41848  -2.36142  2.81748   1.000 19.41285 ? 43  THR A OG1 1 
ATOM   249 C CG2 . THR A 1 45 ? -6.28046  -1.59695  2.00037   1.000 21.06305 ? 43  THR A CG2 1 
ATOM   250 N N   . ALA A 1 46 ? -6.72717  -3.66493  -1.06755  1.000 17.24680 ? 44  ALA A N   1 
ATOM   251 C CA  . ALA A 1 46 ? -5.75617  -3.88390  -2.13516  1.000 16.25721 ? 44  ALA A CA  1 
ATOM   252 C C   . ALA A 1 46 ? -6.19741  -3.22308  -3.43393  1.000 16.86518 ? 44  ALA A C   1 
ATOM   253 O O   . ALA A 1 46 ? -5.38011  -2.63005  -4.14758  1.000 20.64984 ? 44  ALA A O   1 
ATOM   254 C CB  . ALA A 1 46 ? -5.54246  -5.38078  -2.34785  1.000 18.97596 ? 44  ALA A CB  1 
ATOM   255 N N   . ALA A 1 47 ? -7.48889  -3.31596  -3.75812  1.000 16.10456 ? 45  ALA A N   1 
ATOM   256 C CA  . ALA A 1 47 ? -7.98814  -2.71601  -4.99083  1.000 18.83647 ? 45  ALA A CA  1 
ATOM   257 C C   . ALA A 1 47 ? -7.85793  -1.19784  -4.95972  1.000 24.69243 ? 45  ALA A C   1 
ATOM   258 O O   . ALA A 1 47 ? -7.44079  -0.58406  -5.94988  1.000 21.22360 ? 45  ALA A O   1 
ATOM   259 C CB  . ALA A 1 47 ? -9.44065  -3.12675  -5.22162  1.000 18.66013 ? 45  ALA A CB  1 
ATOM   260 N N   . LEU A 1 48 ? -8.20262  -0.57770  -3.82959  1.000 20.77091 ? 46  LEU A N   1 
ATOM   261 C CA  . LEU A 1 48 ? -8.13759  0.87697   -3.73083  1.000 21.88683 ? 46  LEU A CA  1 
ATOM   262 C C   . LEU A 1 48 ? -6.69840  1.37104   -3.68050  1.000 22.35531 ? 46  LEU A C   1 
ATOM   263 O O   . LEU A 1 48 ? -6.36412  2.38390   -4.30624  1.000 19.53392 ? 46  LEU A O   1 
ATOM   264 C CB  . LEU A 1 48 ? -8.90514  1.35134   -2.49860  1.000 18.67592 ? 46  LEU A CB  1 
ATOM   265 C CG  . LEU A 1 48 ? -10.42164 1.17996   -2.53920  1.000 21.20254 ? 46  LEU A CG  1 
ATOM   266 C CD1 . LEU A 1 48 ? -10.98796 1.38015   -1.15334  1.000 26.58477 ? 46  LEU A CD1 1 
ATOM   267 C CD2 . LEU A 1 48 ? -11.04262 2.15915   -3.51891  1.000 25.46621 ? 46  LEU A CD2 1 
ATOM   268 N N   . VAL A 1 49 ? -5.83448  0.67538   -2.93634  1.000 18.96017 ? 47  VAL A N   1 
ATOM   269 C CA  . VAL A 1 49 ? -4.44501  1.10767   -2.80933  1.000 16.69937 ? 47  VAL A CA  1 
ATOM   270 C C   . VAL A 1 49 ? -3.74391  1.06303   -4.16104  1.000 18.29167 ? 47  VAL A C   1 
ATOM   271 O O   . VAL A 1 49 ? -2.93082  1.93880   -4.48353  1.000 19.92344 ? 47  VAL A O   1 
ATOM   272 C CB  . VAL A 1 49 ? -3.71644  0.25383   -1.75391  1.000 17.42051 ? 47  VAL A CB  1 
ATOM   273 C CG1 . VAL A 1 49 ? -2.22068  0.49424   -1.80993  1.000 23.91076 ? 47  VAL A CG1 1 
ATOM   274 C CG2 . VAL A 1 49 ? -4.24370  0.57310   -0.36210  1.000 17.66264 ? 47  VAL A CG2 1 
ATOM   275 N N   . THR A 1 50 ? -4.05445  0.05332   -4.98021  1.000 19.03123 ? 48  THR A N   1 
ATOM   276 C CA  . THR A 1 50 ? -3.47621  -0.01045  -6.31898  1.000 17.95742 ? 48  THR A CA  1 
ATOM   277 C C   . THR A 1 50 ? -3.87087  1.20717   -7.14567  1.000 21.41046 ? 48  THR A C   1 
ATOM   278 O O   . THR A 1 50 ? -3.03498  1.78821   -7.84807  1.000 18.13112 ? 48  THR A O   1 
ATOM   279 C CB  . THR A 1 50 ? -3.90725  -1.29969  -7.01864  1.000 27.96388 ? 48  THR A CB  1 
ATOM   280 O OG1 . THR A 1 50 ? -3.39657  -2.42412  -6.29335  1.000 25.67676 ? 48  THR A OG1 1 
ATOM   281 C CG2 . THR A 1 50 ? -3.37381  -1.34378  -8.44550  1.000 28.56132 ? 48  THR A CG2 1 
ATOM   282 N N   . SER A 1 51 ? -5.14037  1.61299   -7.06810  1.000 18.99175 ? 49  SER A N   1 
ATOM   283 C CA  . SER A 1 51 ? -5.55931  2.84429   -7.72733  1.000 19.87870 ? 49  SER A CA  1 
ATOM   284 C C   . SER A 1 51 ? -4.90230  4.05801   -7.08613  1.000 15.31236 ? 49  SER A C   1 
ATOM   285 O O   . SER A 1 51 ? -4.52891  5.01072   -7.78214  1.000 21.45784 ? 49  SER A O   1 
ATOM   286 C CB  . SER A 1 51 ? -7.07999  2.97452   -7.67841  1.000 22.37110 ? 49  SER A CB  1 
ATOM   287 O OG  . SER A 1 51 ? -7.71319  1.83730   -8.24261  1.000 24.31607 ? 49  SER A OG  1 
ATOM   288 N N   . LEU A 1 52 ? -4.75965  4.04081   -5.75861  1.000 14.76230 ? 50  LEU A N   1 
ATOM   289 C CA  . LEU A 1 52 ? -4.11234  5.14345   -5.05347  1.000 20.56299 ? 50  LEU A CA  1 
ATOM   290 C C   . LEU A 1 52 ? -2.67864  5.33652   -5.53051  1.000 22.44480 ? 50  LEU A C   1 
ATOM   291 O O   . LEU A 1 52 ? -2.24813  6.46363   -5.80633  1.000 18.46011 ? 50  LEU A O   1 
ATOM   292 C CB  . LEU A 1 52 ? -4.14779  4.88280   -3.54743  1.000 21.66576 ? 50  LEU A CB  1 
ATOM   293 C CG  . LEU A 1 52 ? -3.44752  5.88926   -2.63495  1.000 24.00288 ? 50  LEU A CG  1 
ATOM   294 C CD1 . LEU A 1 52 ? -4.31966  7.10815   -2.40888  1.000 26.60056 ? 50  LEU A CD1 1 
ATOM   295 C CD2 . LEU A 1 52 ? -3.08014  5.23301   -1.31569  1.000 25.59517 ? 50  LEU A CD2 1 
ATOM   296 N N   . VAL A 1 53 ? -1.92214  4.24076   -5.63545  1.000 18.39168 ? 51  VAL A N   1 
ATOM   297 C CA  . VAL A 1 53 ? -0.54148  4.32576   -6.10495  1.000 21.09990 ? 51  VAL A CA  1 
ATOM   298 C C   . VAL A 1 53 ? -0.49311  4.87568   -7.52377  1.000 19.07071 ? 51  VAL A C   1 
ATOM   299 O O   . VAL A 1 53 ? 0.37180   5.69490   -7.85796  1.000 22.44480 ? 51  VAL A O   1 
ATOM   300 C CB  . VAL A 1 53 ? 0.14154   2.94907   -6.01043  1.000 24.21606 ? 51  VAL A CB  1 
ATOM   301 C CG1 . VAL A 1 53 ? 1.50117   2.97981   -6.69182  1.000 28.81924 ? 51  VAL A CG1 1 
ATOM   302 C CG2 . VAL A 1 53 ? 0.28330   2.53034   -4.56043  1.000 21.90526 ? 51  VAL A CG2 1 
ATOM   303 N N   . GLY A 1 54 ? -1.41892  4.43813   -8.37871  1.000 16.72832 ? 52  GLY A N   1 
ATOM   304 C CA  . GLY A 1 54 ? -1.44775  4.93989   -9.74238  1.000 17.96794 ? 52  GLY A CA  1 
ATOM   305 C C   . GLY A 1 54 ? -1.65796  6.44001   -9.80711  1.000 19.32600 ? 52  GLY A C   1 
ATOM   306 O O   . GLY A 1 54 ? -0.99806  7.13641   -10.58334 1.000 21.17096 ? 52  GLY A O   1 
ATOM   307 N N   . LYS A 1 55 ? -2.57637  6.96060   -8.98994  1.000 19.25757 ? 53  LYS A N   1 
ATOM   308 C CA  . LYS A 1 55 ? -2.77842  8.40491   -8.94092  1.000 20.86040 ? 53  LYS A CA  1 
ATOM   309 C C   . LYS A 1 55 ? -1.57246  9.11406   -8.34172  1.000 18.43379 ? 53  LYS A C   1 
ATOM   310 O O   . LYS A 1 55 ? -1.26073  10.24487  -8.73263  1.000 20.50772 ? 53  LYS A O   1 
ATOM   311 C CB  . LYS A 1 55 ? -4.03985  8.73420   -8.14402  1.000 18.09954 ? 53  LYS A CB  1 
ATOM   312 C CG  . LYS A 1 55 ? -5.31870  8.15940   -8.73632  1.000 24.14763 ? 53  LYS A CG  1 
ATOM   313 C CD  . LYS A 1 55 ? -5.56995  8.68574   -10.14132 1.000 21.75787 ? 53  LYS A CD  1 
ATOM   314 C CE  . LYS A 1 55 ? -6.87391  8.13878   -10.70795 1.000 24.27396 ? 53  LYS A CE  1 
ATOM   315 N NZ  . LYS A 1 55 ? -7.10140  8.58169   -12.10905 1.000 27.84281 ? 53  LYS A NZ  1 
ATOM   316 N N   . ALA A 1 56 ? -0.88116  8.46725   -7.40091  1.000 18.86016 ? 54  ALA A N   1 
ATOM   317 C CA  . ALA A 1 56 ? 0.31282   9.06931   -6.81708  1.000 18.60749 ? 54  ALA A CA  1 
ATOM   318 C C   . ALA A 1 56 ? 1.44214   9.15605   -7.83507  1.000 18.45748 ? 54  ALA A C   1 
ATOM   319 O O   . ALA A 1 56 ? 2.14452   10.17161  -7.90236  1.000 22.47901 ? 54  ALA A O   1 
ATOM   320 C CB  . ALA A 1 56 ? 0.75315   8.27800   -5.58759  1.000 17.69159 ? 54  ALA A CB  1 
ATOM   321 N N   . ARG A 1 57 ? 1.64132   8.09933   -8.63082  1.000 18.68382 ? 55  ARG A N   1 
ATOM   322 C CA  A ARG A 1 57 ? 2.67310   8.14344   -9.66150  0.590 20.76302 ? 55  ARG A CA  1 
ATOM   323 C CA  B ARG A 1 57 ? 2.67014   8.13970   -9.66469  0.410 21.47363 ? 55  ARG A CA  1 
ATOM   324 C C   . ARG A 1 57 ? 2.38206   9.23480   -10.68223 1.000 19.88133 ? 55  ARG A C   1 
ATOM   325 O O   . ARG A 1 57 ? 3.29324   9.95292   -11.11070 1.000 20.53667 ? 55  ARG A O   1 
ATOM   326 C CB  A ARG A 1 57 ? 2.79412   6.78696   -10.35479 0.590 28.51131 ? 55  ARG A CB  1 
ATOM   327 C CB  B ARG A 1 57 ? 2.77890   6.78546   -10.36680 0.410 28.07179 ? 55  ARG A CB  1 
ATOM   328 C CG  A ARG A 1 57 ? 3.15100   5.63579   -9.43076  0.590 31.41692 ? 55  ARG A CG  1 
ATOM   329 C CG  B ARG A 1 57 ? 3.17053   5.62410   -9.46803  0.410 31.16426 ? 55  ARG A CG  1 
ATOM   330 C CD  A ARG A 1 57 ? 3.61262   4.42369   -10.22250 0.590 34.52519 ? 55  ARG A CD  1 
ATOM   331 C CD  B ARG A 1 57 ? 3.61513   4.42926   -10.29967 0.410 33.83564 ? 55  ARG A CD  1 
ATOM   332 N NE  A ARG A 1 57 ? 4.99275   4.56655   -10.67426 0.590 35.59111 ? 55  ARG A NE  1 
ATOM   333 N NE  B ARG A 1 57 ? 2.74255   4.21117   -11.45044 0.410 36.82020 ? 55  ARG A NE  1 
ATOM   334 C CZ  A ARG A 1 57 ? 6.04331   4.07812   -10.02353 0.590 39.14943 ? 55  ARG A CZ  1 
ATOM   335 C CZ  B ARG A 1 57 ? 1.73445   3.34555   -11.47536 0.410 34.10672 ? 55  ARG A CZ  1 
ATOM   336 N NH1 A ARG A 1 57 ? 5.86890   3.40887   -8.89157  0.590 43.59470 ? 55  ARG A NH1 1 
ATOM   337 N NH1 B ARG A 1 57 ? 1.46597   2.60377   -10.40973 0.410 32.27492 ? 55  ARG A NH1 1 
ATOM   338 N NH2 A ARG A 1 57 ? 7.26717   4.25417   -10.50251 0.590 37.45712 ? 55  ARG A NH2 1 
ATOM   339 N NH2 B ARG A 1 57 ? 0.99408   3.21970   -12.56880 0.410 33.58561 ? 55  ARG A NH2 1 
ATOM   340 N N   . SER A 1 58 ? 1.11656   9.37258   -11.08525 1.000 19.01544 ? 56  SER A N   1 
ATOM   341 C CA  . SER A 1 58 ? 0.75446   10.41497  -12.03834 1.000 19.95766 ? 56  SER A CA  1 
ATOM   342 C C   . SER A 1 58 ? 0.95969   11.80032  -11.43958 1.000 22.92643 ? 56  SER A C   1 
ATOM   343 O O   . SER A 1 58 ? 1.39424   12.72538  -12.13601 1.000 21.06832 ? 56  SER A O   1 
ATOM   344 C CB  . SER A 1 58 ? -0.69416  10.22922  -12.49155 1.000 25.83204 ? 56  SER A CB  1 
ATOM   345 O OG  . SER A 1 58 ? -0.85723  9.00922   -13.19328 1.000 25.35567 ? 56  SER A OG  1 
ATOM   346 N N   . THR A 1 59 ? 0.65834   11.96102  -10.14805 1.000 19.67868 ? 57  THR A N   1 
ATOM   347 C CA  . THR A 1 59 ? 0.89317   13.24021  -9.48464  1.000 23.90813 ? 57  THR A CA  1 
ATOM   348 C C   . THR A 1 59 ? 2.37779   13.57977  -9.46194  1.000 25.08985 ? 57  THR A C   1 
ATOM   349 O O   . THR A 1 59 ? 2.76806   14.72152  -9.73739  1.000 23.29490 ? 57  THR A O   1 
ATOM   350 C CB  . THR A 1 59 ? 0.32847   13.20594  -8.06239  1.000 20.93672 ? 57  THR A CB  1 
ATOM   351 O OG1 . THR A 1 59 ? -1.09217  13.03023  -8.11441  1.000 21.75787 ? 57  THR A OG1 1 
ATOM   352 C CG2 . THR A 1 59 ? 0.64782   14.49954  -7.32101  1.000 20.81565 ? 57  THR A CG2 1 
ATOM   353 N N   . VAL A 1 60 ? 3.22185   12.59713  -9.13960  1.000 18.49695 ? 58  VAL A N   1 
ATOM   354 C CA  . VAL A 1 60 ? 4.66553   12.81755  -9.15519  1.000 23.51598 ? 58  VAL A CA  1 
ATOM   355 C C   . VAL A 1 60 ? 5.13244   13.20077  -10.55387 1.000 24.34766 ? 58  VAL A C   1 
ATOM   356 O O   . VAL A 1 60 ? 5.98599   14.08287  -10.71924 1.000 26.09787 ? 58  VAL A O   1 
ATOM   357 C CB  . VAL A 1 60 ? 5.40164   11.56926  -8.63287  1.000 25.43200 ? 58  VAL A CB  1 
ATOM   358 C CG1 . VAL A 1 60 ? 6.90326   11.68829  -8.86724  1.000 30.11151 ? 58  VAL A CG1 1 
ATOM   359 C CG2 . VAL A 1 60 ? 5.10778   11.36507  -7.15846  1.000 20.95778 ? 58  VAL A CG2 1 
ATOM   360 N N   . LYS A 1 61 ? 4.57643   12.55625  -11.58252 1.000 27.04272 ? 59  LYS A N   1 
ATOM   361 C CA  . LYS A 1 61 ? 5.01708   12.83390  -12.94626 1.000 24.97405 ? 59  LYS A CA  1 
ATOM   362 C C   . LYS A 1 61 ? 4.62814   14.24301  -13.37721 1.000 25.18986 ? 59  LYS A C   1 
ATOM   363 O O   . LYS A 1 61 ? 5.44059   14.97242  -13.95956 1.000 26.02680 ? 59  LYS A O   1 
ATOM   364 C CB  . LYS A 1 61 ? 4.43503   11.80417  -13.91347 1.000 29.20087 ? 59  LYS A CB  1 
ATOM   365 C CG  . LYS A 1 61 ? 4.82514   12.07237  -15.35522 1.000 39.56527 ? 59  LYS A CG  1 
ATOM   366 C CD  . LYS A 1 61 ? 3.95647   11.30743  -16.33008 1.000 44.96592 ? 59  LYS A CD  1 
ATOM   367 C CE  . LYS A 1 61 ? 4.18200   11.80988  -17.75401 1.000 50.87452 ? 59  LYS A CE  1 
ATOM   368 N NZ  . LYS A 1 61 ? 3.39321   11.05343  -18.76904 1.000 55.53561 ? 59  LYS A NZ  1 
ATOM   369 N N   . GLU A 1 62 ? 3.38248   14.64374  -13.10710 1.000 23.65020 ? 60  GLU A N   1 
ATOM   370 C CA  . GLU A 1 62 ? 2.92666   15.95815  -13.54495 1.000 24.28186 ? 60  GLU A CA  1 
ATOM   371 C C   . GLU A 1 62 ? 3.66225   17.07237  -12.81339 1.000 22.29478 ? 60  GLU A C   1 
ATOM   372 O O   . GLU A 1 62 ? 3.97574   18.11009  -13.40834 1.000 25.95048 ? 60  GLU A O   1 
ATOM   373 C CB  . GLU A 1 62 ? 1.41632   16.08957  -13.34631 1.000 29.15350 ? 60  GLU A CB  1 
ATOM   374 C CG  . GLU A 1 62 ? 0.59109   15.08058  -14.13277 1.000 32.31440 ? 60  GLU A CG  1 
ATOM   375 C CD  . GLU A 1 62 ? 0.60428   15.32763  -15.62913 1.000 38.34670 ? 60  GLU A CD  1 
ATOM   376 O OE1 . GLU A 1 62 ? 1.05845   16.40774  -16.05621 1.000 33.96723 ? 60  GLU A OE1 1 
ATOM   377 O OE2 . GLU A 1 62 ? 0.15380   14.43643  -16.38067 1.000 40.84700 ? 60  GLU A OE2 1 
ATOM   378 N N   . LEU A 1 63 ? 3.94763   16.87835  -11.52551 1.000 21.65786 ? 61  LEU A N   1 
ATOM   379 C CA  . LEU A 1 63 ? 4.72678   17.85713  -10.77738 1.000 25.60044 ? 61  LEU A CA  1 
ATOM   380 C C   . LEU A 1 63 ? 6.20701   17.82360  -11.12918 1.000 29.57986 ? 61  LEU A C   1 
ATOM   381 O O   . LEU A 1 63 ? 6.94481   18.71537  -10.69419 1.000 26.54529 ? 61  LEU A O   1 
ATOM   382 C CB  . LEU A 1 63 ? 4.55817   17.63141  -9.27321  1.000 24.03446 ? 61  LEU A CB  1 
ATOM   383 C CG  . LEU A 1 63 ? 3.28445   18.17553  -8.62731  1.000 24.29502 ? 61  LEU A CG  1 
ATOM   384 C CD1 . LEU A 1 63 ? 3.20719   17.75698  -7.17027  1.000 20.22085 ? 61  LEU A CD1 1 
ATOM   385 C CD2 . LEU A 1 63 ? 3.23747   19.68987  -8.74887  1.000 25.67676 ? 61  LEU A CD2 1 
ATOM   386 N N   . GLU A 1 64 ? 6.64874   16.82814  -11.89971 1.000 26.92165 ? 62  GLU A N   1 
ATOM   387 C CA  . GLU A 1 64 ? 8.06191   16.63735  -12.22394 1.000 27.87439 ? 62  GLU A CA  1 
ATOM   388 C C   . GLU A 1 64 ? 8.89273   16.49017  -10.95008 1.000 33.91986 ? 62  GLU A C   1 
ATOM   389 O O   . GLU A 1 64 ? 9.95736   17.09033  -10.79705 1.000 38.03088 ? 62  GLU A O   1 
ATOM   390 C CB  . GLU A 1 64 ? 8.58492   17.77204  -13.10730 1.000 27.81123 ? 62  GLU A CB  1 
ATOM   391 C CG  . GLU A 1 64 ? 7.92142   17.83110  -14.47289 1.000 29.75883 ? 62  GLU A CG  1 
ATOM   392 C CD  . GLU A 1 64 ? 8.47476   18.93668  -15.34674 1.000 37.18867 ? 62  GLU A CD  1 
ATOM   393 O OE1 . GLU A 1 64 ? 8.35835   20.11816  -14.96067 1.000 40.13113 ? 62  GLU A OE1 1 
ATOM   394 O OE2 . GLU A 1 64 ? 9.03522   18.62325  -16.41841 1.000 45.12383 ? 62  GLU A OE2 1 
ATOM   395 N N   . GLU A 1 65 ? 8.38677   15.67475  -10.02923 1.000 26.36369 ? 63  GLU A N   1 
ATOM   396 C CA  . GLU A 1 65 ? 9.04387   15.40514  -8.75847  1.000 24.93194 ? 63  GLU A CA  1 
ATOM   397 C C   . GLU A 1 65 ? 10.02616  14.24513  -8.83220  1.000 30.61420 ? 63  GLU A C   1 
ATOM   398 O O   . GLU A 1 65 ? 10.57769  13.85252  -7.79875  1.000 27.72438 ? 63  GLU A O   1 
ATOM   399 C CB  . GLU A 1 65 ? 7.99580   15.12282  -7.67729  1.000 26.14787 ? 63  GLU A CB  1 
ATOM   400 C CG  . GLU A 1 65 ? 7.29891   16.36598  -7.15535  1.000 27.85597 ? 63  GLU A CG  1 
ATOM   401 C CD  . GLU A 1 65 ? 8.17349   17.16285  -6.20780  1.000 30.76948 ? 63  GLU A CD  1 
ATOM   402 O OE1 . GLU A 1 65 ? 8.60200   16.59886  -5.17795  1.000 29.64829 ? 63  GLU A OE1 1 
ATOM   403 O OE2 . GLU A 1 65 ? 8.44025   18.34874  -6.49608  1.000 29.08243 ? 63  GLU A OE2 1 
ATOM   404 N N   . GLY A 1 66 ? 10.25726  13.69558  -10.00727 1.000 30.76685 ? 64  GLY A N   1 
ATOM   405 C CA  . GLY A 1 66 ? 11.15969  12.55883  -10.15677 1.000 33.44612 ? 64  GLY A CA  1 
ATOM   406 C C   . GLY A 1 66 ? 10.40741  11.23924  -10.04485 1.000 35.19633 ? 64  GLY A C   1 
ATOM   407 O O   . GLY A 1 66 ? 9.54044   10.94981  -10.86733 1.000 37.28079 ? 64  GLY A O   1 
ATOM   408 N N   . GLU A 1 67 ? 10.73971  10.45522  -9.02389  1.000 31.59853 ? 65  GLU A N   1 
ATOM   409 C CA  . GLU A 1 67 ? 10.14209  9.14898   -8.80726  1.000 32.30387 ? 65  GLU A CA  1 
ATOM   410 C C   . GLU A 1 67 ? 9.32582   9.13456   -7.52314  1.000 28.58237 ? 65  GLU A C   1 
ATOM   411 O O   . GLU A 1 67 ? 9.61158   9.87071   -6.57398  1.000 30.13782 ? 65  GLU A O   1 
ATOM   412 C CB  . GLU A 1 67 ? 11.21001  8.05713   -8.72712  1.000 42.11558 ? 65  GLU A CB  1 
ATOM   413 C CG  . GLU A 1 67 ? 11.74759  7.59616   -10.06045 1.000 52.88792 ? 65  GLU A CG  1 
ATOM   414 C CD  . GLU A 1 67 ? 12.89992  6.63562   -9.89386  1.000 63.95240 ? 65  GLU A CD  1 
ATOM   415 O OE1 . GLU A 1 67 ? 13.77583  6.91674   -9.04987  1.000 66.31848 ? 65  GLU A OE1 1 
ATOM   416 O OE2 . GLU A 1 67 ? 12.92045  5.59888   -10.58880 1.000 68.18449 ? 65  GLU A OE2 1 
ATOM   417 N N   . LEU A 1 68 ? 8.30816   8.27966   -7.50574  1.000 24.98194 ? 66  LEU A N   1 
ATOM   418 C CA  . LEU A 1 68 ? 7.56387   8.00083   -6.28704  1.000 22.40005 ? 66  LEU A CA  1 
ATOM   419 C C   . LEU A 1 68 ? 8.36506   7.02804   -5.43150  1.000 31.11162 ? 66  LEU A C   1 
ATOM   420 O O   . LEU A 1 68 ? 8.60297   5.88507   -5.83855  1.000 31.09057 ? 66  LEU A O   1 
ATOM   421 C CB  . LEU A 1 68 ? 6.19118   7.42140   -6.61833  1.000 25.51359 ? 66  LEU A CB  1 
ATOM   422 C CG  . LEU A 1 68 ? 5.43431   6.79347   -5.44540  1.000 25.80046 ? 66  LEU A CG  1 
ATOM   423 C CD1 . LEU A 1 68 ? 5.08154   7.84953   -4.40902  1.000 24.38977 ? 66  LEU A CD1 1 
ATOM   424 C CD2 . LEU A 1 68 ? 4.18883   6.06121   -5.92600  1.000 23.61336 ? 66  LEU A CD2 1 
ATOM   425 N N   . LYS A 1 69 ? 8.79579   7.48119   -4.25492  1.000 32.32230 ? 67  LYS A N   1 
ATOM   426 C CA  . LYS A 1 69 ? 9.48819   6.58813   -3.33263  1.000 34.23305 ? 67  LYS A CA  1 
ATOM   427 C C   . LYS A 1 69 ? 8.49052   5.77673   -2.51451  1.000 29.38247 ? 67  LYS A C   1 
ATOM   428 O O   . LYS A 1 69 ? 8.56411   4.54379   -2.47494  1.000 33.86722 ? 67  LYS A O   1 
ATOM   429 C CB  . LYS A 1 69 ? 10.41730  7.39038   -2.41972  1.000 32.93026 ? 67  LYS A CB  1 
ATOM   430 C CG  . LYS A 1 69 ? 11.49991  8.15622   -3.16470  1.000 35.39898 ? 67  LYS A CG  1 
ATOM   431 C CD  . LYS A 1 69 ? 12.32245  7.22573   -4.04129  1.000 49.48225 ? 67  LYS A CD  1 
ATOM   432 C CE  . LYS A 1 69 ? 13.39044  7.98479   -4.81237  1.000 54.67761 ? 67  LYS A CE  1 
ATOM   433 N NZ  . LYS A 1 69 ? 14.18628  7.08344   -5.69216  1.000 50.74029 ? 67  LYS A NZ  1 
ATOM   434 N N   . PHE A 1 70 ? 7.55171   6.46069   -1.86560  1.000 24.71875 ? 68  PHE A N   1 
ATOM   435 C CA  . PHE A 1 70 ? 6.45905   5.83894   -1.12827  1.000 20.84724 ? 68  PHE A CA  1 
ATOM   436 C C   . PHE A 1 70 ? 5.48679   6.93887   -0.73044  1.000 23.18699 ? 68  PHE A C   1 
ATOM   437 O O   . PHE A 1 70 ? 5.73784   8.12814   -0.94860  1.000 24.44240 ? 68  PHE A O   1 
ATOM   438 C CB  . PHE A 1 70 ? 6.94976   5.07333   0.10702   1.000 21.89999 ? 68  PHE A CB  1 
ATOM   439 C CG  . PHE A 1 70 ? 7.72910   5.91696   1.07730   1.000 28.14285 ? 68  PHE A CG  1 
ATOM   440 C CD1 . PHE A 1 70 ? 9.10831   6.01195   0.98058   1.000 38.42040 ? 68  PHE A CD1 1 
ATOM   441 C CD2 . PHE A 1 70 ? 7.08451   6.61101   2.08946   1.000 29.75883 ? 68  PHE A CD2 1 
ATOM   442 C CE1 . PHE A 1 70 ? 9.82810   6.78593   1.87231   1.000 38.23353 ? 68  PHE A CE1 1 
ATOM   443 C CE2 . PHE A 1 70 ? 7.79860   7.38620   2.98319   1.000 29.78515 ? 68  PHE A CE2 1 
ATOM   444 C CZ  . PHE A 1 70 ? 9.17188   7.47347   2.87471   1.000 34.73574 ? 68  PHE A CZ  1 
ATOM   445 N N   . LEU A 1 71 ? 4.36559   6.52267   -0.15042  1.000 23.21068 ? 69  LEU A N   1 
ATOM   446 C CA  . LEU A 1 71 ? 3.38372   7.44333   0.39607   1.000 22.79484 ? 69  LEU A CA  1 
ATOM   447 C C   . LEU A 1 71 ? 2.89285   6.89586   1.72352   1.000 23.12909 ? 69  LEU A C   1 
ATOM   448 O O   . LEU A 1 71 ? 2.88655   5.68370   1.95467   1.000 25.28987 ? 69  LEU A O   1 
ATOM   449 C CB  . LEU A 1 71 ? 2.19944   7.66724   -0.56281  1.000 23.96340 ? 69  LEU A CB  1 
ATOM   450 C CG  . LEU A 1 71 ? 1.27492   6.49035   -0.89584  1.000 28.29023 ? 69  LEU A CG  1 
ATOM   451 C CD1 . LEU A 1 71 ? 0.07462   6.45032   0.03910   1.000 33.19609 ? 69  LEU A CD1 1 
ATOM   452 C CD2 . LEU A 1 71 ? 0.81877   6.53576   -2.35119  1.000 32.89342 ? 69  LEU A CD2 1 
ATOM   453 N N   . THR A 1 72 ? 2.50582   7.80607   2.60579   1.000 21.85525 ? 70  THR A N   1 
ATOM   454 C CA  A THR A 1 72 ? 1.97754   7.46541   3.92085   0.550 23.55546 ? 70  THR A CA  1 
ATOM   455 C CA  B THR A 1 72 ? 1.93352   7.40823   3.87561   0.450 23.96866 ? 70  THR A CA  1 
ATOM   456 C C   . THR A 1 72 ? 0.63174   8.15274   4.11073   1.000 24.67927 ? 70  THR A C   1 
ATOM   457 O O   . THR A 1 72 ? 0.51009   9.34939   3.82938   1.000 23.41597 ? 70  THR A O   1 
ATOM   458 C CB  A THR A 1 72 ? 2.94631   7.89766   5.03448   0.550 30.58788 ? 70  THR A CB  1 
ATOM   459 C CB  B THR A 1 72 ? 2.88867   7.63036   5.05849   0.450 31.20374 ? 70  THR A CB  1 
ATOM   460 O OG1 A THR A 1 72 ? 2.80983   9.30493   5.27079   0.550 36.13065 ? 70  THR A OG1 1 
ATOM   461 O OG1 B THR A 1 72 ? 2.11074   7.85844   6.23747   0.450 26.81637 ? 70  THR A OG1 1 
ATOM   462 C CG2 A THR A 1 72 ? 4.38823   7.61027   4.63978   0.550 24.73454 ? 70  THR A CG2 1 
ATOM   463 C CG2 B THR A 1 72 ? 3.83415   8.80706   4.83156   0.450 24.69770 ? 70  THR A CG2 1 
ATOM   464 N N   . ILE A 1 73 ? -0.35486  7.41368   4.60459   1.000 24.01077 ? 71  ILE A N   1 
ATOM   465 C CA  . ILE A 1 73 ? -1.67384  7.94938   4.91447   1.000 22.73430 ? 71  ILE A CA  1 
ATOM   466 C C   . ILE A 1 73 ? -1.76492  8.09441   6.42576   1.000 21.00515 ? 71  ILE A C   1 
ATOM   467 O O   . ILE A 1 73 ? -1.65203  7.10433   7.15654   1.000 24.00025 ? 71  ILE A O   1 
ATOM   468 C CB  . ILE A 1 73 ? -2.78805  7.03701   4.37803   1.000 21.19991 ? 71  ILE A CB  1 
ATOM   469 C CG1 . ILE A 1 73 ? -2.59265  6.78059   2.88173   1.000 23.23173 ? 71  ILE A CG1 1 
ATOM   470 C CG2 . ILE A 1 73 ? -4.15899  7.64661   4.65431   1.000 27.40855 ? 71  ILE A CG2 1 
ATOM   471 C CD1 . ILE A 1 73 ? -3.52744  5.74190   2.31697   1.000 27.25853 ? 71  ILE A CD1 1 
ATOM   472 N N   . ASN A 1 74 ? -1.95397  9.32366   6.90141   1.000 22.51059 ? 72  ASN A N   1 
ATOM   473 C CA  . ASN A 1 74 ? -2.11627  9.57859   8.32804   1.000 26.43738 ? 72  ASN A CA  1 
ATOM   474 C C   . ASN A 1 74 ? -3.59321  9.47801   8.68673   1.000 30.65631 ? 72  ASN A C   1 
ATOM   475 O O   . ASN A 1 74 ? -4.42726  10.19473  8.12011   1.000 30.49050 ? 72  ASN A O   1 
ATOM   476 C CB  . ASN A 1 74 ? -1.55410  10.94629  8.71277   1.000 30.61157 ? 72  ASN A CB  1 
ATOM   477 C CG  . ASN A 1 74 ? -0.10951  10.87357  9.17565   1.000 37.67557 ? 72  ASN A CG  1 
ATOM   478 O OD1 . ASN A 1 74 ? 0.17609   10.96207  10.37057  1.000 45.75285 ? 72  ASN A OD1 1 
ATOM   479 N ND2 . ASN A 1 74 ? 0.80664   10.70461  8.23299   1.000 40.72857 ? 72  ASN A ND2 1 
ATOM   480 N N   . THR A 1 75 ? -3.91260  8.58635   9.61812   1.000 27.67437 ? 73  THR A N   1 
ATOM   481 C CA  . THR A 1 75 ? -5.28385  8.27829   9.99438   1.000 25.71624 ? 73  THR A CA  1 
ATOM   482 C C   . THR A 1 75 ? -5.47525  8.51246   11.48896  1.000 27.41118 ? 73  THR A C   1 
ATOM   483 O O   . THR A 1 75 ? -4.54781  8.89397   12.20770  1.000 31.67748 ? 73  THR A O   1 
ATOM   484 C CB  . THR A 1 75 ? -5.64074  6.83314   9.63528   1.000 26.07681 ? 73  THR A CB  1 
ATOM   485 O OG1 . THR A 1 75 ? -4.96062  5.94146   10.52723  1.000 28.10074 ? 73  THR A OG1 1 
ATOM   486 C CG2 . THR A 1 75 ? -5.22960  6.51727   8.20366   1.000 20.94725 ? 73  THR A CG2 1 
ATOM   487 N N   . SER A 1 76 ? -6.70226  8.26908   11.95189  1.000 29.55091 ? 74  SER A N   1 
ATOM   488 C CA  . SER A 1 76 ? -6.99419  8.39109   13.37599  1.000 30.20362 ? 74  SER A CA  1 
ATOM   489 C C   . SER A 1 76 ? -6.25720  7.33754   14.19134  1.000 38.22564 ? 74  SER A C   1 
ATOM   490 O O   . SER A 1 76 ? -5.91438  7.58289   15.35388  1.000 41.07335 ? 74  SER A O   1 
ATOM   491 C CB  . SER A 1 76 ? -8.50057  8.28355   13.61288  1.000 31.64327 ? 74  SER A CB  1 
ATOM   492 O OG  . SER A 1 76 ? -9.20537  9.23959   12.83989  1.000 32.95395 ? 74  SER A OG  1 
ATOM   493 N N   . LYS A 1 77 ? -6.00458  6.16853   13.60543  1.000 30.57735 ? 75  LYS A N   1 
ATOM   494 C CA  . LYS A 1 77 ? -5.32506  5.08553   14.30252  1.000 35.22001 ? 75  LYS A CA  1 
ATOM   495 C C   . LYS A 1 77 ? -3.81071  5.13295   14.15893  1.000 36.84652 ? 75  LYS A C   1 
ATOM   496 O O   . LYS A 1 77 ? -3.11325  4.44700   14.91286  1.000 37.93876 ? 75  LYS A O   1 
ATOM   497 C CB  . LYS A 1 77 ? -5.83609  3.73024   13.80128  1.000 35.97537 ? 75  LYS A CB  1 
ATOM   498 C CG  . LYS A 1 77 ? -7.28217  3.44068   14.15846  1.000 36.06748 ? 75  LYS A CG  1 
ATOM   499 C CD  . LYS A 1 77 ? -7.67111  2.02803   13.75645  1.000 40.47854 ? 75  LYS A CD  1 
ATOM   500 C CE  . LYS A 1 77 ? -9.06662  1.67751   14.24297  1.000 48.71374 ? 75  LYS A CE  1 
ATOM   501 N NZ  . LYS A 1 77 ? -9.47008  0.30675   13.82088  1.000 49.57700 ? 75  LYS A NZ  1 
ATOM   502 N N   . GLY A 1 78 ? -3.28728  5.91333   13.21699  1.000 35.12263 ? 76  GLY A N   1 
ATOM   503 C CA  . GLY A 1 78 ? -1.85189  6.00706   13.03832  1.000 31.80118 ? 76  GLY A CA  1 
ATOM   504 C C   . GLY A 1 78 ? -1.43498  6.34208   11.62043  1.000 31.11426 ? 76  GLY A C   1 
ATOM   505 O O   . GLY A 1 78 ? -1.81516  7.38738   11.08390  1.000 29.96938 ? 76  GLY A O   1 
ATOM   506 N N   . GLU A 1 79 ? -0.64912  5.46106   11.00392  1.000 25.71361 ? 77  GLU A N   1 
ATOM   507 C CA  . GLU A 1 79 ? -0.14454  5.67321   9.65689   1.000 25.90837 ? 77  GLU A CA  1 
ATOM   508 C C   . GLU A 1 79 ? -0.33220  4.41525   8.82234   1.000 26.42422 ? 77  GLU A C   1 
ATOM   509 O O   . GLU A 1 79 ? -0.31050  3.29565   9.34022   1.000 30.95108 ? 77  GLU A O   1 
ATOM   510 C CB  . GLU A 1 79 ? 1.34043   6.06172   9.66219   1.000 32.54601 ? 77  GLU A CB  1 
ATOM   511 C CG  . GLU A 1 79 ? 1.63711   7.41925   10.27055  1.000 39.45210 ? 77  GLU A CG  1 
ATOM   512 C CD  . GLU A 1 79 ? 3.11324   7.75801   10.22750  1.000 44.86327 ? 77  GLU A CD  1 
ATOM   513 O OE1 . GLU A 1 79 ? 3.92582   6.83637   9.99953   1.000 47.27146 ? 77  GLU A OE1 1 
ATOM   514 O OE2 . GLU A 1 79 ? 3.46062   8.94148   10.41557  1.000 50.44552 ? 77  GLU A OE2 1 
ATOM   515 N N   . VAL A 1 80 ? -0.51804  4.61441   7.52135   1.000 22.13950 ? 78  VAL A N   1 
ATOM   516 C CA  . VAL A 1 80 ? -0.58417  3.53284   6.54616   1.000 20.40508 ? 78  VAL A CA  1 
ATOM   517 C C   . VAL A 1 80 ? 0.50658   3.79497   5.51836   1.000 24.55294 ? 78  VAL A C   1 
ATOM   518 O O   . VAL A 1 80 ? 0.37508   4.69665   4.68058   1.000 25.22145 ? 78  VAL A O   1 
ATOM   519 C CB  . VAL A 1 80 ? -1.96266  3.43319   5.87887   1.000 19.35758 ? 78  VAL A CB  1 
ATOM   520 C CG1 . VAL A 1 80 ? -1.96905  2.31546   4.84283   1.000 21.69997 ? 78  VAL A CG1 1 
ATOM   521 C CG2 . VAL A 1 80 ? -3.04431  3.20388   6.92393   1.000 23.03171 ? 78  VAL A CG2 1 
ATOM   522 N N   . HIS A 1 81 ? 1.58550   3.01958   5.59038   1.000 21.35256 ? 79  HIS A N   1 
ATOM   523 C CA  . HIS A 1 81 ? 2.71533   3.15313   4.67923   1.000 22.40269 ? 79  HIS A CA  1 
ATOM   524 C C   . HIS A 1 81 ? 2.45706   2.32788   3.42606   1.000 26.20841 ? 79  HIS A C   1 
ATOM   525 O O   . HIS A 1 81 ? 2.08528   1.15416   3.51545   1.000 24.70559 ? 79  HIS A O   1 
ATOM   526 C CB  . HIS A 1 81 ? 4.00594   2.69758   5.36357   1.000 24.28975 ? 79  HIS A CB  1 
ATOM   527 C CG  . HIS A 1 81 ? 5.22826   2.82521   4.50834   1.000 33.29873 ? 79  HIS A CG  1 
ATOM   528 N ND1 . HIS A 1 81 ? 6.09120   3.89642   4.59869   1.000 38.66253 ? 79  HIS A ND1 1 
ATOM   529 C CD2 . HIS A 1 81 ? 5.73748   2.01286   3.55196   1.000 38.35723 ? 79  HIS A CD2 1 
ATOM   530 C CE1 . HIS A 1 81 ? 7.07746   3.73961   3.73373   1.000 34.80680 ? 79  HIS A CE1 1 
ATOM   531 N NE2 . HIS A 1 81 ? 6.88575   2.60523   3.08489   1.000 36.91758 ? 79  HIS A NE2 1 
ATOM   532 N N   . VAL A 1 82 ? 2.64787   2.94470   2.26090   1.000 24.33186 ? 80  VAL A N   1 
ATOM   533 C CA  . VAL A 1 82 ? 2.39205   2.29903   0.97690   1.000 22.10002 ? 80  VAL A CA  1 
ATOM   534 C C   . VAL A 1 82 ? 3.60457   2.51109   0.08203   1.000 24.86877 ? 80  VAL A C   1 
ATOM   535 O O   . VAL A 1 82 ? 3.99581   3.65574   -0.17737  1.000 23.75811 ? 80  VAL A O   1 
ATOM   536 C CB  . VAL A 1 82 ? 1.12325   2.84053   0.29669   1.000 20.18663 ? 80  VAL A CB  1 
ATOM   537 C CG1 . VAL A 1 82 ? 0.93205   2.17937   -1.05661  1.000 21.15517 ? 80  VAL A CG1 1 
ATOM   538 C CG2 . VAL A 1 82 ? -0.09691  2.62062   1.17999   1.000 19.79185 ? 80  VAL A CG2 1 
ATOM   539 N N   . ALA A 1 83 ? 4.19054   1.41535   -0.39335  1.000 27.82176 ? 81  ALA A N   1 
ATOM   540 C CA  . ALA A 1 83 ? 5.31427   1.46516   -1.31766  1.000 31.63537 ? 81  ALA A CA  1 
ATOM   541 C C   . ALA A 1 83 ? 5.08463   0.47348   -2.44576  1.000 34.28043 ? 81  ALA A C   1 
ATOM   542 O O   . ALA A 1 83 ? 4.57808   -0.63016  -2.22193  1.000 30.94582 ? 81  ALA A O   1 
ATOM   543 C CB  . ALA A 1 83 ? 6.63455   1.15463   -0.61373  1.000 27.61647 ? 81  ALA A CB  1 
ATOM   544 N N   . GLN A 1 84 ? 5.46250   0.86923   -3.65755  1.000 31.97752 ? 82  GLN A N   1 
ATOM   545 C CA  . GLN A 1 84 ? 5.30757   0.02920   -4.83753  1.000 34.80944 ? 82  GLN A CA  1 
ATOM   546 C C   . GLN A 1 84 ? 6.67211   -0.22345  -5.45881  1.000 38.53620 ? 82  GLN A C   1 
ATOM   547 O O   . GLN A 1 84 ? 7.38357   0.72366   -5.81253  1.000 33.41980 ? 82  GLN A O   1 
ATOM   548 C CB  . GLN A 1 84 ? 4.37357   0.67416   -5.86412  1.000 42.58669 ? 82  GLN A CB  1 
ATOM   549 C CG  . GLN A 1 84 ? 4.04780   -0.23932  -7.03692  1.000 50.12969 ? 82  GLN A CG  1 
ATOM   550 C CD  . GLN A 1 84 ? 3.41225   0.49182   -8.20177  1.000 60.29934 ? 82  GLN A CD  1 
ATOM   551 O OE1 . GLN A 1 84 ? 3.82978   1.59221   -8.56106  1.000 67.42651 ? 82  GLN A OE1 1 
ATOM   552 N NE2 . GLN A 1 84 ? 2.39338   -0.11762  -8.79956  1.000 58.98339 ? 82  GLN A NE2 1 
ATOM   553 N N   . GLU A 1 85 ? 7.03541   -1.49353  -5.57686  1.000 36.39647 ? 83  GLU A N   1 
ATOM   554 C CA  . GLU A 1 85 ? 8.12109   -1.91928  -6.43776  1.000 39.61001 ? 83  GLU A CA  1 
ATOM   555 C C   . GLU A 1 85 ? 7.52017   -2.34765  -7.77670  1.000 44.68957 ? 83  GLU A C   1 
ATOM   556 O O   . GLU A 1 85 ? 6.32915   -2.15148  -8.03382  1.000 47.40832 ? 83  GLU A O   1 
ATOM   557 C CB  . GLU A 1 85 ? 8.92787   -3.03181  -5.76634  1.000 42.42351 ? 83  GLU A CB  1 
ATOM   558 C CG  . GLU A 1 85 ? 8.08217   -4.17837  -5.25190  1.000 48.13209 ? 83  GLU A CG  1 
ATOM   559 C CD  . GLU A 1 85 ? 8.55060   -5.52009  -5.76895  1.000 52.17204 ? 83  GLU A CD  1 
ATOM   560 O OE1 . GLU A 1 85 ? 8.71376   -6.45088  -4.95139  1.000 54.72498 ? 83  GLU A OE1 1 
ATOM   561 O OE2 . GLU A 1 85 ? 8.76588   -5.64194  -6.99339  1.000 54.62760 ? 83  GLU A OE2 1 
ATOM   562 N N   . GLU A 1 86 ? 8.33901   -2.94352  -8.64373  1.000 43.31835 ? 84  GLU A N   1 
ATOM   563 C CA  . GLU A 1 86 ? 7.85588   -3.26249  -9.98383  1.000 46.82930 ? 84  GLU A CA  1 
ATOM   564 C C   . GLU A 1 86 ? 6.77607   -4.33872  -9.95338  1.000 43.14465 ? 84  GLU A C   1 
ATOM   565 O O   . GLU A 1 86 ? 5.81821   -4.28189  -10.73454 1.000 49.01640 ? 84  GLU A O   1 
ATOM   566 C CB  . GLU A 1 86 ? 9.01675   -3.69217  -10.87882 1.000 55.63562 ? 84  GLU A CB  1 
ATOM   567 C CG  . GLU A 1 86 ? 9.86128   -2.53913  -11.38850 1.000 60.93889 ? 84  GLU A CG  1 
ATOM   568 C CD  . GLU A 1 86 ? 10.41122  -2.79776  -12.77701 1.000 73.20088 ? 84  GLU A CD  1 
ATOM   569 O OE1 . GLU A 1 86 ? 10.82897  -1.82827  -13.44455 1.000 78.25675 ? 84  GLU A OE1 1 
ATOM   570 O OE2 . GLU A 1 86 ? 10.41873  -3.97230  -13.20342 1.000 78.03041 ? 84  GLU A OE2 1 
ATOM   571 N N   . ASP A 1 87 ? 6.90092   -5.32060  -9.05847  1.000 36.50174 ? 85  ASP A N   1 
ATOM   572 C CA  . ASP A 1 87 ? 5.98176   -6.45011  -9.04422  1.000 35.94642 ? 85  ASP A CA  1 
ATOM   573 C C   . ASP A 1 87 ? 4.96978   -6.42909  -7.90819  1.000 34.18568 ? 85  ASP A C   1 
ATOM   574 O O   . ASP A 1 87 ? 3.90649   -7.04037  -8.04721  1.000 32.75393 ? 85  ASP A O   1 
ATOM   575 C CB  . ASP A 1 87 ? 6.76105   -7.77231  -8.97576  1.000 33.31452 ? 85  ASP A CB  1 
ATOM   576 C CG  . ASP A 1 87 ? 7.46456   -8.10363  -10.27653 1.000 42.88935 ? 85  ASP A CG  1 
ATOM   577 O OD1 . ASP A 1 87 ? 7.03804   -7.58999  -11.33149 1.000 45.18436 ? 85  ASP A OD1 1 
ATOM   578 O OD2 . ASP A 1 87 ? 8.44068   -8.88227  -10.24481 1.000 42.11558 ? 85  ASP A OD2 1 
ATOM   579 N N   . TYR A 1 88 ? 5.25889   -5.75413  -6.79879  1.000 22.76062 ? 86  TYR A N   1 
ATOM   580 C CA  . TYR A 1 88 ? 4.39993   -5.84332  -5.62853  1.000 21.38941 ? 86  TYR A CA  1 
ATOM   581 C C   . TYR A 1 88 ? 4.17172   -4.46423  -5.03159  1.000 20.88671 ? 86  TYR A C   1 
ATOM   582 O O   . TYR A 1 88 ? 4.94790   -3.52989  -5.24453  1.000 26.26368 ? 86  TYR A O   1 
ATOM   583 C CB  . TYR A 1 88 ? 4.99399   -6.77405  -4.56172  1.000 22.00264 ? 86  TYR A CB  1 
ATOM   584 C CG  . TYR A 1 88 ? 5.27000   -8.17646  -5.05183  1.000 25.70835 ? 86  TYR A CG  1 
ATOM   585 C CD1 . TYR A 1 88 ? 4.27966   -9.15037  -5.02557  1.000 32.87236 ? 86  TYR A CD1 1 
ATOM   586 C CD2 . TYR A 1 88 ? 6.51990   -8.52774  -5.53747  1.000 25.29251 ? 86  TYR A CD2 1 
ATOM   587 C CE1 . TYR A 1 88 ? 4.52891   -10.43416 -5.47323  1.000 26.66899 ? 86  TYR A CE1 1 
ATOM   588 C CE2 . TYR A 1 88 ? 6.77980   -9.80770  -5.98603  1.000 27.47961 ? 86  TYR A CE2 1 
ATOM   589 C CZ  . TYR A 1 88 ? 5.78003   -10.75680 -5.95259  1.000 31.38271 ? 86  TYR A CZ  1 
ATOM   590 O OH  . TYR A 1 88 ? 6.03565   -12.03264 -6.39983  1.000 36.69124 ? 86  TYR A OH  1 
ATOM   591 N N   . ILE A 1 89 ? 3.08270   -4.35436  -4.27561  1.000 19.53392 ? 87  ILE A N   1 
ATOM   592 C CA  . ILE A 1 89 ? 2.78525   -3.18387  -3.46002  1.000 19.93134 ? 87  ILE A CA  1 
ATOM   593 C C   . ILE A 1 89 ? 2.77679   -3.62677  -2.00558  1.000 24.25028 ? 87  ILE A C   1 
ATOM   594 O O   . ILE A 1 89 ? 2.15944   -4.64289  -1.66495  1.000 23.11067 ? 87  ILE A O   1 
ATOM   595 C CB  . ILE A 1 89 ? 1.44027   -2.54116  -3.84540  1.000 20.82881 ? 87  ILE A CB  1 
ATOM   596 C CG1 . ILE A 1 89 ? 1.45172   -2.10711  -5.31100  1.000 25.15828 ? 87  ILE A CG1 1 
ATOM   597 C CG2 . ILE A 1 89 ? 1.13188   -1.35679  -2.93539  1.000 22.59745 ? 87  ILE A CG2 1 
ATOM   598 C CD1 . ILE A 1 89 ? 0.14772   -1.48328  -5.77111  1.000 23.66336 ? 87  ILE A CD1 1 
ATOM   599 N N   . LEU A 1 90 ? 3.46512   -2.87247  -1.15429  1.000 19.92871 ? 88  LEU A N   1 
ATOM   600 C CA  . LEU A 1 90 ? 3.55547   -3.16796  0.26755   1.000 21.46047 ? 88  LEU A CA  1 
ATOM   601 C C   . LEU A 1 90 ? 2.69469   -2.18111  1.04322   1.000 21.82630 ? 88  LEU A C   1 
ATOM   602 O O   . LEU A 1 90 ? 2.77630   -0.96953  0.81779   1.000 26.37158 ? 88  LEU A O   1 
ATOM   603 C CB  . LEU A 1 90 ? 5.00732   -3.10440  0.74631   1.000 25.10301 ? 88  LEU A CB  1 
ATOM   604 C CG  . LEU A 1 90 ? 5.26495   -3.45135  2.21229   1.000 35.37003 ? 88  LEU A CG  1 
ATOM   605 C CD1 . LEU A 1 90 ? 4.70131   -4.82184  2.55340   1.000 40.16271 ? 88  LEU A CD1 1 
ATOM   606 C CD2 . LEU A 1 90 ? 6.75334   -3.39998  2.50418   1.000 36.01221 ? 88  LEU A CD2 1 
ATOM   607 N N   . ILE A 1 91 ? 1.86816   -2.70245  1.94597   1.000 19.36548 ? 89  ILE A N   1 
ATOM   608 C CA  . ILE A 1 91 ? 0.98224   -1.89593  2.77817   1.000 18.54959 ? 89  ILE A CA  1 
ATOM   609 C C   . ILE A 1 91 ? 1.25899   -2.25346  4.23006   1.000 19.41285 ? 89  ILE A C   1 
ATOM   610 O O   . ILE A 1 91 ? 1.02546   -3.39514  4.64458   1.000 23.31595 ? 89  ILE A O   1 
ATOM   611 C CB  . ILE A 1 91 ? -0.49957  -2.12762  2.44132   1.000 17.44683 ? 89  ILE A CB  1 
ATOM   612 C CG1 . ILE A 1 91 ? -0.74755  -1.92924  0.94508   1.000 20.63405 ? 89  ILE A CG1 1 
ATOM   613 C CG2 . ILE A 1 91 ? -1.38553  -1.20302  3.26802   1.000 22.03159 ? 89  ILE A CG2 1 
ATOM   614 C CD1 . ILE A 1 91 ? -2.12472  -2.36691  0.49843   1.000 20.58405 ? 89  ILE A CD1 1 
ATOM   615 N N   . VAL A 1 92 ? 1.75248   -1.28750  4.99993   1.000 21.00515 ? 90  VAL A N   1 
ATOM   616 C CA  . VAL A 1 92 ? 2.12043   -1.50108  6.39559   1.000 21.49995 ? 90  VAL A CA  1 
ATOM   617 C C   . VAL A 1 92 ? 1.34098   -0.51644  7.25510   1.000 28.61922 ? 90  VAL A C   1 
ATOM   618 O O   . VAL A 1 92 ? 1.46560   0.70274   7.08081   1.000 24.47662 ? 90  VAL A O   1 
ATOM   619 C CB  . VAL A 1 92 ? 3.63246   -1.34208  6.62031   1.000 23.12119 ? 90  VAL A CB  1 
ATOM   620 C CG1 . VAL A 1 92 ? 3.96137   -1.45949  8.09835   1.000 24.85298 ? 90  VAL A CG1 1 
ATOM   621 C CG2 . VAL A 1 92 ? 4.40155   -2.37871  5.81642   1.000 25.64781 ? 90  VAL A CG2 1 
ATOM   622 N N   . LEU A 1 93 ? 0.54574   -1.04309  8.18331   1.000 27.47171 ? 91  LEU A N   1 
ATOM   623 C CA  . LEU A 1 93 ? -0.18828  -0.22266  9.13749   1.000 25.74256 ? 91  LEU A CA  1 
ATOM   624 C C   . LEU A 1 93 ? 0.64511   -0.07639  10.40455  1.000 25.56622 ? 91  LEU A C   1 
ATOM   625 O O   . LEU A 1 93 ? 0.98185   -1.07452  11.05128  1.000 29.09033 ? 91  LEU A O   1 
ATOM   626 C CB  . LEU A 1 93 ? -1.55208  -0.83418  9.45720   1.000 25.03984 ? 91  LEU A CB  1 
ATOM   627 C CG  . LEU A 1 93 ? -2.64872  -0.75959  8.38849   1.000 30.35101 ? 91  LEU A CG  1 
ATOM   628 C CD1 . LEU A 1 93 ? -2.42642  -1.77169  7.27201   1.000 31.85645 ? 91  LEU A CD1 1 
ATOM   629 C CD2 . LEU A 1 93 ? -4.01950  -0.94997  9.01740   1.000 33.36716 ? 91  LEU A CD2 1 
ATOM   630 N N   . LYS A 1 94 ? 0.98180   1.16168   10.75082  1.000 30.83791 ? 92  LYS A N   1 
ATOM   631 C CA  . LYS A 1 94 ? 1.77778   1.43658   11.94191  1.000 34.87260 ? 92  LYS A CA  1 
ATOM   632 C C   . LYS A 1 94 ? 1.30013   2.70553   12.63882  1.000 39.13364 ? 92  LYS A C   1 
ATOM   633 O O   . LYS A 1 94 ? 0.18145   3.16995   12.41656  1.000 34.00934 ? 92  LYS A O   1 
ATOM   634 C CB  . LYS A 1 94 ? 3.26158   1.55472   11.58474  1.000 40.34694 ? 92  LYS A CB  1 
ATOM   635 C CG  . LYS A 1 94 ? 3.55284   2.43214   10.37722  1.000 45.11067 ? 92  LYS A CG  1 
ATOM   636 C CD  . LYS A 1 94 ? 5.04916   2.62965   10.19061  1.000 53.89067 ? 92  LYS A CD  1 
ATOM   637 C CE  . LYS A 1 94 ? 5.36995   3.16834   8.80622   1.000 58.48070 ? 92  LYS A CE  1 
ATOM   638 N NZ  . LYS A 1 94 ? 4.64868   4.43695   8.50348   1.000 59.87034 ? 92  LYS A NZ  1 
ATOM   639 O OXT . LYS A 1 94 ? 2.01880   3.29347   13.44902  1.000 50.44026 ? 92  LYS A OXT 1 
HETATM 640 O O   . HOH B 2 .  ? 6.99627   3.50994   -6.89534  1.000 47.22000 ? 101 HOH A O   1 
HETATM 641 O O   . HOH B 2 .  ? -16.73204 -2.47519  1.12809   1.000 38.28000 ? 102 HOH A O   1 
HETATM 642 O O   . HOH B 2 .  ? 5.51458   5.44766   6.33657   1.000 45.41000 ? 103 HOH A O   1 
HETATM 643 O O   . HOH B 2 .  ? 8.04372   10.41329  -12.72493 1.000 56.22000 ? 104 HOH A O   1 
HETATM 644 O O   . HOH B 2 .  ? -8.83935  -3.31781  10.15637  1.000 52.83000 ? 105 HOH A O   1 
HETATM 645 O O   . HOH B 2 .  ? 8.82540   19.64112  -8.77712  1.000 47.17000 ? 106 HOH A O   1 
HETATM 646 O O   . HOH B 2 .  ? -1.45097  -9.97992  -10.36159 1.000 35.22000 ? 107 HOH A O   1 
HETATM 647 O O   . HOH B 2 .  ? -3.07375  -7.08192  11.45258  1.000 33.14000 ? 108 HOH A O   1 
HETATM 648 O O   . HOH B 2 .  ? 6.21962   3.40338   -4.11018  1.000 30.65000 ? 109 HOH A O   1 
HETATM 649 O O   . HOH B 2 .  ? -3.42615  8.13370   -12.99320 1.000 32.85000 ? 110 HOH A O   1 
HETATM 650 O O   . HOH B 2 .  ? -8.06673  -6.78655  -4.71156  1.000 20.45000 ? 111 HOH A O   1 
HETATM 651 O O   . HOH B 2 .  ? 0.15263   -0.17275  -10.37137 1.000 48.11000 ? 112 HOH A O   1 
HETATM 652 O O   . HOH B 2 .  ? 2.34613   18.81231  -15.62610 1.000 41.25000 ? 113 HOH A O   1 
HETATM 653 O O   . HOH B 2 .  ? -2.56520  -2.86481  -3.40456  1.000 53.72000 ? 114 HOH A O   1 
HETATM 654 O O   . HOH B 2 .  ? -14.56015 -7.24667  6.70350   1.000 47.78000 ? 115 HOH A O   1 
HETATM 655 O O   . HOH B 2 .  ? 11.00767  -1.92550  -8.27593  1.000 47.14000 ? 116 HOH A O   1 
HETATM 656 O O   . HOH B 2 .  ? -13.87009 -15.14440 4.38769   1.000 60.62000 ? 117 HOH A O   1 
HETATM 657 O O   . HOH B 2 .  ? -14.68194 -5.35997  4.86335   1.000 37.40000 ? 118 HOH A O   1 
HETATM 658 O O   . HOH B 2 .  ? 9.73964   13.85995  -12.86307 1.000 45.07000 ? 119 HOH A O   1 
HETATM 659 O O   . HOH B 2 .  ? 2.11052   -7.43326  16.72528  1.000 63.49000 ? 120 HOH A O   1 
HETATM 660 O O   . HOH B 2 .  ? 8.06256   14.02233  -14.83826 1.000 45.52000 ? 121 HOH A O   1 
HETATM 661 O O   . HOH B 2 .  ? -1.99130  9.65121   13.43095  1.000 52.50000 ? 122 HOH A O   1 
HETATM 662 O O   . HOH B 2 .  ? -10.68496 -13.62768 6.80067   1.000 33.21000 ? 123 HOH A O   1 
HETATM 663 O O   . HOH B 2 .  ? -5.30460  -1.14607  14.51768  1.000 53.10000 ? 124 HOH A O   1 
HETATM 664 O O   . HOH B 2 .  ? 3.35369   -13.00618 -7.32417  1.000 43.81000 ? 125 HOH A O   1 
HETATM 665 O O   . HOH B 2 .  ? -13.53361 -11.41790 5.30945   1.000 24.78000 ? 126 HOH A O   1 
HETATM 666 O O   . HOH B 2 .  ? -7.14431  -13.44604 5.85856   1.000 47.25000 ? 127 HOH A O   1 
HETATM 667 O O   . HOH B 2 .  ? -0.08225  5.95822   -13.20980 1.000 44.26000 ? 128 HOH A O   1 
HETATM 668 O O   . HOH B 2 .  ? -5.28765  4.81820   -10.70012 1.000 31.32000 ? 129 HOH A O   1 
HETATM 669 O O   . HOH B 2 .  ? -3.11691  -11.33700 12.18362  1.000 56.23000 ? 130 HOH A O   1 
HETATM 670 O O   . HOH B 2 .  ? -1.54778  4.39433   -13.83142 1.000 60.02000 ? 131 HOH A O   1 
HETATM 671 O O   . HOH B 2 .  ? -16.19308 -14.97505 3.85879   1.000 48.60000 ? 132 HOH A O   1 
HETATM 672 O O   . HOH B 2 .  ? 0.71800   -12.74965 14.08149  1.000 47.94000 ? 133 HOH A O   1 
HETATM 673 O O   . HOH B 2 .  ? -0.18992  3.46166   15.74327  1.000 40.97000 ? 134 HOH A O   1 
HETATM 674 O O   . HOH B 2 .  ? -10.03313 7.88762   -13.23123 1.000 52.79000 ? 135 HOH A O   1 
HETATM 675 O O   . HOH B 2 .  ? 4.12691   11.47209  8.53121   1.000 71.06000 ? 136 HOH A O   1 
HETATM 676 O O   . HOH B 2 .  ? -0.24388  -12.19566 12.57854  1.000 41.78000 ? 137 HOH A O   1 
HETATM 677 O O   . HOH B 2 .  ? 2.20683   -9.76125  17.27394  1.000 57.41000 ? 138 HOH A O   1 
HETATM 678 O O   . HOH B 2 .  ? 6.26204   8.37178   -11.85460 1.000 55.03000 ? 139 HOH A O   1 
HETATM 679 O O   . HOH B 2 .  ? -9.47139  2.67684   -11.21049 1.000 48.52000 ? 140 HOH A O   1 
HETATM 680 O O   . HOH B 2 .  ? -3.92105  5.41667   -12.26374 1.000 43.11000 ? 141 HOH A O   1 
HETATM 681 O O   . HOH B 2 .  ? -8.04591  4.65264   -11.02080 1.000 45.73000 ? 142 HOH A O   1 
HETATM 682 O O   . HOH B 2 .  ? -8.51442  -9.32626  -5.26957  0.50  23.78000 ? 143 HOH A O   1 
HETATM 683 O O   . HOH B 2 .  ? 5.86205   11.20214  7.23339   0.50  73.22000 ? 144 HOH A O   1 
HETATM 684 O O   . HOH B 2 .  ? 7.67768   22.67455  -8.75997  1.000 48.28000 ? 145 HOH A O   1 
# 
loop_
_atom_site_anisotrop.id 
_atom_site_anisotrop.type_symbol 
_atom_site_anisotrop.pdbx_label_atom_id 
_atom_site_anisotrop.pdbx_label_alt_id 
_atom_site_anisotrop.pdbx_label_comp_id 
_atom_site_anisotrop.pdbx_label_asym_id 
_atom_site_anisotrop.pdbx_label_seq_id 
_atom_site_anisotrop.pdbx_PDB_ins_code 
_atom_site_anisotrop.U[1][1] 
_atom_site_anisotrop.U[2][2] 
_atom_site_anisotrop.U[3][3] 
_atom_site_anisotrop.U[1][2] 
_atom_site_anisotrop.U[1][3] 
_atom_site_anisotrop.U[2][3] 
_atom_site_anisotrop.pdbx_auth_seq_id 
_atom_site_anisotrop.pdbx_auth_comp_id 
_atom_site_anisotrop.pdbx_auth_asym_id 
_atom_site_anisotrop.pdbx_auth_atom_id 
1   N N   . GLN A 15 ? 0.75419 0.68106 0.52115 0.06892  0.10703  0.09317  13 GLN A N   
2   C CA  . GLN A 15 ? 0.79916 0.74497 0.51557 0.08415  0.06981  0.11607  13 GLN A CA  
3   C C   . GLN A 15 ? 0.76838 0.75827 0.49604 0.08586  0.05480  0.07987  13 GLN A C   
4   O O   . GLN A 15 ? 0.69301 0.69872 0.49697 0.09177  0.04978  0.04940  13 GLN A O   
5   C CB  . GLN A 15 ? 0.97555 0.90571 0.72084 0.10828  0.03171  0.15347  13 GLN A CB  
6   C CG  . GLN A 15 ? 1.06950 0.95395 0.81475 0.10807  0.04481  0.18959  13 GLN A CG  
7   C CD  . GLN A 15 ? 1.14956 1.01591 0.79594 0.09164  0.06497  0.21559  13 GLN A CD  
8   O OE1 . GLN A 15 ? 1.21728 1.08670 0.79021 0.09217  0.04328  0.24314  13 GLN A OE1 
9   N NE2 . GLN A 15 ? 1.14051 0.98784 0.78515 0.07377  0.10737  0.20473  13 GLN A NE2 
10  N N   . ARG A 16 ? 0.77233 0.78285 0.42872 0.07911  0.05008  0.08019  14 ARG A N   
11  C CA  . ARG A 16 ? 0.78321 0.83597 0.44393 0.07951  0.03666  0.04670  14 ARG A CA  
12  C C   . ARG A 16 ? 0.80574 0.87890 0.44606 0.09778  -0.00951 0.06565  14 ARG A C   
13  O O   . ARG A 16 ? 0.85482 0.90918 0.44740 0.10281  -0.02868 0.10795  14 ARG A O   
14  C CB  . ARG A 16 ? 0.74611 0.81135 0.35245 0.05833  0.06089  0.02909  14 ARG A CB  
15  C CG  . ARG A 16 ? 0.84432 0.89951 0.36967 0.05200  0.06457  0.05876  14 ARG A CG  
16  C CD  . ARG A 16 ? 0.87827 0.92041 0.41492 0.01684  0.08693  0.03237  14 ARG A CD  
17  N NE  . ARG A 16 ? 0.89847 0.91393 0.42880 -0.00827 0.09794  0.04872  14 ARG A NE  
18  C CZ  . ARG A 16 ? 0.92445 0.92464 0.43291 -0.02256 0.09477  0.04963  14 ARG A CZ  
19  N NH1 . ARG A 16 ? 0.94980 0.97348 0.48692 -0.04172 0.09921  0.06043  14 ARG A NH1 
20  N NH2 . ARG A 16 ? 1.01062 1.00524 0.48273 -0.01166 0.08537  0.03982  14 ARG A NH2 
21  N N   . PHE A 17 ? 0.80244 0.91304 0.47692 0.10450  -0.02867 0.03429  15 PHE A N   
22  C CA  . PHE A 17 ? 0.88570 1.02075 0.54146 0.11849  -0.07570 0.04738  15 PHE A CA  
23  C C   . PHE A 17 ? 0.93464 1.09520 0.50486 0.10344  -0.07208 0.03923  15 PHE A C   
24  O O   . PHE A 17 ? 0.91590 1.07402 0.45258 0.08524  -0.03477 0.02447  15 PHE A O   
25  C CB  . PHE A 17 ? 0.79316 0.95680 0.54024 0.13419  -0.09929 0.01588  15 PHE A CB  
26  C CG  . PHE A 17 ? 0.80125 0.94280 0.64285 0.15051  -0.10915 0.02375  15 PHE A CG  
27  C CD1 . PHE A 17 ? 0.82885 0.96916 0.70819 0.17254  -0.16150 0.05277  15 PHE A CD1 
28  C CD2 . PHE A 17 ? 0.72545 0.84697 0.62198 0.14117  -0.06726 0.00174  15 PHE A CD2 
29  C CE1 . PHE A 17 ? 0.83510 0.95544 0.81776 0.18837  -0.17078 0.05742  15 PHE A CE1 
30  C CE2 . PHE A 17 ? 0.73282 0.83581 0.72447 0.15390  -0.07149 0.00297  15 PHE A CE2 
31  C CZ  . PHE A 17 ? 0.78538 0.88813 0.82669 0.17925  -0.12276 0.02987  15 PHE A CZ  
32  N N   . GLU A 18 ? 1.02366 1.20896 0.56288 0.10952  -0.11233 0.04781  16 GLU A N   
33  C CA  . GLU A 18 ? 1.09947 1.31041 0.55692 0.09239  -0.10855 0.03779  16 GLU A CA  
34  C C   . GLU A 18 ? 1.09342 1.33990 0.58218 0.08586  -0.08622 -0.01574 16 GLU A C   
35  O O   . GLU A 18 ? 1.07804 1.34691 0.63504 0.09769  -0.10048 -0.04303 16 GLU A O   
36  C CB  . GLU A 18 ? 1.19250 1.42027 0.60654 0.09628  -0.16058 0.06063  16 GLU A CB  
37  C CG  . GLU A 18 ? 1.30992 1.50354 0.72884 0.10923  -0.20016 0.11368  16 GLU A CG  
38  C CD  . GLU A 18 ? 1.37544 1.52577 0.72538 0.09498  -0.17913 0.15384  16 GLU A CD  
39  O OE1 . GLU A 18 ? 1.44851 1.56895 0.72564 0.06646  -0.18294 0.16839  16 GLU A OE1 
40  O OE2 . GLU A 18 ? 1.28456 1.40431 0.67824 0.10058  -0.15087 0.15917  16 GLU A OE2 
41  N N   . GLY A 19 ? 1.08171 1.29748 0.56751 0.05654  -0.04732 -0.02834 17 GLY A N   
42  C CA  . GLY A 19 ? 1.01642 1.24214 0.54914 0.04554  -0.02953 -0.06674 17 GLY A CA  
43  C C   . GLY A 19 ? 0.94957 1.14046 0.51977 0.03085  0.00720  -0.07648 17 GLY A C   
44  O O   . GLY A 19 ? 0.95436 1.12993 0.54362 0.01809  0.02144  -0.08885 17 GLY A O   
45  N N   . VAL A 20 ? 0.86071 1.03836 0.44224 0.03462  0.01906  -0.06823 18 VAL A N   
46  C CA  . VAL A 20 ? 0.76102 0.90059 0.37769 0.01960  0.04680  -0.07417 18 VAL A CA  
47  C C   . VAL A 20 ? 0.71612 0.80682 0.30426 0.01011  0.06364  -0.05116 18 VAL A C   
48  O O   . VAL A 20 ? 0.75412 0.83617 0.29922 0.01185  0.06074  -0.02777 18 VAL A O   
49  C CB  . VAL A 20 ? 0.77789 0.92489 0.42302 0.02419  0.05480  -0.08299 18 VAL A CB  
50  C CG1 . VAL A 20 ? 0.77979 0.88053 0.41668 0.01468  0.07767  -0.06173 18 VAL A CG1 
51  C CG2 . VAL A 20 ? 0.74788 0.89915 0.44737 0.01445  0.05880  -0.11177 18 VAL A CG2 
52  N N   . ARG A 21 ? 0.58737 0.65068 0.20265 0.00454  0.07756  -0.05616 19 ARG A N   
53  C CA  . ARG A 21 ? 0.57257 0.60139 0.17554 0.00613  0.09256  -0.04000 19 ARG A CA  
54  C C   . ARG A 21 ? 0.54997 0.56129 0.17435 0.01147  0.10206  -0.02438 19 ARG A C   
55  O O   . ARG A 21 ? 0.57467 0.57636 0.19546 0.01835  0.10879  -0.00581 19 ARG A O   
56  C CB  . ARG A 21 ? 0.53937 0.58726 0.17887 0.00148  0.09497  -0.05317 19 ARG A CB  
57  C CG  . ARG A 21 ? 0.60590 0.67864 0.23566 -0.00277 0.08800  -0.06879 19 ARG A CG  
58  C CD  . ARG A 21 ? 0.56832 0.66436 0.23141 -0.01332 0.09505  -0.08262 19 ARG A CD  
59  N NE  . ARG A 21 ? 0.51202 0.62279 0.22989 -0.02314 0.09031  -0.09492 19 ARG A NE  
60  C CZ  . ARG A 21 ? 0.54816 0.65291 0.29623 -0.03342 0.09547  -0.09264 19 ARG A CZ  
61  N NH1 . ARG A 21 ? 0.56282 0.65274 0.29964 -0.03279 0.10660  -0.08010 19 ARG A NH1 
62  N NH2 . ARG A 21 ? 0.48461 0.59830 0.27369 -0.04696 0.08888  -0.10279 19 ARG A NH2 
63  N N   . GLY A 22 ? 0.30038 0.31309 0.22334 -0.02198 -0.07022 0.03502  20 GLY A N   
64  C CA  . GLY A 22 ? 0.28758 0.31750 0.22802 -0.01602 -0.05924 0.03155  20 GLY A CA  
65  C C   . GLY A 22 ? 0.28471 0.33841 0.25958 -0.00718 -0.06018 0.03404  20 GLY A C   
66  O O   . GLY A 22 ? 0.27984 0.34185 0.26751 -0.00564 -0.06474 0.03649  20 GLY A O   
67  N N   . VAL A 23 ? 0.29587 0.35813 0.28420 -0.00151 -0.05489 0.03354  21 VAL A N   
68  C CA  . VAL A 23 ? 0.22856 0.30874 0.24580 0.00694  -0.05202 0.03535  21 VAL A CA  
69  C C   . VAL A 23 ? 0.22923 0.31621 0.24746 0.01162  -0.03962 0.02950  21 VAL A C   
70  O O   . VAL A 23 ? 0.22403 0.30278 0.23109 0.01011  -0.03783 0.02747  21 VAL A O   
71  C CB  . VAL A 23 ? 0.20049 0.27843 0.23698 0.00985  -0.06251 0.04312  21 VAL A CB  
72  C CG1 . VAL A 23 ? 0.25700 0.35136 0.32354 0.01866  -0.05482 0.04437  21 VAL A CG1 
73  C CG2 . VAL A 23 ? 0.21237 0.28004 0.24899 0.00494  -0.07889 0.04948  21 VAL A CG2 
74  N N   . ILE A 24 ? 0.20708 0.30644 0.23669 0.01692  -0.03193 0.02689  22 ILE A N   
75  C CA  . ILE A 24 ? 0.16706 0.26886 0.19708 0.02220  -0.02273 0.02228  22 ILE A CA  
76  C C   . ILE A 24 ? 0.22664 0.33543 0.27423 0.02958  -0.01774 0.02516  22 ILE A C   
77  O O   . ILE A 24 ? 0.21495 0.33051 0.27215 0.03013  -0.01731 0.02723  22 ILE A O   
78  C CB  . ILE A 24 ? 0.15919 0.26221 0.17911 0.02032  -0.01760 0.01483  22 ILE A CB  
79  C CG1 . ILE A 24 ? 0.17984 0.27555 0.18581 0.01280  -0.01872 0.01150  22 ILE A CG1 
80  C CG2 . ILE A 24 ? 0.22114 0.32181 0.23935 0.02567  -0.01181 0.01060  22 ILE A CG2 
81  C CD1 . ILE A 24 ? 0.20288 0.30057 0.20665 0.01067  -0.01396 0.00407  22 ILE A CD1 
82  N N   . ILE A 25 ? 0.19969 0.30494 0.25068 0.03515  -0.01268 0.02520  23 ILE A N   
83  C CA  . ILE A 25 ? 0.16423 0.27153 0.22774 0.04235  -0.00327 0.02660  23 ILE A CA  
84  C C   . ILE A 25 ? 0.16881 0.26701 0.21498 0.04604  0.00453  0.02054  23 ILE A C   
85  O O   . ILE A 25 ? 0.22467 0.31576 0.26067 0.04597  0.00251  0.01792  23 ILE A O   
86  C CB  . ILE A 25 ? 0.20510 0.31255 0.29006 0.04644  -0.00342 0.03232  23 ILE A CB  
87  C CG1 . ILE A 25 ? 0.28724 0.39930 0.38876 0.04204  -0.01608 0.03871  23 ILE A CG1 
88  C CG2 . ILE A 25 ? 0.20618 0.31426 0.30556 0.05365  0.01048  0.03340  23 ILE A CG2 
89  C CD1 . ILE A 25 ? 0.46928 0.57269 0.55783 0.03647  -0.02823 0.03944  23 ILE A CD1 
90  N N   . THR A 26 ? 0.19339 0.28925 0.23476 0.04890  0.01212  0.01856  24 THR A N   
91  C CA  . THR A 26 ? 0.18239 0.26391 0.20290 0.05198  0.01688  0.01294  24 THR A CA  
92  C C   . THR A 26 ? 0.24528 0.31722 0.26420 0.05831  0.03014  0.01425  24 THR A C   
93  O O   . THR A 26 ? 0.26100 0.34076 0.29834 0.05961  0.03647  0.01897  24 THR A O   
94  C CB  . THR A 26 ? 0.25436 0.33449 0.26174 0.04786  0.01153  0.00783  24 THR A CB  
95  O OG1 . THR A 26 ? 0.28148 0.36229 0.28882 0.04866  0.01623  0.00881  24 THR A OG1 
96  C CG2 . THR A 26 ? 0.29955 0.39099 0.31336 0.04098  0.00271  0.00738  24 THR A CG2 
97  N N   . THR A 27 ? 0.22733 0.27976 0.22361 0.06202  0.03461  0.01014  25 THR A N   
98  C CA  . THR A 27 ? 0.24435 0.28016 0.22849 0.06692  0.04881  0.01004  25 THR A CA  
99  C C   . THR A 27 ? 0.23675 0.26861 0.20803 0.06406  0.04779  0.00830  25 THR A C   
100 O O   . THR A 27 ? 0.30763 0.34712 0.27724 0.05900  0.03538  0.00572  25 THR A O   
101 C CB  . THR A 27 ? 0.32166 0.33149 0.27885 0.07148  0.05253  0.00597  25 THR A CB  
102 O OG1 . THR A 27 ? 0.31161 0.30899 0.24511 0.06851  0.04019  0.00063  25 THR A OG1 
103 C CG2 . THR A 27 ? 0.33155 0.34601 0.30094 0.07372  0.05065  0.00727  25 THR A CG2 
104 N N   . THR A 28 ? 0.33360 0.35200 0.29610 0.06715  0.06213  0.00948  26 THR A N   
105 C CA  . THR A 28 ? 0.35388 0.36457 0.30055 0.06437  0.06140  0.00795  26 THR A CA  
106 C C   . THR A 28 ? 0.39182 0.37906 0.30413 0.06291  0.05032  0.00158  26 THR A C   
107 O O   . THR A 28 ? 0.38844 0.36931 0.28825 0.05972  0.04458  -0.00029 26 THR A O   
108 C CB  . THR A 28 ? 0.46270 0.46020 0.40509 0.06762  0.08144  0.01087  26 THR A CB  
109 O OG1 . THR A 28 ? 0.51230 0.48675 0.43885 0.07339  0.09553  0.00993  26 THR A OG1 
110 C CG2 . THR A 28 ? 0.50124 0.52544 0.48522 0.06719  0.08783  0.01746  26 THR A CG2 
111 N N   . GLU A 29 ? 0.39974 0.37333 0.29833 0.06511  0.04555  -0.00152 27 GLU A N   
112 C CA  . GLU A 29 ? 0.45314 0.40693 0.32722 0.06320  0.03039  -0.00728 27 GLU A CA  
113 C C   . GLU A 29 ? 0.42191 0.39802 0.31747 0.05821  0.01422  -0.00947 27 GLU A C   
114 O O   . GLU A 29 ? 0.42315 0.38703 0.30802 0.05602  0.00044  -0.01430 27 GLU A O   
115 C CB  . GLU A 29 ? 0.56300 0.48871 0.41209 0.06774  0.03180  -0.00967 27 GLU A CB  
116 C CG  . GLU A 29 ? 0.75980 0.65050 0.57451 0.07208  0.04708  -0.00957 27 GLU A CG  
117 C CD  . GLU A 29 ? 0.91929 0.77517 0.70134 0.07586  0.04467  -0.01297 27 GLU A CD  
118 O OE1 . GLU A 29 ? 0.88385 0.74942 0.67853 0.07623  0.03470  -0.01412 27 GLU A OE1 
119 O OE2 . GLU A 29 ? 1.01716 0.83347 0.75857 0.07827  0.05272  -0.01440 27 GLU A OE2 
120 N N   . GLY A 30 ? 0.30476 0.31046 0.23017 0.05620  0.01561  -0.00606 28 GLY A N   
121 C CA  . GLY A 30 ? 0.33916 0.36292 0.28202 0.05099  0.00420  -0.00817 28 GLY A CA  
122 C C   . GLY A 30 ? 0.31714 0.34392 0.26674 0.05107  0.00093  -0.00863 28 GLY A C   
123 O O   . GLY A 30 ? 0.28078 0.31845 0.24238 0.04639  -0.00663 -0.01082 28 GLY A O   
124 N N   . LEU A 31 ? 0.27668 0.29305 0.21907 0.05612  0.00748  -0.00682 29 LEU A N   
125 C CA  . LEU A 31 ? 0.23204 0.25066 0.18030 0.05618  0.00413  -0.00693 29 LEU A CA  
126 C C   . LEU A 31 ? 0.21055 0.25053 0.18112 0.05446  0.00725  -0.00179 29 LEU A C   
127 O O   . LEU A 31 ? 0.23861 0.28223 0.21686 0.05790  0.01584  0.00268  29 LEU A O   
128 C CB  . LEU A 31 ? 0.29288 0.28894 0.22278 0.06241  0.00876  -0.00751 29 LEU A CB  
129 C CG  . LEU A 31 ? 0.39549 0.36186 0.29655 0.06423  0.00302  -0.01232 29 LEU A CG  
130 C CD1 . LEU A 31 ? 0.49105 0.43240 0.37065 0.07050  0.00887  -0.01260 29 LEU A CD1 
131 C CD2 . LEU A 31 ? 0.38708 0.35345 0.29277 0.05947  -0.01291 -0.01676 29 LEU A CD2 
132 N N   . PRO A 32 ? 0.26839 0.32003 0.24948 0.04899  0.00054  -0.00207 30 PRO A N   
133 C CA  . PRO A 32 ? 0.20290 0.26842 0.19908 0.04662  0.00090  0.00305  30 PRO A CA  
134 C C   . PRO A 32 ? 0.27848 0.33926 0.27717 0.05074  0.00314  0.00607  30 PRO A C   
135 O O   . PRO A 32 ? 0.27377 0.32331 0.26302 0.05270  0.00166  0.00346  30 PRO A O   
136 C CB  . PRO A 32 ? 0.21957 0.29073 0.21811 0.03917  -0.00538 0.00073  30 PRO A CB  
137 C CG  . PRO A 32 ? 0.29403 0.35476 0.28472 0.03918  -0.00854 -0.00524 30 PRO A CG  
138 C CD  . PRO A 32 ? 0.26787 0.31802 0.24791 0.04416  -0.00735 -0.00727 30 PRO A CD  
139 N N   . ILE A 33 ? 0.22078 0.28951 0.23481 0.05212  0.00558  0.01173  31 ILE A N   
140 C CA  . ILE A 33 ? 0.20999 0.27565 0.23196 0.05580  0.00647  0.01499  31 ILE A CA  
141 C C   . ILE A 33 ? 0.26262 0.33439 0.29369 0.05032  -0.00299 0.01896  31 ILE A C   
142 O O   . ILE A 33 ? 0.30419 0.37074 0.33706 0.05161  -0.00583 0.02047  31 ILE A O   
143 C CB  . ILE A 33 ? 0.29796 0.36360 0.33425 0.06246  0.01666  0.01840  31 ILE A CB  
144 C CG1 . ILE A 33 ? 0.35462 0.43451 0.41337 0.06003  0.01473  0.02370  31 ILE A CG1 
145 C CG2 . ILE A 33 ? 0.36879 0.42177 0.38845 0.06723  0.02748  0.01455  31 ILE A CG2 
146 C CD1 . ILE A 33 ? 0.36008 0.44221 0.44351 0.06608  0.02440  0.02806  31 ILE A CD1 
147 N N   . SER A 34 ? 0.21848 0.29775 0.25217 0.04417  -0.00843 0.02068  32 SER A N   
148 C CA  A SER A 34 ? 0.22870 0.30710 0.26320 0.03799  -0.01810 0.02442  32 SER A CA  
149 C CA  B SER A 34 ? 0.22984 0.30818 0.26448 0.03807  -0.01816 0.02447  32 SER A CA  
150 C CA  C SER A 34 ? 0.22944 0.30778 0.26408 0.03807  -0.01816 0.02447  32 SER A CA  
151 C C   . SER A 34 ? 0.23086 0.31171 0.25663 0.03060  -0.02138 0.02325  32 SER A C   
152 O O   . SER A 34 ? 0.22925 0.31730 0.25826 0.03115  -0.01810 0.02193  32 SER A O   
153 C CB  A SER A 34 ? 0.21915 0.29985 0.27470 0.04033  -0.02314 0.03137  32 SER A CB  
154 C CB  B SER A 34 ? 0.21509 0.29613 0.27109 0.04039  -0.02306 0.03143  32 SER A CB  
155 C CB  C SER A 34 ? 0.21637 0.29733 0.27230 0.04030  -0.02320 0.03148  32 SER A CB  
156 O OG  A SER A 34 ? 0.19302 0.28261 0.26598 0.04436  -0.01768 0.03332  32 SER A OG  
157 O OG  B SER A 34 ? 0.22550 0.29852 0.27778 0.03521  -0.03472 0.03510  32 SER A OG  
158 O OG  C SER A 34 ? 0.22113 0.29871 0.28696 0.04686  -0.01961 0.03230  32 SER A OG  
159 N N   . THR A 35 ? 0.21448 0.28735 0.22748 0.02344  -0.02689 0.02345  33 THR A N   
160 C CA  . THR A 35 ? 0.21652 0.28804 0.21793 0.01622  -0.02744 0.02145  33 THR A CA  
161 C C   . THR A 35 ? 0.22097 0.27757 0.20616 0.00828  -0.03415 0.02425  33 THR A C   
162 O O   . THR A 35 ? 0.27565 0.32306 0.25579 0.00762  -0.03712 0.02599  33 THR A O   
163 C CB  . THR A 35 ? 0.22841 0.30170 0.22389 0.01507  -0.01956 0.01388  33 THR A CB  
164 O OG1 . THR A 35 ? 0.21502 0.28700 0.20228 0.00836  -0.01833 0.01147  33 THR A OG1 
165 C CG2 . THR A 35 ? 0.27407 0.33912 0.26280 0.01381  -0.01760 0.01125  33 THR A CG2 
166 N N   . THR A 36 ? 0.21757 0.26898 0.19165 0.00193  -0.03655 0.02460  34 THR A N   
167 C CA  . THR A 36 ? 0.24059 0.27155 0.18966 -0.00716 -0.03996 0.02576  34 THR A CA  
168 C C   . THR A 36 ? 0.35147 0.37783 0.28650 -0.01297 -0.02797 0.01883  34 THR A C   
169 O O   . THR A 36 ? 0.35148 0.35780 0.26203 -0.02126 -0.02661 0.01880  34 THR A O   
170 C CB  . THR A 36 ? 0.33862 0.35989 0.28089 -0.01087 -0.05223 0.03156  34 THR A CB  
171 O OG1 . THR A 36 ? 0.30173 0.33148 0.24590 -0.01149 -0.04810 0.02864  34 THR A OG1 
172 C CG2 . THR A 36 ? 0.34586 0.37426 0.31218 -0.00469 -0.06381 0.03847  34 THR A CG2 
173 N N   . ILE A 37 ? 0.30370 0.34575 0.25345 -0.00896 -0.01924 0.01282  35 ILE A N   
174 C CA  . ILE A 37 ? 0.32720 0.36780 0.27320 -0.01361 -0.00816 0.00581  35 ILE A CA  
175 C C   . ILE A 37 ? 0.31545 0.35865 0.27099 -0.01176 -0.00179 0.00143  35 ILE A C   
176 O O   . ILE A 37 ? 0.32595 0.37373 0.28972 -0.00589 -0.00602 0.00328  35 ILE A O   
177 C CB  . ILE A 37 ? 0.43359 0.48783 0.39128 -0.01137 -0.00625 0.00224  35 ILE A CB  
178 C CG1 . ILE A 37 ? 0.54011 0.60070 0.50229 -0.00758 -0.01621 0.00837  35 ILE A CG1 
179 C CG2 . ILE A 37 ? 0.64009 0.68562 0.58689 -0.01881 0.00222  -0.00256 35 ILE A CG2 
180 C CD1 . ILE A 37 ? 0.41257 0.47263 0.36920 -0.01112 -0.01752 0.00806  35 ILE A CD1 
181 N N   . ASP A 38 ? 0.32809 0.36733 0.28417 -0.01695 0.00868  -0.00470 36 ASP A N   
182 C CA  . ASP A 38 ? 0.34299 0.38306 0.31125 -0.01612 0.01364  -0.00870 36 ASP A CA  
183 C C   . ASP A 38 ? 0.25996 0.31442 0.24832 -0.00762 0.00835  -0.01110 36 ASP A C   
184 O O   . ASP A 38 ? 0.23895 0.30302 0.23293 -0.00372 0.00490  -0.01141 36 ASP A O   
185 C CB  . ASP A 38 ? 0.44386 0.47785 0.41609 -0.02336 0.02711  -0.01498 36 ASP A CB  
186 C CG  . ASP A 38 ? 0.57770 0.62342 0.56868 -0.02201 0.03021  -0.02096 36 ASP A CG  
187 O OD1 . ASP A 38 ? 0.66406 0.70897 0.64587 -0.02429 0.03156  -0.02093 36 ASP A OD1 
188 O OD2 . ASP A 38 ? 0.51162 0.56553 0.52605 -0.01867 0.02947  -0.02566 36 ASP A OD2 
189 N N   . ARG A 39 ? 0.23219 0.28508 0.22883 -0.00513 0.00758  -0.01262 37 ARG A N   
190 C CA  . ARG A 39 ? 0.23604 0.29469 0.24257 0.00312  0.00056  -0.01369 37 ARG A CA  
191 C C   . ARG A 39 ? 0.22797 0.29286 0.24807 0.00458  -0.00026 -0.01921 37 ARG A C   
192 O O   . ARG A 39 ? 0.23208 0.30140 0.25092 0.00995  -0.00525 -0.01851 37 ARG A O   
193 C CB  . ARG A 39 ? 0.26005 0.31178 0.27067 0.00453  -0.00127 -0.01462 37 ARG A CB  
194 C CG  . ARG A 39 ? 0.31539 0.36649 0.33243 0.01201  -0.00872 -0.01695 37 ARG A CG  
195 C CD  . ARG A 39 ? 0.44708 0.49037 0.47405 0.01144  -0.01120 -0.01991 37 ARG A CD  
196 N NE  . ARG A 39 ? 0.37509 0.41968 0.41963 0.00429  -0.00493 -0.02450 37 ARG A NE  
197 C CZ  . ARG A 39 ? 0.44103 0.48854 0.50423 0.00374  -0.00675 -0.02993 37 ARG A CZ  
198 N NH1 . ARG A 39 ? 0.36771 0.41510 0.42949 0.00954  -0.01606 -0.03129 37 ARG A NH1 
199 N NH2 . ARG A 39 ? 0.48657 0.53547 0.57046 -0.00286 0.00125  -0.03420 37 ARG A NH2 
200 N N   . GLU A 40 ? 0.23078 0.29511 0.26551 -0.00040 0.00476  -0.02486 38 GLU A N   
201 C CA  . GLU A 40 ? 0.26326 0.33220 0.31534 0.00100  0.00144  -0.03048 38 GLU A CA  
202 C C   . GLU A 40 ? 0.24897 0.32528 0.29575 0.00117  0.00164  -0.03000 38 GLU A C   
203 O O   . GLU A 40 ? 0.21291 0.29178 0.26191 0.00569  -0.00554 -0.03116 38 GLU A O   
204 C CB  . GLU A 40 ? 0.27317 0.34084 0.34838 -0.00491 0.00836  -0.03664 38 GLU A CB  
205 C CG  . GLU A 40 ? 0.18653 0.25700 0.28587 -0.00316 0.00145  -0.04272 38 GLU A CG  
206 C CD  . GLU A 40 ? 0.30514 0.37708 0.43327 -0.00952 0.01121  -0.04908 38 GLU A CD  
207 O OE1 . GLU A 40 ? 0.29201 0.36930 0.42709 -0.01201 0.01637  -0.05227 38 GLU A OE1 
208 O OE2 . GLU A 40 ? 0.30789 0.37534 0.45317 -0.01210 0.01468  -0.05081 38 GLU A OE2 
209 N N   . LYS A 41 ? 0.19158 0.26820 0.22832 -0.00408 0.00928  -0.02813 39 LYS A N   
210 C CA  . LYS A 41 ? 0.20176 0.28427 0.23287 -0.00425 0.00855  -0.02714 39 LYS A CA  
211 C C   . LYS A 41 ? 0.18761 0.27415 0.20914 0.00216  0.00057  -0.02135 39 LYS A C   
212 O O   . LYS A 41 ? 0.21500 0.30738 0.23862 0.00481  -0.00303 -0.02163 39 LYS A O   
213 C CB  . LYS A 41 ? 0.21647 0.29283 0.23329 -0.01133 0.01670  -0.02556 39 LYS A CB  
214 C CG  . LYS A 41 ? 0.31190 0.39219 0.32130 -0.01184 0.01452  -0.02402 39 LYS A CG  
215 C CD  . LYS A 41 ? 0.42936 0.49683 0.41870 -0.01934 0.02127  -0.02256 39 LYS A CD  
216 C CE  . LYS A 41 ? 0.38073 0.44052 0.37596 -0.02578 0.03558  -0.02977 39 LYS A CE  
217 N NZ  . LYS A 41 ? 0.41099 0.45259 0.37992 -0.03345 0.04390  -0.02892 39 LYS A NZ  
218 N N   . THR A 42 ? 0.18747 0.27006 0.19977 0.00468  -0.00137 -0.01618 40 THR A N   
219 C CA  . THR A 42 ? 0.16351 0.24927 0.17152 0.01100  -0.00612 -0.01100 40 THR A CA  
220 C C   . THR A 42 ? 0.16751 0.25290 0.17959 0.01710  -0.00942 -0.01375 40 THR A C   
221 O O   . THR A 42 ? 0.20475 0.29362 0.21532 0.02041  -0.01064 -0.01212 40 THR A O   
222 C CB  . THR A 42 ? 0.20295 0.28332 0.20452 0.01263  -0.00732 -0.00589 40 THR A CB  
223 O OG1 . THR A 42 ? 0.18924 0.26531 0.18214 0.00673  -0.00697 -0.00232 40 THR A OG1 
224 C CG2 . THR A 42 ? 0.22358 0.30677 0.22635 0.01995  -0.00968 -0.00131 40 THR A CG2 
225 N N   . GLU A 43 ? 0.17856 0.25688 0.19416 0.01811  -0.01144 -0.01794 41 GLU A N   
226 C CA  . GLU A 43 ? 0.17183 0.24262 0.18475 0.02361  -0.01685 -0.02025 41 GLU A CA  
227 C C   . GLU A 43 ? 0.17502 0.24755 0.19372 0.02246  -0.02050 -0.02447 41 GLU A C   
228 O O   . GLU A 43 ? 0.20443 0.27111 0.21406 0.02650  -0.02374 -0.02417 41 GLU A O   
229 C CB  . GLU A 43 ? 0.20226 0.26196 0.21737 0.02466  -0.02104 -0.02326 41 GLU A CB  
230 C CG  . GLU A 43 ? 0.18102 0.23659 0.18769 0.02727  -0.01888 -0.01894 41 GLU A CG  
231 C CD  . GLU A 43 ? 0.26185 0.30804 0.27291 0.02680  -0.02272 -0.02159 41 GLU A CD  
232 O OE1 . GLU A 43 ? 0.26212 0.30869 0.28839 0.02246  -0.02470 -0.02615 41 GLU A OE1 
233 O OE2 . GLU A 43 ? 0.26278 0.30122 0.26440 0.03091  -0.02368 -0.01903 41 GLU A OE2 
234 N N   . LYS A 44 ? 0.18870 0.26730 0.22180 0.01675  -0.01898 -0.02861 42 LYS A N   
235 C CA  . LYS A 44 ? 0.18143 0.26204 0.22313 0.01559  -0.02318 -0.03294 42 LYS A CA  
236 C C   . LYS A 44 ? 0.20601 0.29499 0.24009 0.01577  -0.02073 -0.02936 42 LYS A C   
237 O O   . LYS A 44 ? 0.18345 0.27051 0.21504 0.01768  -0.02573 -0.03051 42 LYS A O   
238 C CB  . LYS A 44 ? 0.23137 0.31592 0.29470 0.00972  -0.02025 -0.03884 42 LYS A CB  
239 C CG  . LYS A 44 ? 0.29759 0.37397 0.37554 0.00937  -0.02395 -0.04261 42 LYS A CG  
240 C CD  . LYS A 44 ? 0.35213 0.43266 0.45811 0.00351  -0.01880 -0.04877 42 LYS A CD  
241 C CE  . LYS A 44 ? 0.48742 0.57370 0.58908 -0.00209 -0.00327 -0.04730 42 LYS A CE  
242 N NZ  . LYS A 44 ? 0.53729 0.62514 0.66587 -0.00800 0.00606  -0.05382 42 LYS A NZ  
243 N N   . THR A 45 ? 0.22855 0.32446 0.25789 0.01346  -0.01441 -0.02478 43 THR A N   
244 C CA  . THR A 45 ? 0.19052 0.29340 0.21449 0.01392  -0.01391 -0.02037 43 THR A CA  
245 C C   . THR A 45 ? 0.20873 0.30844 0.22442 0.02021  -0.01522 -0.01608 43 THR A C   
246 O O   . THR A 45 ? 0.21334 0.31496 0.22740 0.02160  -0.01650 -0.01512 43 THR A O   
247 C CB  . THR A 45 ? 0.16330 0.26915 0.18254 0.01010  -0.01014 -0.01576 43 THR A CB  
248 O OG1 . THR A 45 ? 0.20387 0.30789 0.22584 0.00372  -0.00581 -0.02021 43 THR A OG1 
249 C CG2 . THR A 45 ? 0.22384 0.33567 0.24079 0.01055  -0.01213 -0.01066 43 THR A CG2 
250 N N   . ALA A 46 ? 0.18383 0.27731 0.19416 0.02394  -0.01376 -0.01365 44 ALA A N   
251 C CA  . ALA A 46 ? 0.17606 0.26353 0.17811 0.03001  -0.01154 -0.01010 44 ALA A CA  
252 C C   . ALA A 46 ? 0.19068 0.26658 0.18354 0.03235  -0.01493 -0.01383 44 ALA A C   
253 O O   . ALA A 46 ? 0.24212 0.31460 0.22788 0.03514  -0.01160 -0.01126 44 ALA A O   
254 C CB  . ALA A 46 ? 0.21453 0.29444 0.21204 0.03357  -0.00938 -0.00835 44 ALA A CB  
255 N N   . ALA A 47 ? 0.18369 0.25128 0.17694 0.03086  -0.02195 -0.01984 45 ALA A N   
256 C CA  . ALA A 47 ? 0.22728 0.27883 0.20959 0.03250  -0.02913 -0.02344 45 ALA A CA  
257 C C   . ALA A 47 ? 0.29805 0.35638 0.28377 0.03007  -0.03080 -0.02401 45 ALA A C   
258 O O   . ALA A 47 ? 0.26320 0.30955 0.23365 0.03226  -0.03157 -0.02316 45 ALA A O   
259 C CB  . ALA A 47 ? 0.22627 0.26768 0.21504 0.03079  -0.03938 -0.02963 45 ALA A CB  
260 N N   . LEU A 48 ? 0.23692 0.31210 0.24018 0.02541  -0.03050 -0.02536 46 LEU A N   
261 C CA  . LEU A 48 ? 0.24737 0.32925 0.25498 0.02296  -0.03280 -0.02619 46 LEU A CA  
262 C C   . LEU A 48 ? 0.25296 0.34168 0.25476 0.02459  -0.02626 -0.01949 46 LEU A C   
263 O O   . LEU A 48 ? 0.22030 0.30570 0.21619 0.02497  -0.02792 -0.01889 46 LEU A O   
264 C CB  . LEU A 48 ? 0.19615 0.29110 0.22235 0.01759  -0.03268 -0.02992 46 LEU A CB  
265 C CG  . LEU A 48 ? 0.22489 0.31477 0.26593 0.01530  -0.03850 -0.03736 46 LEU A CG  
266 C CD1 . LEU A 48 ? 0.28354 0.38518 0.34139 0.00996  -0.03182 -0.04013 46 LEU A CD1 
267 C CD2 . LEU A 48 ? 0.28123 0.36184 0.32454 0.01562  -0.04985 -0.04172 46 LEU A CD2 
268 N N   . VAL A 49 ? 0.20593 0.30324 0.21123 0.02518  -0.01958 -0.01430 47 VAL A N   
269 C CA  . VAL A 49 ? 0.17419 0.27889 0.18142 0.02657  -0.01443 -0.00753 47 VAL A CA  
270 C C   . VAL A 49 ? 0.20251 0.29475 0.19774 0.03149  -0.00919 -0.00513 47 VAL A C   
271 O O   . VAL A 49 ? 0.22215 0.31654 0.21831 0.03199  -0.00577 -0.00170 47 VAL A O   
272 C CB  . VAL A 49 ? 0.17782 0.29083 0.19325 0.02610  -0.01130 -0.00245 47 VAL A CB  
273 C CG1 . VAL A 49 ? 0.25564 0.37413 0.27873 0.02854  -0.00701 0.00494  47 VAL A CG1 
274 C CG2 . VAL A 49 ? 0.17668 0.29710 0.19733 0.02022  -0.01508 -0.00404 47 VAL A CG2 
275 N N   . THR A 50 ? 0.22135 0.29800 0.20375 0.03493  -0.00766 -0.00705 48 THR A N   
276 C CA  . THR A 50 ? 0.22010 0.27805 0.18415 0.03932  -0.00088 -0.00565 48 THR A CA  
277 C C   . THR A 50 ? 0.27246 0.31839 0.22265 0.03773  -0.00591 -0.00847 48 THR A C   
278 O O   . THR A 50 ? 0.23670 0.27476 0.17744 0.03921  0.00191  -0.00527 48 THR A O   
279 C CB  . THR A 50 ? 0.35848 0.39743 0.30658 0.04290  -0.00050 -0.00813 48 THR A CB  
280 O OG1 . THR A 50 ? 0.32180 0.37125 0.28255 0.04458  0.00464  -0.00495 48 THR A OG1 
281 C CG2 . THR A 50 ? 0.38370 0.39622 0.30528 0.04707  0.00771  -0.00734 48 THR A CG2 
282 N N   . SER A 51 ? 0.24258 0.28590 0.19313 0.03449  -0.01868 -0.01439 49 SER A N   
283 C CA  . SER A 51 ? 0.26064 0.29325 0.20141 0.03239  -0.02649 -0.01713 49 SER A CA  
284 C C   . SER A 51 ? 0.19151 0.24362 0.14667 0.02978  -0.02383 -0.01388 49 SER A C   
285 O O   . SER A 51 ? 0.27622 0.31909 0.21999 0.02933  -0.02335 -0.01265 49 SER A O   
286 C CB  . SER A 51 ? 0.29192 0.31959 0.23848 0.02955  -0.04183 -0.02431 49 SER A CB  
287 O OG  . SER A 51 ? 0.32626 0.33564 0.26200 0.03175  -0.04642 -0.02698 49 SER A OG  
288 N N   . LEU A 52 ? 0.16928 0.24494 0.14668 0.02761  -0.02264 -0.01236 50 LEU A N   
289 C CA  . LEU A 52 ? 0.23294 0.32515 0.22322 0.02502  -0.02186 -0.00900 50 LEU A CA  
290 C C   . LEU A 52 ? 0.25764 0.34919 0.24597 0.02765  -0.01154 -0.00185 50 LEU A C   
291 O O   . LEU A 52 ? 0.20690 0.29937 0.19514 0.02634  -0.01151 0.00009  50 LEU A O   
292 C CB  . LEU A 52 ? 0.23508 0.34536 0.24276 0.02234  -0.02247 -0.00821 50 LEU A CB  
293 C CG  . LEU A 52 ? 0.25592 0.38073 0.27535 0.01940  -0.02342 -0.00433 50 LEU A CG  
294 C CD1 . LEU A 52 ? 0.28740 0.41442 0.30888 0.01560  -0.03114 -0.00973 50 LEU A CD1 
295 C CD2 . LEU A 52 ? 0.27011 0.40408 0.29831 0.01772  -0.02254 -0.00117 50 LEU A CD2 
296 N N   . VAL A 53 ? 0.20640 0.29634 0.19606 0.03129  -0.00207 0.00204  51 VAL A N   
297 C CA  . VAL A 53 ? 0.23946 0.32869 0.23355 0.03417  0.01044  0.00868  51 VAL A CA  
298 C C   . VAL A 53 ? 0.22938 0.29585 0.19937 0.03533  0.01605  0.00770  51 VAL A C   
299 O O   . VAL A 53 ? 0.27070 0.33767 0.24443 0.03503  0.02348  0.01196  51 VAL A O   
300 C CB  . VAL A 53 ? 0.27630 0.36588 0.27792 0.03824  0.01956  0.01196  51 VAL A CB  
301 C CG1 . VAL A 53 ? 0.33369 0.41909 0.34222 0.04172  0.03533  0.01789  51 VAL A CG1 
302 C CG2 . VAL A 53 ? 0.23322 0.34226 0.25682 0.03628  0.01306  0.01427  51 VAL A CG2 
303 N N   . GLY A 54 ? 0.21598 0.25965 0.15997 0.03628  0.01202  0.00221  52 GLY A N   
304 C CA  . GLY A 54 ? 0.25175 0.26616 0.16479 0.03664  0.01518  0.00102  52 GLY A CA  
305 C C   . GLY A 54 ? 0.26871 0.28488 0.18072 0.03244  0.00706  0.00048  52 GLY A C   
306 O O   . GLY A 54 ? 0.30127 0.30365 0.19948 0.03210  0.01562  0.00340  52 GLY A O   
307 N N   . LYS A 55 ? 0.25773 0.28963 0.18434 0.02903  -0.00822 -0.00353 53 LYS A N   
308 C CA  . LYS A 55 ? 0.27592 0.31159 0.20508 0.02516  -0.01670 -0.00438 53 LYS A CA  
309 C C   . LYS A 55 ? 0.23138 0.28782 0.18119 0.02432  -0.00826 0.00241  53 LYS A C   
310 O O   . LYS A 55 ? 0.26063 0.31298 0.20559 0.02215  -0.00871 0.00417  53 LYS A O   
311 C CB  . LYS A 55 ? 0.23207 0.27988 0.17575 0.02205  -0.03279 -0.01068 53 LYS A CB  
312 C CG  . LYS A 55 ? 0.31985 0.34746 0.25019 0.02227  -0.04409 -0.01753 53 LYS A CG  
313 C CD  . LYS A 55 ? 0.31128 0.30547 0.20995 0.02186  -0.05087 -0.01917 53 LYS A CD  
314 C CE  . LYS A 55 ? 0.35429 0.32598 0.24204 0.02186  -0.06643 -0.02578 53 LYS A CE  
315 N NZ  . LYS A 55 ? 0.42519 0.35691 0.27581 0.02100  -0.07558 -0.02705 53 LYS A NZ  
316 N N   . ALA A 56 ? 0.22223 0.29905 0.19532 0.02576  -0.00202 0.00652  54 ALA A N   
317 C CA  . ALA A 56 ? 0.20550 0.29996 0.20154 0.02504  0.00354  0.01360  54 ALA A CA  
318 C C   . ALA A 56 ? 0.20945 0.29150 0.20035 0.02735  0.02002  0.01911  54 ALA A C   
319 O O   . ALA A 56 ? 0.25560 0.34258 0.25592 0.02549  0.02297  0.02338  54 ALA A O   
320 C CB  . ALA A 56 ? 0.17928 0.29330 0.19962 0.02577  0.00326  0.01680  54 ALA A CB  
321 N N   . ARG A 57 ? 0.22299 0.28768 0.19924 0.03125  0.03218  0.01890  55 ARG A N   
322 C CA  A ARG A 57 ? 0.25743 0.30568 0.22580 0.03334  0.05192  0.02334  55 ARG A CA  
323 C CA  B ARG A 57 ? 0.26648 0.31470 0.23471 0.03339  0.05192  0.02338  55 ARG A CA  
324 C C   . ARG A 57 ? 0.26400 0.28892 0.20248 0.03045  0.05147  0.02170  55 ARG A C   
325 O O   . ARG A 57 ? 0.27215 0.29352 0.21463 0.02950  0.06396  0.02672  55 ARG A O   
326 C CB  A ARG A 57 ? 0.36732 0.39633 0.31965 0.03810  0.06506  0.02216  55 ARG A CB  
327 C CB  B ARG A 57 ? 0.36207 0.39072 0.31381 0.03811  0.06495  0.02211  55 ARG A CB  
328 C CG  A ARG A 57 ? 0.38782 0.43719 0.36869 0.04117  0.06596  0.02413  55 ARG A CG  
329 C CG  B ARG A 57 ? 0.38501 0.43363 0.36546 0.04122  0.06652  0.02417  55 ARG A CG  
330 C CD  A ARG A 57 ? 0.43731 0.46755 0.40694 0.04632  0.08360  0.02436  55 ARG A CD  
331 C CD  B ARG A 57 ? 0.42981 0.45826 0.39752 0.04645  0.08433  0.02428  55 ARG A CD  
332 N NE  A ARG A 57 ? 0.44558 0.47407 0.43264 0.04851  0.10579  0.03042  55 ARG A NE  
333 N NE  B ARG A 57 ? 0.49507 0.48846 0.41547 0.04685  0.08401  0.01848  55 ARG A NE  
334 C CZ  A ARG A 57 ? 0.46977 0.51896 0.49877 0.05097  0.11342  0.03587  55 ARG A CZ  
335 C CZ  B ARG A 57 ? 0.46983 0.45361 0.37245 0.04791  0.07308  0.01318  55 ARG A CZ  
336 N NH1 A ARG A 57 ? 0.51151 0.58182 0.56307 0.05132  0.09949  0.03610  55 ARG A NH1 
337 N NH1 B ARG A 57 ? 0.43082 0.43784 0.35764 0.04857  0.06386  0.01278  55 ARG A NH1 
338 N NH2 A ARG A 57 ? 0.44254 0.48905 0.49161 0.05286  0.13481  0.04107  55 ARG A NH2 
339 N NH2 B ARG A 57 ? 0.48967 0.43759 0.34883 0.04806  0.07050  0.00843  55 ARG A NH2 
340 N N   . SER A 58 ? 0.26854 0.27588 0.17808 0.02870  0.03664  0.01496  56 SER A N   
341 C CA  . SER A 58 ? 0.29923 0.28099 0.17808 0.02537  0.03217  0.01312  56 SER A CA  
342 C C   . SER A 58 ? 0.32288 0.32531 0.22290 0.02130  0.02437  0.01555  56 SER A C   
343 O O   . SER A 58 ? 0.30898 0.29662 0.19490 0.01890  0.02999  0.01809  56 SER A O   
344 C CB  . SER A 58 ? 0.39061 0.35004 0.24085 0.02424  0.01360  0.00528  56 SER A CB  
345 O OG  . SER A 58 ? 0.40126 0.33559 0.22655 0.02779  0.02005  0.00328  56 SER A OG  
346 N N   . THR A 59 ? 0.26083 0.29486 0.19202 0.02033  0.01201  0.01471  57 THR A N   
347 C CA  . THR A 59 ? 0.30127 0.35461 0.25253 0.01677  0.00429  0.01699  57 THR A CA  
348 C C   . THR A 59 ? 0.30625 0.36906 0.27799 0.01716  0.01987  0.02576  57 THR A C   
349 O O   . THR A 59 ? 0.28416 0.34503 0.25592 0.01421  0.02024  0.02875  57 THR A O   
350 C CB  . THR A 59 ? 0.24620 0.32658 0.22272 0.01574  -0.00953 0.01435  57 THR A CB  
351 O OG1 . THR A 59 ? 0.26392 0.33577 0.22701 0.01489  -0.02296 0.00595  57 THR A OG1 
352 C CG2 . THR A 59 ? 0.23228 0.33056 0.22805 0.01233  -0.01726 0.01704  57 THR A CG2 
353 N N   . VAL A 60 ? 0.21257 0.28548 0.20475 0.02069  0.03245  0.03010  58 VAL A N   
354 C CA  . VAL A 60 ? 0.26435 0.34594 0.28321 0.02141  0.04802  0.03858  58 VAL A CA  
355 C C   . VAL A 60 ? 0.29237 0.34599 0.28674 0.02099  0.06621  0.04040  58 VAL A C   
356 O O   . VAL A 60 ? 0.30865 0.36537 0.31759 0.01895  0.07439  0.04613  58 VAL A O   
357 C CB  . VAL A 60 ? 0.27527 0.36964 0.32139 0.02561  0.05723  0.04211  58 VAL A CB  
358 C CG1 . VAL A 60 ? 0.32273 0.42180 0.39956 0.02694  0.07600  0.05050  58 VAL A CG1 
359 C CG2 . VAL A 60 ? 0.20260 0.32181 0.27189 0.02473  0.03905  0.04170  58 VAL A CG2 
360 N N   . LYS A 61 ? 0.35006 0.37285 0.30459 0.02259  0.07287  0.03570  59 LYS A N   
361 C CA  . LYS A 61 ? 0.34606 0.33428 0.26856 0.02189  0.09200  0.03724  59 LYS A CA  
362 C C   . LYS A 61 ? 0.36026 0.33564 0.26120 0.01647  0.08185  0.03653  59 LYS A C   
363 O O   . LYS A 61 ? 0.37538 0.33970 0.27381 0.01422  0.09705  0.04147  59 LYS A O   
364 C CB  . LYS A 61 ? 0.42603 0.37883 0.30464 0.02450  0.09820  0.03205  59 LYS A CB  
365 C CG  . LYS A 61 ? 0.58655 0.49508 0.42167 0.02320  0.11832  0.03305  59 LYS A CG  
366 C CD  . LYS A 61 ? 0.68752 0.55327 0.46771 0.02436  0.11574  0.02682  59 LYS A CD  
367 C CE  . LYS A 61 ? 0.79755 0.61160 0.52386 0.02132  0.13111  0.02735  59 LYS A CE  
368 N NZ  . LYS A 61 ? 0.89298 0.65754 0.55958 0.02222  0.12766  0.02169  59 LYS A NZ  
369 N N   . GLU A 62 ? 0.34534 0.32113 0.23213 0.01419  0.05684  0.03026  60 GLU A N   
370 C CA  . GLU A 62 ? 0.36511 0.32659 0.23091 0.00916  0.04478  0.02889  60 GLU A CA  
371 C C   . GLU A 62 ? 0.31834 0.30836 0.22040 0.00644  0.04337  0.03456  60 GLU A C   
372 O O   . GLU A 62 ? 0.37382 0.34940 0.26278 0.00266  0.04661  0.03737  60 GLU A O   
373 C CB  . GLU A 62 ? 0.43285 0.39069 0.28416 0.00777  0.01771  0.02057  60 GLU A CB  
374 C CG  . GLU A 62 ? 0.49574 0.42168 0.31037 0.00973  0.01476  0.01486  60 GLU A CG  
375 C CD  . GLU A 62 ? 0.60704 0.48204 0.36792 0.00752  0.02134  0.01476  60 GLU A CD  
376 O OE1 . GLU A 62 ? 0.55861 0.42279 0.30920 0.00364  0.02522  0.01815  60 GLU A OE1 
377 O OE2 . GLU A 62 ? 0.66095 0.50377 0.38728 0.00937  0.02207  0.01131  60 GLU A OE2 
378 N N   . LEU A 63 ? 0.28336 0.31070 0.22884 0.00810  0.03758  0.03666  61 LEU A N   
379 C CA  . LEU A 63 ? 0.31306 0.36570 0.29394 0.00583  0.03499  0.04277  61 LEU A CA  
380 C C   . LEU A 63 ? 0.35591 0.40942 0.35857 0.00666  0.05901  0.05153  61 LEU A C   
381 O O   . LEU A 63 ? 0.30218 0.37240 0.33402 0.00431  0.05786  0.05750  61 LEU A O   
382 C CB  . LEU A 63 ? 0.27066 0.35669 0.28585 0.00676  0.01982  0.04221  61 LEU A CB  
383 C CG  . LEU A 63 ? 0.27441 0.36689 0.28180 0.00447  -0.00366 0.03491  61 LEU A CG  
384 C CD1 . LEU A 63 ? 0.20466 0.32371 0.23992 0.00549  -0.01350 0.03459  61 LEU A CD1 
385 C CD2 . LEU A 63 ? 0.29318 0.38454 0.29788 0.00010  -0.01317 0.03567  61 LEU A CD2 
386 N N   . GLU A 64 ? 0.33206 0.36740 0.32344 0.00989  0.08078  0.05236  62 GLU A N   
387 C CA  . GLU A 64 ? 0.33491 0.37120 0.35299 0.01138  0.10714  0.06018  62 GLU A CA  
388 C C   . GLU A 64 ? 0.37874 0.45322 0.45685 0.01305  0.10186  0.06613  62 GLU A C   
389 O O   . GLU A 64 ? 0.41471 0.50130 0.52899 0.01167  0.11004  0.07364  62 GLU A O   
390 C CB  . GLU A 64 ? 0.34500 0.36189 0.34981 0.00699  0.12007  0.06432  62 GLU A CB  
391 C CG  . GLU A 64 ? 0.40657 0.37708 0.34705 0.00499  0.12739  0.05938  62 GLU A CG  
392 C CD  . GLU A 64 ? 0.51387 0.46144 0.43770 -0.00008 0.14153  0.06379  62 GLU A CD  
393 O OE1 . GLU A 64 ? 0.54333 0.50396 0.47752 -0.00416 0.12539  0.06547  62 GLU A OE1 
394 O OE2 . GLU A 64 ? 0.63379 0.54823 0.53248 -0.00009 0.16982  0.06558  62 GLU A OE2 
395 N N   . GLU A 65 ? 0.27411 0.36536 0.36223 0.01563  0.08705  0.06284  63 GLU A N   
396 C CA  . GLU A 65 ? 0.22949 0.35113 0.36668 0.01691  0.07792  0.06785  63 GLU A CA  
397 C C   . GLU A 65 ? 0.29044 0.41529 0.45747 0.02152  0.09662  0.07199  63 GLU A C   
398 O O   . GLU A 65 ? 0.23318 0.37976 0.44046 0.02279  0.08750  0.07607  63 GLU A O   
399 C CB  . GLU A 65 ? 0.24310 0.37747 0.37292 0.01656  0.05311  0.06213  63 GLU A CB  
400 C CG  . GLU A 65 ? 0.26567 0.40642 0.38631 0.01202  0.03239  0.05963  63 GLU A CG  
401 C CD  . GLU A 65 ? 0.28259 0.44395 0.44256 0.00984  0.02253  0.06695  63 GLU A CD  
402 O OE1 . GLU A 65 ? 0.25413 0.43046 0.44190 0.01102  0.01466  0.07002  63 GLU A OE1 
403 O OE2 . GLU A 65 ? 0.26090 0.42110 0.42300 0.00656  0.02151  0.06972  63 GLU A OE2 
404 N N   . GLY A 66 ? 0.30682 0.40811 0.45406 0.02393  0.12165  0.07099  64 GLY A N   
405 C CA  . GLY A 66 ? 0.33102 0.43338 0.50640 0.02886  0.14176  0.07416  64 GLY A CA  
406 C C   . GLY A 66 ? 0.36236 0.45907 0.51587 0.03269  0.13727  0.06792  64 GLY A C   
407 O O   . GLY A 66 ? 0.41386 0.48499 0.51765 0.03309  0.14099  0.06156  64 GLY A O   
408 N N   . GLU A 67 ? 0.29738 0.41586 0.48737 0.03517  0.12769  0.07019  65 GLU A N   
409 C CA  . GLU A 67 ? 0.31200 0.42769 0.48771 0.03880  0.12338  0.06527  65 GLU A CA  
410 C C   . GLU A 67 ? 0.25900 0.39237 0.43463 0.03650  0.09401  0.06280  65 GLU A C   
411 O O   . GLU A 67 ? 0.26386 0.41573 0.46550 0.03344  0.07819  0.06684  65 GLU A O   
412 C CB  . GLU A 67 ? 0.42089 0.54262 0.63669 0.04373  0.13864  0.06949  65 GLU A CB  
413 C CG  . GLU A 67 ? 0.56912 0.66645 0.77393 0.04725  0.17160  0.06910  65 GLU A CG  
414 C CD  . GLU A 67 ? 0.69488 0.79514 0.93989 0.05036  0.17950  0.07148  65 GLU A CD  
415 O OE1 . GLU A 67 ? 0.70362 0.82195 0.99424 0.04845  0.16707  0.07663  65 GLU A OE1 
416 O OE2 . GLU A 67 ? 0.76097 0.84174 0.98799 0.05408  0.19470  0.06770  65 GLU A OE2 
417 N N   . LEU A 68 ? 0.22620 0.35148 0.37152 0.03793  0.08764  0.05620  66 LEU A N   
418 C CA  . LEU A 68 ? 0.18870 0.32783 0.33457 0.03616  0.06467  0.05359  66 LEU A CA  
419 C C   . LEU A 68 ? 0.28217 0.43494 0.46499 0.03862  0.06229  0.05843  66 LEU A C   
420 O O   . LEU A 68 ? 0.28368 0.42939 0.46822 0.04301  0.07444  0.05779  66 LEU A O   
421 C CB  . LEU A 68 ? 0.24679 0.37161 0.35100 0.03651  0.05977  0.04504  66 LEU A CB  
422 C CG  . LEU A 68 ? 0.24664 0.38231 0.35135 0.03535  0.04208  0.04207  66 LEU A CG  
423 C CD1 . LEU A 68 ? 0.22236 0.37144 0.33290 0.03033  0.02391  0.04219  66 LEU A CD1 
424 C CD2 . LEU A 68 ? 0.23549 0.35595 0.30576 0.03646  0.04063  0.03420  66 LEU A CD2 
425 N N   . LYS A 69 ? 0.28251 0.45202 0.49357 0.03574  0.04556  0.06317  67 LYS A N   
426 C CA  . LYS A 69 ? 0.29272 0.47170 0.53628 0.03724  0.03788  0.06778  67 LYS A CA  
427 C C   . LYS A 69 ? 0.23982 0.41698 0.45960 0.03611  0.02336  0.06279  67 LYS A C   
428 O O   . LYS A 69 ? 0.29643 0.47071 0.51966 0.03934  0.02688  0.06227  67 LYS A O   
429 C CB  . LYS A 69 ? 0.25897 0.45132 0.54090 0.03424  0.02376  0.07560  67 LYS A CB  
430 C CG  . LYS A 69 ? 0.28187 0.47361 0.58952 0.03447  0.03809  0.08013  67 LYS A CG  
431 C CD  . LYS A 69 ? 0.45742 0.64079 0.78189 0.03919  0.06089  0.08087  67 LYS A CD  
432 C CE  . LYS A 69 ? 0.51820 0.69599 0.86331 0.03848  0.07698  0.08438  67 LYS A CE  
433 N NZ  . LYS A 69 ? 0.46807 0.63370 0.82613 0.04258  0.10064  0.08431  67 LYS A NZ  
434 N N   . PHE A 70 ? 0.18828 0.36618 0.38474 0.03148  0.00834  0.05903  68 PHE A N   
435 C CA  . PHE A 70 ? 0.14890 0.32302 0.32018 0.02957  -0.00267 0.05350  68 PHE A CA  
436 C C   . PHE A 70 ? 0.18596 0.36009 0.33494 0.02469  -0.01308 0.04883  68 PHE A C   
437 O O   . PHE A 70 ? 0.19901 0.37670 0.35299 0.02299  -0.01406 0.05053  68 PHE A O   
438 C CB  . PHE A 70 ? 0.15555 0.33254 0.34401 0.02845  -0.01589 0.05791  68 PHE A CB  
439 C CG  . PHE A 70 ? 0.22545 0.40791 0.43593 0.02472  -0.03155 0.06447  68 PHE A CG  
440 C CD1 . PHE A 70 ? 0.34028 0.52822 0.59130 0.02663  -0.03048 0.07233  68 PHE A CD1 
441 C CD2 . PHE A 70 ? 0.25361 0.43284 0.44425 0.01917  -0.04720 0.06250  68 PHE A CD2 
442 C CE1 . PHE A 70 ? 0.33793 0.51879 0.59597 0.02183  -0.04515 0.07458  68 PHE A CE1 
443 C CE2 . PHE A 70 ? 0.25213 0.42690 0.45267 0.01538  -0.06149 0.06633  68 PHE A CE2 
444 C CZ  . PHE A 70 ? 0.30493 0.47864 0.53623 0.01651  -0.06074 0.07164  68 PHE A CZ  
445 N N   . LEU A 71 ? 0.24697 0.32153 0.31341 -0.04010 0.06334  0.01223  69 LEU A N   
446 C CA  . LEU A 71 ? 0.25516 0.31277 0.29817 -0.04719 0.06310  0.00889  69 LEU A CA  
447 C C   . LEU A 71 ? 0.26747 0.32193 0.28940 -0.04643 0.04652  0.00724  69 LEU A C   
448 O O   . LEU A 71 ? 0.29494 0.35413 0.31183 -0.03849 0.03735  0.01146  69 LEU A O   
449 C CB  . LEU A 71 ? 0.28455 0.32033 0.30562 -0.04408 0.07723  0.01384  69 LEU A CB  
450 C CG  . LEU A 71 ? 0.35070 0.37487 0.34933 -0.03299 0.07574  0.02157  69 LEU A CG  
451 C CD1 . LEU A 71 ? 0.42526 0.43699 0.39905 -0.03330 0.06866  0.02215  69 LEU A CD1 
452 C CD2 . LEU A 71 ? 0.41710 0.42486 0.40784 -0.02921 0.08992  0.02781  69 LEU A CD2 
453 N N   . THR A 72 ? 0.25906 0.30393 0.26741 -0.05487 0.04298  0.00108  70 THR A N   
454 C CA  A THR A 72 ? 0.29193 0.32901 0.27405 -0.05553 0.03009  -0.00113 70 THR A CA  
455 C CA  B THR A 72 ? 0.29737 0.33431 0.27903 -0.05487 0.03052  -0.00063 70 THR A CA  
456 C C   . THR A 72 ? 0.32222 0.33791 0.27757 -0.05700 0.04016  -0.00231 70 THR A C   
457 O O   . THR A 72 ? 0.30731 0.31541 0.26698 -0.06339 0.04948  -0.00690 70 THR A O   
458 C CB  A THR A 72 ? 0.37648 0.42000 0.36572 -0.06493 0.01383  -0.00890 70 THR A CB  
459 C CB  B THR A 72 ? 0.38475 0.42890 0.37194 -0.06306 0.01262  -0.00755 70 THR A CB  
460 O OG1 A THR A 72 ? 0.45199 0.48396 0.43686 -0.07452 0.01896  -0.01646 70 THR A OG1 
461 O OG1 B THR A 72 ? 0.34669 0.37325 0.29897 -0.06658 0.00708  -0.01179 70 THR A OG1 
462 C CG2 A THR A 72 ? 0.28146 0.34789 0.31045 -0.06548 0.00712  -0.00780 70 THR A CG2 
463 C CG2 B THR A 72 ? 0.29095 0.34207 0.30538 -0.07288 0.01418  -0.01340 70 THR A CG2 
464 N N   . ILE A 73 ? 0.32512 0.33152 0.25566 -0.05129 0.03829  0.00216  71 ILE A N   
465 C CA  . ILE A 73 ? 0.32287 0.30999 0.23094 -0.05160 0.04821  0.00196  71 ILE A CA  
466 C C   . ILE A 73 ? 0.31175 0.29115 0.19519 -0.05638 0.03988  -0.00473 71 ILE A C   
467 O O   . ILE A 73 ? 0.35293 0.33574 0.22323 -0.05378 0.02786  -0.00193 71 ILE A O   
468 C CB  . ILE A 73 ? 0.30845 0.28918 0.20787 -0.04209 0.05343  0.01326  71 ILE A CB  
469 C CG1 . ILE A 73 ? 0.32696 0.31115 0.24459 -0.03735 0.05925  0.01973  71 ILE A CG1 
470 C CG2 . ILE A 73 ? 0.39836 0.36070 0.28234 -0.04238 0.06504  0.01402  71 ILE A CG2 
471 C CD1 . ILE A 73 ? 0.38344 0.35981 0.29245 -0.02794 0.05950  0.03141  71 ILE A CD1 
472 N N   . ASN A 74 ? 0.33804 0.30459 0.21268 -0.06357 0.04563  -0.01380 72 ASN A N   
473 C CA  . ASN A 74 ? 0.40261 0.35511 0.24678 -0.06827 0.03985  -0.02133 72 ASN A CA  
474 C C   . ASN A 74 ? 0.46931 0.40576 0.28973 -0.06308 0.05369  -0.01780 72 ASN A C   
475 O O   . ASN A 74 ? 0.46797 0.39556 0.29497 -0.06164 0.06943  -0.01734 72 ASN A O   
476 C CB  . ASN A 74 ? 0.45841 0.40196 0.30273 -0.07835 0.03855  -0.03368 72 ASN A CB  
477 C CG  . ASN A 74 ? 0.54108 0.49507 0.39535 -0.08548 0.01787  -0.03818 72 ASN A CG  
478 O OD1 . ASN A 74 ? 0.65588 0.59766 0.48486 -0.09110 0.00502  -0.04473 72 ASN A OD1 
479 N ND2 . ASN A 74 ? 0.56045 0.53533 0.45172 -0.08540 0.01450  -0.03422 72 ASN A ND2 
480 N N   . THR A 75 ? 0.44139 0.37371 0.23640 -0.06055 0.04762  -0.01449 73 THR A N   
481 C CA  . THR A 75 ? 0.42717 0.34728 0.20265 -0.05501 0.06085  -0.00855 73 THR A CA  
482 C C   . THR A 75 ? 0.46827 0.36951 0.20372 -0.05943 0.06066  -0.01637 73 THR A C   
483 O O   . THR A 75 ? 0.52888 0.42472 0.25000 -0.06706 0.04775  -0.02615 73 THR A O   
484 C CB  . THR A 75 ? 0.42648 0.35741 0.20691 -0.04699 0.05573  0.00557  73 THR A CB  
485 O OG1 . THR A 75 ? 0.45668 0.39171 0.21931 -0.04876 0.03794  0.00588  73 THR A OG1 
486 C CG2 . THR A 75 ? 0.34532 0.29167 0.15891 -0.04285 0.05312  0.01186  73 THR A CG2 
487 N N   . SER A 76 ? 0.50540 0.39499 0.22241 -0.05474 0.07513  -0.01123 74 SER A N   
488 C CA  . SER A 76 ? 0.53501 0.40383 0.20876 -0.05800 0.07835  -0.01748 74 SER A CA  
489 C C   . SER A 76 ? 0.64367 0.51482 0.29391 -0.06093 0.05714  -0.01492 74 SER A C   
490 O O   . SER A 76 ? 0.69862 0.55112 0.31086 -0.06743 0.05068  -0.02359 74 SER A O   
491 C CB  . SER A 76 ? 0.55534 0.41770 0.22925 -0.05000 0.09847  -0.01019 74 SER A CB  
492 O OG  . SER A 76 ? 0.56409 0.42411 0.26390 -0.04725 0.11538  -0.01156 74 SER A OG  
493 N N   . LYS A 77 ? 0.53331 0.42445 0.20404 -0.05646 0.04516  -0.00331 75 LYS A N   
494 C CA  . LYS A 77 ? 0.59681 0.49129 0.25010 -0.05867 0.02342  0.00052  75 LYS A CA  
495 C C   . LYS A 77 ? 0.60810 0.51405 0.27786 -0.06434 0.00023  -0.00557 75 LYS A C   
496 O O   . LYS A 77 ? 0.62768 0.53253 0.28129 -0.06836 -0.02061 -0.00488 75 LYS A O   
497 C CB  . LYS A 77 ? 0.59704 0.50583 0.26403 -0.05044 0.02095  0.01652  75 LYS A CB  
498 C CG  . LYS A 77 ? 0.59842 0.50441 0.26757 -0.04224 0.03772  0.02443  75 LYS A CG  
499 C CD  . LYS A 77 ? 0.64151 0.56455 0.33195 -0.03367 0.02985  0.03939  75 LYS A CD  
500 C CE  . LYS A 77 ? 0.74404 0.66783 0.43903 -0.02794 0.04322  0.04764  75 LYS A CE  
501 N NZ  . LYS A 77 ? 0.74136 0.68268 0.45966 -0.02056 0.03454  0.06202  75 LYS A NZ  
502 N N   . GLY A 78 ? 0.57138 0.48834 0.27477 -0.06527 0.00306  -0.01057 76 GLY A N   
503 C CA  . GLY A 78 ? 0.51760 0.44742 0.24328 -0.07064 -0.01666 -0.01532 76 GLY A CA  
504 C C   . GLY A 78 ? 0.48714 0.43657 0.25849 -0.06757 -0.01051 -0.01395 76 GLY A C   
505 O O   . GLY A 78 ? 0.47128 0.41574 0.25167 -0.06852 0.00542  -0.01852 76 GLY A O   
506 N N   . GLU A 79 ? 0.40229 0.37275 0.20196 -0.06377 -0.02248 -0.00769 77 GLU A N   
507 C CA  . GLU A 79 ? 0.38532 0.37341 0.22568 -0.06065 -0.01613 -0.00604 77 GLU A CA  
508 C C   . GLU A 79 ? 0.38245 0.38376 0.23779 -0.05012 -0.01611 0.00539  77 GLU A C   
509 O O   . GLU A 79 ? 0.44256 0.44631 0.28713 -0.04673 -0.02919 0.01109  77 GLU A O   
510 C CB  . GLU A 79 ? 0.45616 0.45692 0.32352 -0.06773 -0.03060 -0.01197 77 GLU A CB  
511 C CG  . GLU A 79 ? 0.55109 0.53845 0.40946 -0.07867 -0.03181 -0.02324 77 GLU A CG  
512 C CD  . GLU A 79 ? 0.60399 0.60550 0.49512 -0.08591 -0.04774 -0.02703 77 GLU A CD  
513 O OE1 . GLU A 79 ? 0.61963 0.64015 0.53632 -0.08266 -0.06001 -0.02143 77 GLU A OE1 
514 O OE2 . GLU A 79 ? 0.67649 0.66999 0.57021 -0.09483 -0.04804 -0.03524 77 GLU A OE2 
515 N N   . VAL A 80 ? 0.31881 0.32597 0.19642 -0.04525 -0.00217 0.00866  78 VAL A N   
516 C CA  . VAL A 80 ? 0.28895 0.30552 0.18083 -0.03517 -0.00170 0.01836  78 VAL A CA  
517 C C   . VAL A 80 ? 0.32494 0.35657 0.25139 -0.03492 0.00105  0.01616  78 VAL A C   
518 O O   . VAL A 80 ? 0.33124 0.35938 0.26768 -0.03681 0.01582  0.01415  78 VAL A O   
519 C CB  . VAL A 80 ? 0.28339 0.28733 0.16478 -0.02902 0.01289  0.02610  78 VAL A CB  
520 C CG1 . VAL A 80 ? 0.30731 0.31692 0.20027 -0.01893 0.01103  0.03560  78 VAL A CG1 
521 C CG2 . VAL A 80 ? 0.34428 0.33503 0.19579 -0.02931 0.01286  0.02909  78 VAL A CG2 
522 N N   . HIS A 81 ? 0.27275 0.32031 0.21823 -0.03269 -0.01265 0.01690  79 HIS A N   
523 C CA  . HIS A 81 ? 0.26838 0.33244 0.25038 -0.03166 -0.00891 0.01547  79 HIS A CA  
524 C C   . HIS A 81 ? 0.31442 0.37906 0.30231 -0.02015 0.00080  0.02298  79 HIS A C   
525 O O   . HIS A 81 ? 0.29969 0.36245 0.27655 -0.01213 -0.00726 0.02931  79 HIS A O   
526 C CB  . HIS A 81 ? 0.27922 0.36012 0.28356 -0.03423 -0.02846 0.01322  79 HIS A CB  
527 C CG  . HIS A 81 ? 0.37246 0.47256 0.42018 -0.03310 -0.02357 0.01229  79 HIS A CG  
528 N ND1 . HIS A 81 ? 0.42940 0.53779 0.50181 -0.04282 -0.02323 0.00654  79 HIS A ND1 
529 C CD2 . HIS A 81 ? 0.42457 0.53685 0.49598 -0.02312 -0.01791 0.01681  79 HIS A CD2 
530 C CE1 . HIS A 81 ? 0.36123 0.48789 0.47338 -0.03917 -0.01635 0.00832  79 HIS A CE1 
531 N NE2 . HIS A 81 ? 0.38780 0.51628 0.49862 -0.02684 -0.01201 0.01393  79 HIS A NE2 
532 N N   . VAL A 82 ? 0.28571 0.35038 0.28841 -0.01974 0.01760  0.02254  80 VAL A N   
533 C CA  . VAL A 82 ? 0.25932 0.31854 0.26184 -0.00968 0.02840  0.02893  80 VAL A CA  
534 C C   . VAL A 82 ? 0.27899 0.35227 0.31364 -0.00884 0.03843  0.02666  80 VAL A C   
535 O O   . VAL A 82 ? 0.25950 0.33542 0.30778 -0.01701 0.04851  0.02241  80 VAL A O   
536 C CB  . VAL A 82 ? 0.25015 0.28706 0.22978 -0.00993 0.04162  0.03249  80 VAL A CB  
537 C CG1 . VAL A 82 ? 0.26729 0.29383 0.24268 -0.00037 0.05035  0.03909  80 VAL A CG1 
538 C CG2 . VAL A 82 ? 0.25817 0.28273 0.21111 -0.01028 0.03412  0.03572  80 VAL A CG2 
539 N N   . ALA A 83 ? 0.30951 0.39084 0.35675 0.00133  0.03665  0.02977  81 ALA A N   
540 C CA  . ALA A 83 ? 0.34334 0.43729 0.42137 0.00433  0.04957  0.02856  81 ALA A CA  
541 C C   . ALA A 83 ? 0.38486 0.46684 0.45080 0.01753  0.05864  0.03367  81 ALA A C   
542 O O   . ALA A 83 ? 0.35051 0.42560 0.39969 0.02575  0.04673  0.03769  81 ALA A O   
543 C CB  . ALA A 83 ? 0.27069 0.39107 0.38755 0.00332  0.03720  0.02555  81 ALA A CB  
544 N N   . GLN A 84 ? 0.35509 0.43229 0.42761 0.01919  0.07944  0.03374  82 GLN A N   
545 C CA  . GLN A 84 ? 0.40187 0.46249 0.45824 0.03135  0.09028  0.03772  82 GLN A CA  
546 C C   . GLN A 84 ? 0.43208 0.50953 0.52259 0.03717  0.10423  0.03534  82 GLN A C   
547 O O   . GLN A 84 ? 0.35597 0.44398 0.46985 0.03021  0.11944  0.03303  82 GLN A O   
548 C CB  . GLN A 84 ? 0.52113 0.55221 0.54476 0.02871  0.10441  0.04101  82 GLN A CB  
549 C CG  . GLN A 84 ? 0.63409 0.63985 0.63075 0.04077  0.11176  0.04552  82 GLN A CG  
550 C CD  . GLN A 84 ? 0.78235 0.75825 0.75050 0.03695  0.12723  0.04862  82 GLN A CD  
551 O OE1 . GLN A 84 ? 0.86745 0.84725 0.84720 0.02822  0.14205  0.04636  82 GLN A OE1 
552 N NE2 . GLN A 84 ? 0.78867 0.73300 0.71944 0.04300  0.12201  0.05466  82 GLN A NE2 
553 N N   . GLU A 85 ? 0.40229 0.48267 0.49794 0.05005  0.09925  0.03635  83 GLU A N   
554 C CA  . GLU A 85 ? 0.43198 0.52049 0.55253 0.05942  0.11704  0.03494  83 GLU A CA  
555 C C   . GLU A 85 ? 0.52147 0.57572 0.60081 0.06881  0.13263  0.03777  83 GLU A C   
556 O O   . GLU A 85 ? 0.57880 0.60582 0.61668 0.06588  0.12891  0.04127  83 GLU A O   
557 C CB  . GLU A 85 ? 0.44947 0.56007 0.60236 0.06826  0.10203  0.03382  83 GLU A CB  
558 C CG  . GLU A 85 ? 0.53566 0.63318 0.65997 0.07556  0.07930  0.03694  83 GLU A CG  
559 C CD  . GLU A 85 ? 0.58574 0.68048 0.71607 0.09222  0.08043  0.03714  83 GLU A CD  
560 O OE1 . GLU A 85 ? 0.61032 0.71591 0.75308 0.09700  0.05856  0.03803  83 GLU A OE1 
561 O OE2 . GLU A 85 ? 0.62509 0.70464 0.74587 0.10060  0.10315  0.03639  83 GLU A OE2 
562 N N   . GLU A 86 ? 0.50058 0.55432 0.59100 0.08023  0.15005  0.03636  84 GLU A N   
563 C CA  . GLU A 86 ? 0.57191 0.58854 0.61885 0.08838  0.16654  0.03836  84 GLU A CA  
564 C C   . GLU A 86 ? 0.54803 0.53765 0.55362 0.09686  0.14697  0.04211  84 GLU A C   
565 O O   . GLU A 86 ? 0.65010 0.60308 0.60922 0.09699  0.14948  0.04594  84 GLU A O   
566 C CB  . GLU A 86 ? 0.67540 0.69614 0.74236 0.09970  0.19171  0.03535  84 GLU A CB  
567 C CG  . GLU A 86 ? 0.72909 0.76339 0.82292 0.09125  0.21853  0.03402  84 GLU A CG  
568 C CD  . GLU A 86 ? 0.89802 0.90964 0.97364 0.09635  0.23779  0.03229  84 GLU A CD  
569 O OE1 . GLU A 86 ? 0.96237 0.97112 1.03991 0.08581  0.25103  0.03216  84 GLU A OE1 
570 O OE2 . GLU A 86 ? 0.97038 0.96576 1.02866 0.11100  0.23852  0.03129  84 GLU A OE2 
571 N N   . ASP A 87 ? 0.45303 0.45862 0.47525 0.10326  0.12572  0.04198  85 ASP A N   
572 C CA  . ASP A 87 ? 0.46567 0.44706 0.45306 0.11207  0.10690  0.04625  85 ASP A CA  
573 C C   . ASP A 87 ? 0.44546 0.43018 0.42326 0.10387  0.08070  0.05096  85 ASP A C   
574 O O   . ASP A 87 ? 0.44784 0.40643 0.39023 0.10745  0.06758  0.05674  85 ASP A O   
575 C CB  . ASP A 87 ? 0.42262 0.41338 0.42980 0.12726  0.10148  0.04389  85 ASP A CB  
576 C CG  . ASP A 87 ? 0.55119 0.52578 0.55263 0.13954  0.12779  0.04014  85 ASP A CG  
577 O OD1 . ASP A 87 ? 0.60249 0.54680 0.56750 0.13782  0.14535  0.04121  85 ASP A OD1 
578 O OD2 . ASP A 87 ? 0.52561 0.51616 0.55843 0.15099  0.13116  0.03628  85 ASP A OD2 
579 N N   . TYR A 88 ? 0.28122 0.29517 0.28841 0.09298  0.07286  0.04884  86 TYR A N   
580 C CA  . TYR A 88 ? 0.26579 0.28325 0.26366 0.08640  0.04941  0.05262  86 TYR A CA  
581 C C   . TYR A 88 ? 0.25399 0.28155 0.25806 0.07087  0.05239  0.05076  86 TYR A C   
582 O O   . TYR A 88 ? 0.30988 0.35096 0.33707 0.06475  0.06741  0.04595  86 TYR A O   
583 C CB  . TYR A 88 ? 0.25720 0.29806 0.28074 0.09043  0.02888  0.05193  86 TYR A CB  
584 C CG  . TYR A 88 ? 0.30774 0.34002 0.32904 0.10624  0.02388  0.05319  86 TYR A CG  
585 C CD1 . TYR A 88 ? 0.41654 0.42667 0.40579 0.11240  0.00730  0.05986  86 TYR A CD1 
586 C CD2 . TYR A 88 ? 0.28745 0.33320 0.34034 0.11530  0.03591  0.04807  86 TYR A CD2 
587 C CE1 . TYR A 88 ? 0.34247 0.34245 0.32839 0.12703  0.00146  0.06066  86 TYR A CE1 
588 C CE2 . TYR A 88 ? 0.31902 0.35528 0.36980 0.13072  0.03218  0.04835  86 TYR A CE2 
589 C CZ  . TYR A 88 ? 0.38809 0.40050 0.40380 0.13654  0.01414  0.05434  86 TYR A CZ  
590 O OH  . TYR A 88 ? 0.46040 0.46105 0.47265 0.15200  0.00914  0.05421  86 TYR A OH  
591 N N   . ILE A 89 ? 0.24621 0.26618 0.22981 0.06484  0.03810  0.05491  87 ILE A N   
592 C CA  . ILE A 89 ? 0.24698 0.27587 0.23446 0.05111  0.03729  0.05267  87 ILE A CA  
593 C C   . ILE A 89 ? 0.29436 0.33890 0.28814 0.04814  0.01574  0.05280  87 ILE A C   
594 O O   . ILE A 89 ? 0.28802 0.32462 0.26546 0.05391  0.00101  0.05861  87 ILE A O   
595 C CB  . ILE A 89 ? 0.27712 0.28048 0.23380 0.04620  0.04239  0.05737  87 ILE A CB  
596 C CG1 . ILE A 89 ? 0.34227 0.32564 0.28799 0.04809  0.06177  0.05789  87 ILE A CG1 
597 C CG2 . ILE A 89 ? 0.29543 0.30696 0.25620 0.03310  0.04202  0.05402  87 ILE A CG2 
598 C CD1 . ILE A 89 ? 0.34164 0.29783 0.25963 0.04304  0.06464  0.06344  87 ILE A CD1 
599 N N   . LEU A 90 ? 0.22559 0.29008 0.24153 0.03861  0.01295  0.04694  88 LEU A N   
600 C CA  . LEU A 90 ? 0.24006 0.31651 0.25883 0.03389  -0.00779 0.04636  88 LEU A CA  
601 C C   . LEU A 90 ? 0.25420 0.32253 0.25257 0.02248  -0.00807 0.04518  88 LEU A C   
602 O O   . LEU A 90 ? 0.31006 0.37811 0.31383 0.01469  0.00475  0.04053  88 LEU A O   
603 C CB  . LEU A 90 ? 0.26480 0.36645 0.32255 0.03121  -0.01447 0.04078  88 LEU A CB  
604 C CG  . LEU A 90 ? 0.39061 0.50218 0.45111 0.02562  -0.03910 0.04028  88 LEU A CG  
605 C CD1 . LEU A 90 ? 0.46027 0.56418 0.50155 0.03382  -0.05527 0.04714  88 LEU A CD1 
606 C CD2 . LEU A 90 ? 0.37607 0.51128 0.48095 0.02337  -0.04656 0.03594  88 LEU A CD2 
607 N N   . ILE A 91 ? 0.23315 0.29413 0.20852 0.02180  -0.02174 0.04962  89 ILE A N   
608 C CA  . ILE A 91 ? 0.23308 0.28486 0.18686 0.01253  -0.02104 0.04881  89 ILE A CA  
609 C C   . ILE A 91 ? 0.24352 0.30243 0.19165 0.00748  -0.04032 0.04749  89 ILE A C   
610 O O   . ILE A 91 ? 0.29669 0.35423 0.23497 0.01264  -0.05448 0.05378  89 ILE A O   
611 C CB  . ILE A 91 ? 0.23476 0.26605 0.16209 0.01612  -0.01582 0.05714  89 ILE A CB  
612 C CG1 . ILE A 91 ? 0.27832 0.29807 0.20761 0.02135  -0.00064 0.05961  89 ILE A CG1 
613 C CG2 . ILE A 91 ? 0.30173 0.32417 0.21120 0.00724  -0.01109 0.05561  89 ILE A CG2 
614 C CD1 . ILE A 91 ? 0.29205 0.29044 0.19962 0.02601  -0.00010 0.06981  89 ILE A CD1 
615 N N   . VAL A 92 ? 0.26080 0.32443 0.21287 -0.00313 -0.04215 0.03966  90 VAL A N   
616 C CA  . VAL A 92 ? 0.26914 0.33544 0.21232 -0.00973 -0.06179 0.03750  90 VAL A CA  
617 C C   . VAL A 92 ? 0.37407 0.42525 0.28808 -0.01920 -0.05660 0.03352  90 VAL A C   
618 O O   . VAL A 92 ? 0.32038 0.36968 0.23994 -0.02563 -0.04527 0.02649  90 VAL A O   
619 C CB  . VAL A 92 ? 0.27261 0.35675 0.24914 -0.01389 -0.07346 0.03169  90 VAL A CB  
620 C CG1 . VAL A 92 ? 0.30031 0.38155 0.26244 -0.02254 -0.09619 0.02953  90 VAL A CG1 
621 C CG2 . VAL A 92 ? 0.28930 0.38848 0.29671 -0.00313 -0.07700 0.03550  90 VAL A CG2 
622 N N   . LEU A 93 ? 0.37381 0.41337 0.25662 -0.01997 -0.06419 0.03803  91 LEU A N   
623 C CA  . LEU A 93 ? 0.36777 0.39111 0.21922 -0.02809 -0.05864 0.03408  91 LEU A CA  
624 C C   . LEU A 93 ? 0.36984 0.39125 0.21030 -0.03756 -0.07774 0.02772  91 LEU A C   
625 O O   . LEU A 93 ? 0.41614 0.43946 0.24969 -0.03711 -0.09714 0.03211  91 LEU A O   
626 C CB  . LEU A 93 ? 0.37279 0.38287 0.19573 -0.02402 -0.05359 0.04325  91 LEU A CB  
627 C CG  . LEU A 93 ? 0.44007 0.44502 0.26811 -0.01695 -0.03509 0.04992  91 LEU A CG  
628 C CD1 . LEU A 93 ? 0.44925 0.46310 0.29805 -0.00698 -0.03965 0.05753  91 LEU A CD1 
629 C CD2 . LEU A 93 ? 0.49230 0.48260 0.29290 -0.01663 -0.02799 0.05721  91 LEU A CD2 
630 N N   . LYS A 94 ? 0.43947 0.45488 0.27735 -0.04658 -0.07402 0.01774  92 LYS A N   
631 C CA  . LYS A 94 ? 0.49721 0.50588 0.32191 -0.05696 -0.09378 0.01120  92 LYS A CA  
632 C C   . LYS A 94 ? 0.56849 0.55575 0.36266 -0.06565 -0.08413 0.00192  92 LYS A C   
633 O O   . LYS A 94 ? 0.51238 0.48913 0.29069 -0.06292 -0.06285 0.00216  92 LYS A O   
634 C CB  . LYS A 94 ? 0.54595 0.57360 0.41345 -0.05971 -0.10760 0.00773  92 LYS A CB  
635 C CG  . LYS A 94 ? 0.59053 0.63048 0.49299 -0.05827 -0.08949 0.00431  92 LYS A CG  
636 C CD  . LYS A 94 ? 0.68113 0.73956 0.62691 -0.06248 -0.10267 0.00132  92 LYS A CD  
637 C CE  . LYS A 94 ? 0.72138 0.79529 0.70534 -0.05864 -0.08302 0.00102  92 LYS A CE  
638 N NZ  . LYS A 94 ? 0.74821 0.80895 0.71764 -0.06295 -0.06331 -0.00422 92 LYS A NZ  
639 O OXT . LYS A 94 ? 0.71779 0.69612 0.50259 -0.07557 -0.09821 -0.00589 92 LYS A OXT 
# 
